data_2Y9H
#
_entry.id   2Y9H
#
_cell.length_a   85.860
_cell.length_b   149.810
_cell.length_c   87.260
_cell.angle_alpha   90.00
_cell.angle_beta   94.60
_cell.angle_gamma   90.00
#
_symmetry.space_group_name_H-M   'P 1 21 1'
#
loop_
_entity.id
_entity.type
_entity.pdbx_description
1 polymer CSE3
2 polymer "5'-R(*UP*CP*CP*CP*CP*AP*CP*GP*CP*GP*UP*GP*UP*GP *GP*GP*DGP*AP*UP)-3'"
3 water water
#
loop_
_entity_poly.entity_id
_entity_poly.type
_entity_poly.pdbx_seq_one_letter_code
_entity_poly.pdbx_strand_id
1 'polypeptide(L)'
;GTGAMWLTKLVLNPASRAARRDLANPYEMHRTLSKAVSRALEEGRERLLWRLEPARGLEPPVVLVQTLTEPDWSVLDEGY
AQVFPPKPFHPALKPGQRLRFRLRANPAKRLAATGKRVALKTPAEKVAWLERRLEEGGFRLLEGERGPWVQILQDTFLEV
RRKKDGEEAGKLLQVQAVLFEGRLEVVDPERALATLRRGVGPGKALGLGLLSVAP
;
A,C,E,G,I,K,M,O
2 'polyribonucleotide' UCCCCACGCGUGUGGG(DG)AU B,D,F,H,J,L,N,P
#
loop_
_chem_comp.id
_chem_comp.type
_chem_comp.name
_chem_comp.formula
A RNA linking ADENOSINE-5'-MONOPHOSPHATE 'C10 H14 N5 O7 P'
C RNA linking CYTIDINE-5'-MONOPHOSPHATE 'C9 H14 N3 O8 P'
DG DNA linking 2'-DEOXYGUANOSINE-5'-MONOPHOSPHATE 'C10 H14 N5 O7 P'
G RNA linking GUANOSINE-5'-MONOPHOSPHATE 'C10 H14 N5 O8 P'
U RNA linking URIDINE-5'-MONOPHOSPHATE 'C9 H13 N2 O9 P'
#
# COMPACT_ATOMS: atom_id res chain seq x y z
N GLY A 3 -11.52 31.64 4.60
CA GLY A 3 -11.17 30.26 4.88
C GLY A 3 -10.80 29.53 3.60
N ALA A 4 -10.70 28.19 3.67
CA ALA A 4 -10.41 27.38 2.50
C ALA A 4 -11.43 26.25 2.39
N MET A 5 -11.41 25.54 1.27
CA MET A 5 -12.33 24.41 1.09
C MET A 5 -11.65 23.19 0.50
N TRP A 6 -12.32 22.04 0.56
CA TRP A 6 -11.74 20.79 0.07
C TRP A 6 -12.68 19.96 -0.79
N LEU A 7 -12.13 19.43 -1.87
CA LEU A 7 -12.90 18.57 -2.75
C LEU A 7 -12.19 17.26 -2.83
N THR A 8 -12.95 16.19 -2.75
CA THR A 8 -12.36 14.86 -2.77
C THR A 8 -13.12 14.00 -3.75
N LYS A 9 -12.39 13.28 -4.57
CA LYS A 9 -13.05 12.34 -5.45
C LYS A 9 -12.79 10.91 -4.98
N LEU A 10 -13.88 10.23 -4.65
CA LEU A 10 -13.83 8.82 -4.32
C LEU A 10 -14.35 7.99 -5.47
N VAL A 11 -13.58 7.01 -5.91
CA VAL A 11 -14.11 6.10 -6.88
C VAL A 11 -14.32 4.83 -6.11
N LEU A 12 -15.58 4.46 -5.93
CA LEU A 12 -15.90 3.35 -5.05
C LEU A 12 -15.72 1.99 -5.74
N ASN A 13 -15.20 1.03 -5.00
CA ASN A 13 -14.99 -0.33 -5.49
C ASN A 13 -16.29 -1.15 -5.36
N PRO A 14 -16.92 -1.50 -6.50
CA PRO A 14 -18.19 -2.22 -6.47
C PRO A 14 -17.99 -3.64 -5.98
N ALA A 15 -16.73 -4.03 -5.79
CA ALA A 15 -16.41 -5.32 -5.16
C ALA A 15 -16.42 -5.19 -3.63
N SER A 16 -16.33 -3.97 -3.12
CA SER A 16 -16.29 -3.72 -1.68
C SER A 16 -17.66 -3.77 -1.04
N ARG A 17 -17.88 -4.71 -0.11
CA ARG A 17 -19.18 -4.83 0.54
C ARG A 17 -19.58 -3.55 1.29
N ALA A 18 -18.60 -2.89 1.92
CA ALA A 18 -18.83 -1.58 2.51
C ALA A 18 -19.17 -0.50 1.46
N ALA A 19 -18.46 -0.48 0.34
CA ALA A 19 -18.80 0.43 -0.74
C ALA A 19 -20.26 0.21 -1.14
N ARG A 20 -20.64 -1.05 -1.31
CA ARG A 20 -21.99 -1.37 -1.70
C ARG A 20 -22.99 -1.10 -0.57
N ARG A 21 -22.60 -1.35 0.67
CA ARG A 21 -23.45 -1.03 1.80
C ARG A 21 -23.85 0.45 1.74
N ASP A 22 -22.85 1.32 1.60
CA ASP A 22 -23.08 2.75 1.51
C ASP A 22 -23.75 3.17 0.22
N LEU A 23 -23.45 2.47 -0.87
CA LEU A 23 -24.14 2.71 -2.12
C LEU A 23 -25.64 2.56 -1.90
N ALA A 24 -26.03 1.54 -1.14
CA ALA A 24 -27.44 1.21 -0.98
C ALA A 24 -28.17 2.06 0.07
N ASN A 25 -27.44 2.73 0.95
CA ASN A 25 -28.04 3.42 2.08
C ASN A 25 -27.33 4.74 2.43
N PRO A 26 -28.00 5.88 2.22
CA PRO A 26 -27.39 7.21 2.40
C PRO A 26 -26.89 7.38 3.82
N TYR A 27 -27.63 6.82 4.76
CA TYR A 27 -27.24 6.93 6.16
C TYR A 27 -25.86 6.35 6.38
N GLU A 28 -25.63 5.17 5.83
CA GLU A 28 -24.32 4.55 5.87
C GLU A 28 -23.31 5.49 5.20
N MET A 29 -23.42 5.65 3.88
CA MET A 29 -22.54 6.55 3.17
C MET A 29 -22.21 7.81 3.97
N HIS A 30 -23.23 8.42 4.56
CA HIS A 30 -23.01 9.60 5.38
C HIS A 30 -22.07 9.29 6.53
N ARG A 31 -22.27 8.15 7.18
CA ARG A 31 -21.45 7.81 8.34
C ARG A 31 -20.01 7.51 7.92
N THR A 32 -19.86 6.74 6.85
CA THR A 32 -18.54 6.48 6.31
C THR A 32 -17.87 7.83 6.03
N LEU A 33 -18.43 8.61 5.12
CA LEU A 33 -17.83 9.90 4.80
C LEU A 33 -17.52 10.73 6.05
N SER A 34 -18.50 10.90 6.91
CA SER A 34 -18.34 11.69 8.12
C SER A 34 -17.08 11.33 8.91
N LYS A 35 -16.58 10.12 8.69
CA LYS A 35 -15.42 9.67 9.45
C LYS A 35 -14.11 10.25 8.90
N ALA A 36 -14.20 11.09 7.89
CA ALA A 36 -12.96 11.66 7.35
C ALA A 36 -12.74 13.05 7.93
N VAL A 37 -13.82 13.60 8.49
CA VAL A 37 -13.77 14.92 9.07
C VAL A 37 -14.38 14.98 10.46
N SER A 38 -14.30 13.84 11.17
CA SER A 38 -14.92 13.60 12.47
C SER A 38 -14.83 14.73 13.47
N ARG A 39 -13.60 15.04 13.85
CA ARG A 39 -13.34 16.06 14.85
C ARG A 39 -13.98 17.38 14.49
N ALA A 40 -13.61 17.94 13.33
CA ALA A 40 -14.20 19.19 12.87
C ALA A 40 -15.74 19.12 12.86
N LEU A 41 -16.25 17.97 12.46
CA LEU A 41 -17.68 17.74 12.56
C LEU A 41 -18.17 17.97 14.00
N GLU A 42 -17.60 17.25 14.96
CA GLU A 42 -18.03 17.40 16.35
C GLU A 42 -18.04 18.86 16.75
N GLU A 43 -16.96 19.54 16.44
CA GLU A 43 -16.69 20.90 16.89
C GLU A 43 -17.43 21.99 16.12
N GLY A 44 -18.33 21.60 15.21
CA GLY A 44 -19.13 22.57 14.51
C GLY A 44 -18.35 23.38 13.49
N ARG A 45 -17.24 22.82 13.01
CA ARG A 45 -16.37 23.52 12.09
C ARG A 45 -16.54 23.01 10.65
N GLU A 46 -17.51 22.11 10.46
CA GLU A 46 -17.60 21.33 9.22
C GLU A 46 -19.02 21.25 8.66
N ARG A 47 -19.16 21.46 7.35
CA ARG A 47 -20.41 21.15 6.65
C ARG A 47 -20.14 20.13 5.56
N LEU A 48 -20.29 18.85 5.89
CA LEU A 48 -20.07 17.80 4.92
C LEU A 48 -21.12 17.92 3.81
N LEU A 49 -20.69 17.77 2.57
CA LEU A 49 -21.57 17.82 1.40
C LEU A 49 -21.07 16.82 0.38
N TRP A 50 -21.98 16.12 -0.28
CA TRP A 50 -21.52 15.15 -1.27
C TRP A 50 -22.52 14.87 -2.36
N ARG A 51 -22.02 14.46 -3.52
CA ARG A 51 -22.94 14.01 -4.55
C ARG A 51 -22.44 12.72 -5.14
N LEU A 52 -23.37 11.81 -5.39
CA LEU A 52 -23.03 10.56 -6.06
C LEU A 52 -23.34 10.76 -7.51
N GLU A 53 -22.30 10.77 -8.33
CA GLU A 53 -22.42 11.04 -9.75
C GLU A 53 -23.19 9.98 -10.53
N PRO A 54 -23.97 10.45 -11.50
CA PRO A 54 -24.77 9.59 -12.37
C PRO A 54 -23.82 8.73 -13.21
N ALA A 55 -24.15 7.46 -13.41
CA ALA A 55 -23.18 6.52 -13.98
C ALA A 55 -23.05 6.68 -15.49
N ARG A 56 -21.85 6.49 -16.01
CA ARG A 56 -21.66 6.47 -17.45
C ARG A 56 -21.56 5.03 -17.91
N GLY A 57 -22.22 4.13 -17.21
CA GLY A 57 -22.36 2.76 -17.66
C GLY A 57 -21.52 1.77 -16.90
N LEU A 58 -20.42 1.34 -17.51
CA LEU A 58 -19.54 0.36 -16.88
C LEU A 58 -18.52 1.06 -15.97
N GLU A 59 -18.61 2.38 -15.89
CA GLU A 59 -17.71 3.15 -15.06
C GLU A 59 -18.09 2.96 -13.60
N PRO A 60 -17.08 2.86 -12.72
CA PRO A 60 -17.30 2.70 -11.28
C PRO A 60 -18.08 3.88 -10.73
N PRO A 61 -18.85 3.67 -9.64
CA PRO A 61 -19.59 4.78 -9.06
C PRO A 61 -18.57 5.73 -8.48
N VAL A 62 -18.84 7.02 -8.60
CA VAL A 62 -17.90 8.06 -8.26
C VAL A 62 -18.61 9.01 -7.33
N VAL A 63 -17.98 9.33 -6.21
CA VAL A 63 -18.62 10.18 -5.20
C VAL A 63 -17.81 11.42 -4.94
N LEU A 64 -18.41 12.56 -5.21
CA LEU A 64 -17.75 13.82 -5.01
C LEU A 64 -18.11 14.37 -3.63
N VAL A 65 -17.12 14.91 -2.95
CA VAL A 65 -17.31 15.33 -1.57
C VAL A 65 -16.62 16.64 -1.35
N GLN A 66 -17.34 17.54 -0.70
CA GLN A 66 -16.78 18.81 -0.29
C GLN A 66 -16.78 18.94 1.22
N THR A 67 -15.67 19.46 1.75
CA THR A 67 -15.53 19.75 3.17
C THR A 67 -14.91 21.12 3.37
N LEU A 68 -15.34 21.82 4.41
CA LEU A 68 -14.68 23.04 4.79
C LEU A 68 -13.24 22.79 5.28
N THR A 69 -13.01 21.65 5.93
CA THR A 69 -11.70 21.34 6.53
C THR A 69 -10.96 20.18 5.86
N GLU A 70 -9.67 20.07 6.13
CA GLU A 70 -8.92 18.98 5.51
C GLU A 70 -9.40 17.60 5.96
N PRO A 71 -9.81 16.76 4.99
CA PRO A 71 -10.30 15.42 5.31
C PRO A 71 -9.15 14.42 5.46
N ASP A 72 -9.31 13.36 6.24
CA ASP A 72 -8.33 12.27 6.22
C ASP A 72 -8.95 10.94 5.83
N TRP A 73 -8.68 10.52 4.60
CA TRP A 73 -9.31 9.35 4.00
C TRP A 73 -8.55 8.07 4.34
N SER A 74 -7.55 8.20 5.19
CA SER A 74 -6.89 7.00 5.69
C SER A 74 -7.84 6.28 6.64
N VAL A 75 -8.94 6.93 7.00
CA VAL A 75 -9.96 6.27 7.81
C VAL A 75 -10.74 5.23 7.02
N LEU A 76 -10.70 5.34 5.70
CA LEU A 76 -11.34 4.38 4.83
C LEU A 76 -10.74 2.99 4.92
N ASP A 77 -11.60 1.99 4.87
CA ASP A 77 -11.12 0.62 4.76
C ASP A 77 -10.58 0.47 3.34
N GLU A 78 -9.49 -0.26 3.17
CA GLU A 78 -9.09 -0.62 1.81
C GLU A 78 -9.37 -2.09 1.62
N GLY A 79 -9.90 -2.47 0.45
CA GLY A 79 -10.01 -1.56 -0.68
C GLY A 79 -11.40 -0.98 -0.95
N TYR A 80 -11.71 0.08 -0.21
CA TYR A 80 -12.97 0.77 -0.37
C TYR A 80 -13.00 1.55 -1.67
N ALA A 81 -12.06 2.47 -1.83
CA ALA A 81 -12.09 3.30 -3.00
C ALA A 81 -10.71 3.74 -3.44
N GLN A 82 -10.51 3.81 -4.75
CA GLN A 82 -9.40 4.56 -5.29
C GLN A 82 -9.75 6.00 -5.01
N VAL A 83 -8.89 6.67 -4.28
CA VAL A 83 -9.11 8.05 -3.89
C VAL A 83 -7.87 8.84 -4.19
N PHE A 84 -8.02 9.95 -4.89
CA PHE A 84 -6.85 10.77 -5.13
C PHE A 84 -6.76 11.85 -4.09
N PRO A 85 -5.54 12.29 -3.80
CA PRO A 85 -5.32 13.24 -2.71
C PRO A 85 -6.27 14.42 -2.87
N PRO A 86 -7.07 14.71 -1.81
CA PRO A 86 -7.96 15.87 -1.77
C PRO A 86 -7.33 17.10 -2.40
N LYS A 87 -8.12 18.00 -2.93
CA LYS A 87 -7.62 19.28 -3.45
C LYS A 87 -8.10 20.42 -2.58
N PRO A 88 -7.19 21.32 -2.18
CA PRO A 88 -7.56 22.57 -1.52
C PRO A 88 -8.35 23.40 -2.50
N PHE A 89 -9.44 23.97 -2.01
CA PHE A 89 -10.36 24.67 -2.86
C PHE A 89 -10.39 26.12 -2.42
N HIS A 90 -10.47 27.03 -3.38
CA HIS A 90 -10.39 28.46 -3.11
C HIS A 90 -11.15 29.25 -4.16
N PRO A 91 -12.48 29.19 -4.11
CA PRO A 91 -13.30 29.77 -5.19
C PRO A 91 -12.95 31.23 -5.42
N ALA A 92 -12.46 31.53 -6.62
CA ALA A 92 -12.17 32.90 -7.01
C ALA A 92 -13.41 33.50 -7.68
N LEU A 93 -14.30 34.07 -6.90
CA LEU A 93 -15.54 34.59 -7.45
C LEU A 93 -15.46 36.08 -7.76
N LYS A 94 -15.90 36.47 -8.96
CA LYS A 94 -15.99 37.89 -9.33
C LYS A 94 -17.35 38.19 -9.97
N PRO A 95 -17.88 39.40 -9.75
CA PRO A 95 -19.21 39.75 -10.28
C PRO A 95 -19.24 39.54 -11.78
N GLY A 96 -20.38 39.10 -12.31
CA GLY A 96 -20.53 38.85 -13.73
C GLY A 96 -19.96 37.53 -14.20
N GLN A 97 -19.03 36.98 -13.44
CA GLN A 97 -18.36 35.75 -13.84
C GLN A 97 -19.38 34.64 -14.09
N ARG A 98 -19.27 34.01 -15.24
CA ARG A 98 -20.25 33.01 -15.63
C ARG A 98 -19.71 31.63 -15.29
N LEU A 99 -20.57 30.74 -14.82
CA LEU A 99 -20.11 29.41 -14.41
C LEU A 99 -21.14 28.37 -14.70
N ARG A 100 -20.69 27.17 -15.03
CA ARG A 100 -21.61 26.03 -15.09
C ARG A 100 -21.82 25.46 -13.68
N PHE A 101 -22.94 24.81 -13.45
CA PHE A 101 -23.23 24.30 -12.13
C PHE A 101 -23.95 22.98 -12.21
N ARG A 102 -23.80 22.19 -11.16
CA ARG A 102 -24.53 20.95 -11.03
C ARG A 102 -24.99 20.84 -9.56
N LEU A 103 -26.28 20.57 -9.39
CA LEU A 103 -26.89 20.49 -8.08
C LEU A 103 -27.94 19.40 -8.03
N ARG A 104 -27.73 18.42 -7.16
CA ARG A 104 -28.76 17.46 -6.82
C ARG A 104 -29.41 18.03 -5.57
N ALA A 105 -30.70 18.25 -5.63
CA ALA A 105 -31.40 18.93 -4.54
C ALA A 105 -32.82 18.43 -4.31
N ASN A 106 -33.44 18.96 -3.27
CA ASN A 106 -34.83 18.67 -2.96
C ASN A 106 -35.64 19.97 -2.85
N PRO A 107 -36.07 20.50 -4.00
CA PRO A 107 -36.91 21.69 -4.00
C PRO A 107 -38.09 21.47 -3.06
N ALA A 108 -38.31 22.38 -2.11
CA ALA A 108 -39.36 22.17 -1.14
C ALA A 108 -39.95 23.46 -0.59
N LYS A 109 -41.11 23.30 0.05
CA LYS A 109 -41.73 24.33 0.85
C LYS A 109 -42.41 23.72 2.07
N ARG A 110 -42.70 24.55 3.05
CA ARG A 110 -43.51 24.12 4.19
C ARG A 110 -44.95 24.60 3.97
N LEU A 111 -45.88 23.67 3.90
CA LEU A 111 -47.28 24.04 3.76
C LEU A 111 -47.66 24.82 5.00
N ALA A 112 -48.13 26.05 4.81
CA ALA A 112 -48.59 26.85 5.93
C ALA A 112 -49.89 26.22 6.44
N ALA A 113 -50.57 25.52 5.54
CA ALA A 113 -51.80 24.82 5.87
C ALA A 113 -51.60 23.62 6.82
N THR A 114 -50.67 22.73 6.50
CA THR A 114 -50.45 21.52 7.32
C THR A 114 -49.26 21.67 8.26
N GLY A 115 -48.37 22.59 7.94
CA GLY A 115 -47.14 22.75 8.69
C GLY A 115 -46.06 21.77 8.25
N LYS A 116 -46.38 20.92 7.28
CA LYS A 116 -45.50 19.86 6.83
C LYS A 116 -44.62 20.31 5.64
N ARG A 117 -43.37 19.86 5.61
CA ARG A 117 -42.49 20.17 4.49
C ARG A 117 -42.78 19.23 3.30
N VAL A 118 -43.20 19.79 2.16
CA VAL A 118 -43.51 18.95 0.98
C VAL A 118 -42.68 19.25 -0.26
N ALA A 119 -42.54 18.22 -1.09
CA ALA A 119 -41.82 18.37 -2.35
C ALA A 119 -42.68 19.20 -3.29
N LEU A 120 -42.06 20.11 -4.05
CA LEU A 120 -42.77 20.79 -5.12
C LEU A 120 -42.99 19.78 -6.22
N LYS A 121 -44.03 19.96 -7.01
CA LYS A 121 -44.40 18.95 -8.00
C LYS A 121 -44.02 19.27 -9.45
N THR A 122 -44.12 20.53 -9.87
CA THR A 122 -43.91 20.87 -11.28
C THR A 122 -42.56 21.49 -11.60
N PRO A 123 -41.98 21.10 -12.75
CA PRO A 123 -40.72 21.63 -13.27
C PRO A 123 -40.64 23.11 -13.01
N ALA A 124 -41.71 23.80 -13.34
CA ALA A 124 -41.82 25.20 -13.04
C ALA A 124 -41.48 25.48 -11.57
N GLU A 125 -42.22 24.87 -10.65
CA GLU A 125 -42.05 25.16 -9.24
C GLU A 125 -40.64 24.79 -8.83
N LYS A 126 -40.15 23.70 -9.39
CA LYS A 126 -38.80 23.25 -9.06
C LYS A 126 -37.77 24.23 -9.56
N VAL A 127 -37.99 24.80 -10.75
CA VAL A 127 -37.00 25.72 -11.31
C VAL A 127 -37.09 27.04 -10.58
N ALA A 128 -38.29 27.40 -10.17
CA ALA A 128 -38.52 28.65 -9.46
C ALA A 128 -37.82 28.63 -8.12
N TRP A 129 -37.96 27.49 -7.44
CA TRP A 129 -37.28 27.23 -6.18
C TRP A 129 -35.76 27.43 -6.33
N LEU A 130 -35.15 26.64 -7.21
CA LEU A 130 -33.72 26.77 -7.51
C LEU A 130 -33.29 28.23 -7.78
N GLU A 131 -34.18 28.99 -8.42
CA GLU A 131 -33.91 30.36 -8.78
C GLU A 131 -34.00 31.26 -7.56
N ARG A 132 -34.99 31.01 -6.70
CA ARG A 132 -35.13 31.85 -5.51
C ARG A 132 -33.90 31.61 -4.67
N ARG A 133 -33.52 30.33 -4.60
CA ARG A 133 -32.39 29.91 -3.78
C ARG A 133 -31.08 30.50 -4.30
N LEU A 134 -30.88 30.48 -5.61
CA LEU A 134 -29.64 31.05 -6.16
C LEU A 134 -29.57 32.55 -5.94
N GLU A 135 -30.69 33.24 -6.10
CA GLU A 135 -30.68 34.70 -6.11
C GLU A 135 -30.46 35.19 -4.70
N GLU A 136 -31.10 34.53 -3.74
CA GLU A 136 -30.92 34.89 -2.35
C GLU A 136 -29.50 34.53 -1.92
N GLY A 137 -28.84 33.71 -2.72
CA GLY A 137 -27.51 33.22 -2.40
C GLY A 137 -26.36 33.89 -3.11
N GLY A 138 -26.63 35.01 -3.78
CA GLY A 138 -25.56 35.79 -4.37
C GLY A 138 -25.29 35.46 -5.82
N PHE A 139 -25.99 34.46 -6.33
CA PHE A 139 -25.89 34.07 -7.73
C PHE A 139 -27.08 34.57 -8.52
N ARG A 140 -27.06 34.27 -9.82
CA ARG A 140 -28.19 34.54 -10.68
C ARG A 140 -28.15 33.60 -11.87
N LEU A 141 -29.29 32.98 -12.16
CA LEU A 141 -29.40 32.14 -13.32
C LEU A 141 -29.13 32.93 -14.61
N LEU A 142 -28.37 32.34 -15.53
CA LEU A 142 -28.25 32.89 -16.88
C LEU A 142 -29.48 32.56 -17.70
N GLU A 143 -29.88 33.51 -18.53
CA GLU A 143 -31.07 33.29 -19.33
C GLU A 143 -30.77 33.32 -20.82
N GLY A 144 -31.01 32.17 -21.47
CA GLY A 144 -30.83 32.02 -22.90
C GLY A 144 -31.93 32.78 -23.63
N GLU A 145 -31.94 32.66 -24.95
CA GLU A 145 -32.91 33.39 -25.77
C GLU A 145 -34.34 32.93 -25.48
N ARG A 146 -34.49 31.68 -25.05
CA ARG A 146 -35.79 31.18 -24.65
C ARG A 146 -35.68 30.55 -23.28
N GLY A 147 -36.07 31.30 -22.25
CA GLY A 147 -36.10 30.78 -20.89
C GLY A 147 -34.76 30.75 -20.16
N PRO A 148 -34.77 30.19 -18.94
CA PRO A 148 -33.58 30.10 -18.10
C PRO A 148 -32.60 29.07 -18.64
N TRP A 149 -31.33 29.41 -18.58
CA TRP A 149 -30.29 28.48 -18.98
C TRP A 149 -30.09 27.49 -17.84
N VAL A 150 -30.92 26.45 -17.86
CA VAL A 150 -30.98 25.48 -16.79
C VAL A 150 -31.80 24.28 -17.25
N GLN A 151 -31.41 23.10 -16.83
CA GLN A 151 -32.06 21.87 -17.28
C GLN A 151 -32.24 20.92 -16.10
N ILE A 152 -33.33 20.18 -16.08
CA ILE A 152 -33.48 19.12 -15.10
C ILE A 152 -33.03 17.79 -15.73
N LEU A 153 -31.80 17.38 -15.43
CA LEU A 153 -31.21 16.18 -16.01
C LEU A 153 -31.88 14.93 -15.49
N GLN A 154 -32.32 14.96 -14.24
CA GLN A 154 -33.09 13.84 -13.71
C GLN A 154 -33.95 14.23 -12.53
N ASP A 155 -35.01 13.45 -12.34
CA ASP A 155 -35.96 13.68 -11.26
C ASP A 155 -36.38 12.31 -10.73
N THR A 156 -35.66 11.81 -9.73
CA THR A 156 -35.97 10.52 -9.21
C THR A 156 -36.29 10.55 -7.71
N PHE A 157 -36.64 9.40 -7.16
CA PHE A 157 -36.81 9.26 -5.71
C PHE A 157 -35.61 8.59 -5.08
N LEU A 158 -35.22 9.11 -3.92
CA LEU A 158 -34.12 8.57 -3.16
C LEU A 158 -34.59 7.78 -1.93
N GLU A 159 -34.30 6.49 -1.95
CA GLU A 159 -34.69 5.60 -0.86
C GLU A 159 -33.89 5.99 0.36
N VAL A 160 -34.60 6.32 1.43
CA VAL A 160 -33.98 6.75 2.69
C VAL A 160 -34.07 5.70 3.80
N ARG A 161 -35.28 5.47 4.28
CA ARG A 161 -35.53 4.51 5.35
C ARG A 161 -36.99 4.07 5.45
N ARG A 162 -37.26 3.03 6.24
CA ARG A 162 -38.63 2.52 6.36
C ARG A 162 -39.31 2.90 7.67
N LYS A 163 -40.58 3.28 7.56
CA LYS A 163 -41.35 3.63 8.73
C LYS A 163 -41.49 2.39 9.58
N LYS A 164 -40.91 2.45 10.78
CA LYS A 164 -41.01 1.36 11.75
C LYS A 164 -42.48 1.02 12.02
N ASP A 165 -42.85 -0.21 11.75
CA ASP A 165 -44.20 -0.66 11.93
C ASP A 165 -44.09 -1.90 12.77
N GLY A 166 -45.15 -2.18 13.48
CA GLY A 166 -45.07 -3.27 14.42
C GLY A 166 -44.79 -4.62 13.79
N GLU A 167 -43.51 -5.02 13.82
CA GLU A 167 -43.12 -6.34 13.35
C GLU A 167 -43.37 -6.56 11.86
N GLU A 168 -44.06 -5.62 11.22
CA GLU A 168 -44.28 -5.68 9.78
C GLU A 168 -43.60 -4.50 9.08
N ALA A 169 -43.05 -4.75 7.90
CA ALA A 169 -42.50 -3.67 7.08
C ALA A 169 -43.57 -2.62 6.75
N GLY A 170 -43.27 -1.36 7.06
CA GLY A 170 -44.20 -0.27 6.86
C GLY A 170 -43.95 0.52 5.59
N LYS A 171 -44.37 1.78 5.57
CA LYS A 171 -44.17 2.62 4.39
C LYS A 171 -42.71 3.00 4.18
N LEU A 172 -42.32 3.20 2.93
CA LEU A 172 -40.97 3.64 2.67
C LEU A 172 -40.89 5.16 2.77
N LEU A 173 -39.78 5.65 3.29
CA LEU A 173 -39.52 7.08 3.33
C LEU A 173 -38.49 7.40 2.26
N GLN A 174 -38.81 8.39 1.44
CA GLN A 174 -37.90 8.76 0.37
C GLN A 174 -38.09 10.21 -0.01
N VAL A 175 -37.05 10.79 -0.57
CA VAL A 175 -37.08 12.19 -0.94
C VAL A 175 -37.07 12.28 -2.44
N GLN A 176 -37.58 13.38 -2.97
CA GLN A 176 -37.50 13.59 -4.40
C GLN A 176 -36.21 14.30 -4.70
N ALA A 177 -35.35 13.66 -5.48
CA ALA A 177 -34.05 14.19 -5.82
C ALA A 177 -34.01 14.71 -7.25
N VAL A 178 -33.62 15.96 -7.38
CA VAL A 178 -33.68 16.64 -8.66
C VAL A 178 -32.30 17.12 -9.07
N LEU A 179 -31.73 16.50 -10.10
CA LEU A 179 -30.46 16.96 -10.65
C LEU A 179 -30.63 18.10 -11.66
N PHE A 180 -30.30 19.31 -11.23
CA PHE A 180 -30.25 20.47 -12.09
C PHE A 180 -28.88 20.64 -12.69
N GLU A 181 -28.81 21.00 -13.98
CA GLU A 181 -27.56 21.42 -14.61
C GLU A 181 -27.85 22.72 -15.40
N GLY A 182 -26.89 23.64 -15.47
CA GLY A 182 -27.14 24.90 -16.12
C GLY A 182 -25.98 25.87 -16.04
N ARG A 183 -26.27 27.17 -16.15
CA ARG A 183 -25.23 28.17 -16.04
C ARG A 183 -25.81 29.35 -15.34
N LEU A 184 -24.93 30.17 -14.81
CA LEU A 184 -25.33 31.20 -13.89
C LEU A 184 -24.17 32.15 -13.75
N GLU A 185 -24.39 33.31 -13.14
CA GLU A 185 -23.31 34.25 -12.94
C GLU A 185 -23.26 34.71 -11.49
N VAL A 186 -22.08 35.14 -11.07
CA VAL A 186 -21.90 35.65 -9.73
C VAL A 186 -22.38 37.08 -9.63
N VAL A 187 -23.14 37.37 -8.57
CA VAL A 187 -23.64 38.71 -8.35
C VAL A 187 -22.99 39.31 -7.13
N ASP A 188 -22.93 38.53 -6.06
CA ASP A 188 -22.24 38.93 -4.84
C ASP A 188 -21.25 37.84 -4.44
N PRO A 189 -19.97 38.02 -4.83
CA PRO A 189 -18.94 37.02 -4.59
C PRO A 189 -18.96 36.43 -3.18
N GLU A 190 -18.82 37.26 -2.15
CA GLU A 190 -18.68 36.70 -0.81
C GLU A 190 -19.89 35.86 -0.43
N ARG A 191 -21.07 36.35 -0.80
CA ARG A 191 -22.30 35.66 -0.51
C ARG A 191 -22.35 34.34 -1.26
N ALA A 192 -22.00 34.38 -2.54
CA ALA A 192 -21.94 33.17 -3.35
C ALA A 192 -21.01 32.13 -2.73
N LEU A 193 -19.94 32.61 -2.11
CA LEU A 193 -19.04 31.77 -1.34
C LEU A 193 -19.74 31.18 -0.10
N ALA A 194 -20.37 32.03 0.72
CA ALA A 194 -21.19 31.50 1.80
C ALA A 194 -22.06 30.36 1.25
N THR A 195 -22.80 30.69 0.20
CA THR A 195 -23.75 29.75 -0.35
C THR A 195 -23.09 28.44 -0.75
N LEU A 196 -21.90 28.50 -1.35
CA LEU A 196 -21.21 27.29 -1.78
C LEU A 196 -20.69 26.47 -0.61
N ARG A 197 -20.29 27.18 0.45
CA ARG A 197 -19.74 26.54 1.63
C ARG A 197 -20.85 25.85 2.43
N ARG A 198 -22.05 26.42 2.39
CA ARG A 198 -23.22 25.89 3.10
C ARG A 198 -23.97 24.77 2.36
N GLY A 199 -24.03 24.88 1.03
CA GLY A 199 -24.81 23.95 0.21
C GLY A 199 -26.23 24.47 0.11
N VAL A 200 -27.08 23.76 -0.61
CA VAL A 200 -28.39 24.32 -1.00
C VAL A 200 -29.55 23.38 -0.71
N GLY A 201 -30.47 23.82 0.14
CA GLY A 201 -31.67 23.06 0.46
C GLY A 201 -31.48 21.75 1.21
N PRO A 202 -32.57 21.05 1.48
CA PRO A 202 -32.58 19.88 2.35
C PRO A 202 -31.81 18.70 1.80
N GLY A 203 -31.49 17.77 2.70
CA GLY A 203 -30.99 16.45 2.37
C GLY A 203 -29.49 16.32 2.33
N LYS A 204 -28.80 17.35 2.82
CA LYS A 204 -27.36 17.30 2.82
C LYS A 204 -26.91 15.96 3.43
N ALA A 205 -27.71 15.43 4.36
CA ALA A 205 -27.35 14.18 5.03
C ALA A 205 -27.50 12.94 4.14
N LEU A 206 -28.10 13.12 2.96
CA LEU A 206 -28.39 12.02 2.04
C LEU A 206 -27.68 12.15 0.71
N GLY A 207 -26.93 13.25 0.54
CA GLY A 207 -26.15 13.47 -0.68
C GLY A 207 -26.86 14.44 -1.62
N LEU A 208 -27.71 15.27 -1.03
CA LEU A 208 -28.28 16.38 -1.72
C LEU A 208 -27.63 17.66 -1.21
N GLY A 209 -27.83 18.74 -1.97
CA GLY A 209 -27.48 20.09 -1.57
C GLY A 209 -26.13 20.56 -2.06
N LEU A 210 -25.35 19.67 -2.66
CA LEU A 210 -24.02 20.08 -3.07
C LEU A 210 -24.02 20.87 -4.42
N LEU A 211 -23.88 22.19 -4.32
CA LEU A 211 -23.82 23.05 -5.50
C LEU A 211 -22.41 23.20 -6.06
N SER A 212 -22.10 22.53 -7.17
CA SER A 212 -20.78 22.66 -7.76
C SER A 212 -20.75 23.65 -8.92
N VAL A 213 -19.67 24.42 -9.03
CA VAL A 213 -19.56 25.41 -10.09
C VAL A 213 -18.20 25.36 -10.80
N ALA A 214 -18.20 25.59 -12.11
CA ALA A 214 -16.97 25.76 -12.90
C ALA A 214 -17.28 26.22 -14.34
N PRO A 215 -16.34 26.93 -14.99
CA PRO A 215 -16.54 27.49 -16.33
C PRO A 215 -16.82 26.40 -17.35
N MET C 5 7.72 -25.48 -46.56
CA MET C 5 6.86 -25.59 -45.38
C MET C 5 5.68 -26.53 -45.59
N TRP C 6 5.44 -27.43 -44.65
CA TRP C 6 4.52 -28.51 -44.89
C TRP C 6 3.46 -28.67 -43.83
N LEU C 7 2.24 -28.93 -44.27
CA LEU C 7 1.12 -29.08 -43.36
C LEU C 7 0.39 -30.37 -43.65
N THR C 8 0.60 -31.39 -42.84
CA THR C 8 -0.06 -32.67 -43.07
C THR C 8 -1.27 -32.75 -42.19
N LYS C 9 -2.22 -33.57 -42.59
CA LYS C 9 -3.39 -33.86 -41.79
C LYS C 9 -3.56 -35.37 -41.70
N LEU C 10 -3.51 -35.91 -40.49
CA LEU C 10 -3.72 -37.33 -40.30
C LEU C 10 -5.02 -37.56 -39.58
N VAL C 11 -5.75 -38.58 -39.98
CA VAL C 11 -6.96 -38.94 -39.25
C VAL C 11 -6.75 -40.31 -38.67
N LEU C 12 -6.66 -40.36 -37.35
CA LEU C 12 -6.20 -41.56 -36.68
C LEU C 12 -7.27 -42.63 -36.51
N ASN C 13 -7.03 -43.79 -37.11
CA ASN C 13 -7.89 -44.94 -36.92
C ASN C 13 -7.85 -45.39 -35.50
N PRO C 14 -8.94 -45.24 -34.76
CA PRO C 14 -8.98 -45.62 -33.33
C PRO C 14 -8.96 -47.13 -33.12
N ALA C 15 -8.66 -47.88 -34.19
CA ALA C 15 -8.58 -49.33 -34.14
C ALA C 15 -7.12 -49.76 -34.03
N SER C 16 -6.23 -48.85 -34.40
CA SER C 16 -4.78 -49.08 -34.42
C SER C 16 -4.20 -48.99 -33.00
N ARG C 17 -3.60 -50.08 -32.50
CA ARG C 17 -3.06 -50.04 -31.13
C ARG C 17 -2.05 -48.91 -31.04
N ALA C 18 -1.17 -48.83 -32.02
CA ALA C 18 -0.26 -47.69 -32.11
C ALA C 18 -1.03 -46.40 -31.90
N ALA C 19 -2.03 -46.16 -32.74
CA ALA C 19 -2.83 -44.95 -32.62
C ALA C 19 -3.13 -44.68 -31.16
N ARG C 20 -3.86 -45.57 -30.52
CA ARG C 20 -4.33 -45.26 -29.18
C ARG C 20 -3.19 -45.05 -28.17
N ARG C 21 -2.00 -45.54 -28.52
CA ARG C 21 -0.81 -45.33 -27.73
C ARG C 21 -0.41 -43.85 -27.77
N ASP C 22 -0.25 -43.33 -28.98
CA ASP C 22 0.14 -41.93 -29.19
C ASP C 22 -0.89 -40.93 -28.69
N LEU C 23 -2.17 -41.28 -28.80
CA LEU C 23 -3.26 -40.45 -28.33
C LEU C 23 -3.27 -40.35 -26.82
N ALA C 24 -2.83 -41.39 -26.15
CA ALA C 24 -2.91 -41.44 -24.70
C ALA C 24 -1.62 -40.92 -24.08
N ASN C 25 -0.60 -40.70 -24.90
CA ASN C 25 0.67 -40.19 -24.38
C ASN C 25 1.49 -39.36 -25.37
N PRO C 26 1.47 -38.03 -25.19
CA PRO C 26 2.10 -37.00 -26.04
C PRO C 26 3.54 -37.32 -26.42
N TYR C 27 4.27 -37.98 -25.52
CA TYR C 27 5.64 -38.39 -25.81
C TYR C 27 5.69 -39.39 -27.00
N GLU C 28 4.75 -40.33 -27.01
CA GLU C 28 4.66 -41.29 -28.08
C GLU C 28 4.13 -40.66 -29.37
N MET C 29 3.12 -39.80 -29.27
CA MET C 29 2.66 -39.04 -30.44
C MET C 29 3.85 -38.30 -31.01
N HIS C 30 4.63 -37.69 -30.12
CA HIS C 30 5.80 -36.93 -30.54
C HIS C 30 6.75 -37.84 -31.27
N ARG C 31 6.88 -39.06 -30.75
CA ARG C 31 7.84 -40.02 -31.25
C ARG C 31 7.50 -40.49 -32.67
N THR C 32 6.26 -40.94 -32.84
CA THR C 32 5.76 -41.32 -34.14
C THR C 32 5.97 -40.19 -35.12
N LEU C 33 5.32 -39.06 -34.83
CA LEU C 33 5.34 -37.96 -35.78
C LEU C 33 6.75 -37.63 -36.19
N SER C 34 7.66 -37.58 -35.22
CA SER C 34 9.07 -37.34 -35.51
C SER C 34 9.70 -38.28 -36.56
N LYS C 35 9.18 -39.49 -36.69
CA LYS C 35 9.70 -40.42 -37.70
C LYS C 35 9.72 -39.81 -39.11
N ALA C 36 8.71 -39.00 -39.44
CA ALA C 36 8.54 -38.58 -40.81
C ALA C 36 9.55 -37.52 -41.26
N VAL C 37 10.29 -36.96 -40.31
CA VAL C 37 11.39 -36.01 -40.60
C VAL C 37 12.64 -36.19 -39.71
N SER C 38 12.96 -37.45 -39.41
CA SER C 38 14.09 -37.80 -38.57
C SER C 38 15.40 -37.16 -39.03
N ARG C 39 15.70 -37.25 -40.31
CA ARG C 39 16.91 -36.65 -40.84
C ARG C 39 16.99 -35.17 -40.52
N ALA C 40 16.05 -34.38 -41.04
CA ALA C 40 16.06 -32.96 -40.75
C ALA C 40 16.13 -32.70 -39.25
N LEU C 41 15.44 -33.55 -38.49
CA LEU C 41 15.49 -33.47 -37.03
C LEU C 41 16.93 -33.68 -36.59
N GLU C 42 17.45 -34.86 -36.93
CA GLU C 42 18.81 -35.24 -36.54
C GLU C 42 19.84 -34.20 -36.97
N GLU C 43 19.49 -33.44 -38.00
CA GLU C 43 20.43 -32.47 -38.57
C GLU C 43 20.10 -31.08 -38.05
N GLY C 44 19.13 -31.01 -37.15
CA GLY C 44 18.78 -29.77 -36.51
C GLY C 44 18.24 -28.73 -37.47
N ARG C 45 17.67 -29.18 -38.58
CA ARG C 45 17.06 -28.26 -39.56
C ARG C 45 15.52 -28.38 -39.58
N GLU C 46 14.96 -28.73 -38.43
CA GLU C 46 13.52 -28.95 -38.32
C GLU C 46 12.92 -28.24 -37.08
N ARG C 47 11.59 -28.05 -37.08
CA ARG C 47 10.85 -27.66 -35.89
C ARG C 47 9.46 -28.25 -36.03
N LEU C 48 9.28 -29.47 -35.54
CA LEU C 48 7.98 -30.14 -35.63
C LEU C 48 6.93 -29.57 -34.64
N LEU C 49 5.71 -29.34 -35.14
CA LEU C 49 4.62 -28.89 -34.30
C LEU C 49 3.35 -29.64 -34.66
N TRP C 50 2.48 -29.85 -33.69
CA TRP C 50 1.21 -30.47 -33.98
C TRP C 50 0.08 -30.01 -33.09
N ARG C 51 -1.11 -30.54 -33.38
CA ARG C 51 -2.29 -30.30 -32.56
C ARG C 51 -3.27 -31.45 -32.75
N LEU C 52 -3.78 -31.97 -31.65
CA LEU C 52 -4.93 -32.86 -31.71
C LEU C 52 -6.21 -31.99 -31.68
N GLU C 53 -6.99 -32.07 -32.74
CA GLU C 53 -8.27 -31.40 -32.79
C GLU C 53 -9.24 -32.23 -31.97
N PRO C 54 -10.03 -31.56 -31.14
CA PRO C 54 -11.02 -32.29 -30.34
C PRO C 54 -12.06 -32.88 -31.28
N ALA C 55 -12.49 -34.12 -31.06
CA ALA C 55 -13.46 -34.75 -31.96
C ALA C 55 -14.75 -33.93 -32.06
N ARG C 56 -15.04 -33.44 -33.26
CA ARG C 56 -16.16 -32.52 -33.47
C ARG C 56 -17.51 -33.20 -33.33
N GLY C 57 -17.61 -34.41 -33.86
CA GLY C 57 -18.82 -35.21 -33.73
C GLY C 57 -18.47 -36.59 -33.23
N LEU C 58 -19.25 -37.57 -33.66
CA LEU C 58 -18.97 -38.96 -33.34
C LEU C 58 -17.69 -39.37 -34.04
N GLU C 59 -17.19 -38.46 -34.88
CA GLU C 59 -15.99 -38.71 -35.69
C GLU C 59 -14.68 -38.59 -34.91
N PRO C 60 -13.69 -39.40 -35.29
CA PRO C 60 -12.42 -39.64 -34.58
C PRO C 60 -11.49 -38.43 -34.54
N PRO C 61 -10.37 -38.60 -33.84
CA PRO C 61 -9.44 -37.49 -33.62
C PRO C 61 -8.82 -37.09 -34.94
N VAL C 62 -8.44 -35.83 -35.07
CA VAL C 62 -7.65 -35.44 -36.22
C VAL C 62 -6.36 -34.82 -35.74
N VAL C 63 -5.26 -35.04 -36.46
CA VAL C 63 -3.99 -34.46 -36.05
C VAL C 63 -3.33 -33.63 -37.13
N LEU C 64 -3.06 -32.36 -36.80
CA LEU C 64 -2.48 -31.42 -37.73
C LEU C 64 -0.97 -31.25 -37.51
N VAL C 65 -0.18 -31.51 -38.54
CA VAL C 65 1.27 -31.56 -38.35
C VAL C 65 2.04 -30.60 -39.22
N GLN C 66 2.79 -29.73 -38.58
CA GLN C 66 3.55 -28.75 -39.34
C GLN C 66 5.02 -29.06 -39.23
N THR C 67 5.67 -29.06 -40.38
CA THR C 67 7.08 -29.30 -40.47
C THR C 67 7.73 -28.23 -41.33
N LEU C 68 9.01 -27.98 -41.09
CA LEU C 68 9.77 -27.05 -41.89
C LEU C 68 10.35 -27.73 -43.12
N THR C 69 10.45 -29.06 -43.11
CA THR C 69 10.95 -29.79 -44.26
C THR C 69 9.91 -30.82 -44.66
N GLU C 70 10.04 -31.36 -45.87
CA GLU C 70 9.06 -32.30 -46.39
C GLU C 70 9.02 -33.63 -45.63
N PRO C 71 7.84 -33.99 -45.12
CA PRO C 71 7.60 -35.20 -44.34
C PRO C 71 7.48 -36.46 -45.19
N ASP C 72 7.79 -37.62 -44.59
CA ASP C 72 7.55 -38.92 -45.23
C ASP C 72 6.63 -39.83 -44.40
N TRP C 73 5.32 -39.73 -44.65
CA TRP C 73 4.35 -40.48 -43.87
C TRP C 73 4.32 -41.96 -44.21
N SER C 74 5.28 -42.39 -45.01
CA SER C 74 5.36 -43.79 -45.40
C SER C 74 5.96 -44.58 -44.26
N VAL C 75 6.29 -43.89 -43.17
CA VAL C 75 6.91 -44.52 -42.01
C VAL C 75 5.85 -44.94 -41.00
N LEU C 76 4.58 -44.72 -41.35
CA LEU C 76 3.47 -45.04 -40.46
C LEU C 76 3.15 -46.55 -40.35
N ASP C 77 2.52 -46.94 -39.24
CA ASP C 77 2.09 -48.29 -39.00
C ASP C 77 0.96 -48.50 -39.97
N GLU C 78 0.42 -49.70 -39.95
CA GLU C 78 -0.53 -50.16 -40.96
C GLU C 78 -1.86 -49.43 -40.95
N GLY C 79 -2.72 -49.75 -39.98
CA GLY C 79 -4.04 -49.15 -39.93
C GLY C 79 -4.02 -47.89 -39.10
N TYR C 80 -2.82 -47.32 -38.98
CA TYR C 80 -2.61 -46.21 -38.09
C TYR C 80 -3.55 -45.03 -38.36
N ALA C 81 -3.64 -44.62 -39.63
CA ALA C 81 -4.44 -43.43 -39.96
C ALA C 81 -4.59 -43.16 -41.45
N GLN C 82 -5.66 -42.44 -41.79
CA GLN C 82 -5.86 -41.94 -43.15
C GLN C 82 -4.99 -40.70 -43.36
N VAL C 83 -4.15 -40.73 -44.38
CA VAL C 83 -3.19 -39.65 -44.57
C VAL C 83 -3.44 -38.82 -45.81
N PHE C 84 -3.77 -37.55 -45.61
CA PHE C 84 -3.96 -36.61 -46.71
C PHE C 84 -2.60 -36.07 -47.15
N PRO C 85 -2.51 -35.62 -48.40
CA PRO C 85 -1.18 -35.22 -48.87
C PRO C 85 -0.62 -34.01 -48.11
N PRO C 86 0.57 -34.17 -47.54
CA PRO C 86 1.26 -32.98 -47.04
C PRO C 86 1.02 -31.85 -48.03
N LYS C 87 0.55 -30.71 -47.55
CA LYS C 87 0.38 -29.56 -48.42
C LYS C 87 1.53 -28.59 -48.22
N PRO C 88 2.42 -28.51 -49.20
CA PRO C 88 3.48 -27.52 -49.09
C PRO C 88 2.86 -26.14 -49.11
N PHE C 89 3.57 -25.15 -48.58
CA PHE C 89 3.09 -23.78 -48.70
C PHE C 89 4.25 -22.88 -48.33
N HIS C 90 4.12 -21.61 -48.70
CA HIS C 90 5.25 -20.69 -48.66
C HIS C 90 4.73 -19.28 -48.52
N PRO C 91 4.50 -18.85 -47.27
CA PRO C 91 3.83 -17.58 -46.98
C PRO C 91 4.59 -16.36 -47.48
N ALA C 92 3.85 -15.32 -47.88
CA ALA C 92 4.47 -14.08 -48.31
C ALA C 92 3.67 -12.94 -47.73
N LEU C 93 3.37 -13.11 -46.44
CA LEU C 93 2.49 -12.24 -45.68
C LEU C 93 2.77 -10.78 -45.90
N LYS C 94 1.73 -9.96 -45.96
CA LYS C 94 1.93 -8.51 -46.12
C LYS C 94 1.29 -7.71 -44.98
N PRO C 95 1.86 -6.52 -44.71
CA PRO C 95 1.32 -5.69 -43.64
C PRO C 95 -0.15 -5.40 -43.89
N GLY C 96 -0.99 -5.66 -42.89
CA GLY C 96 -2.41 -5.39 -43.01
C GLY C 96 -3.19 -6.65 -43.29
N GLN C 97 -2.52 -7.64 -43.86
CA GLN C 97 -3.17 -8.89 -44.21
C GLN C 97 -3.82 -9.49 -42.98
N ARG C 98 -5.07 -9.91 -43.13
CA ARG C 98 -5.87 -10.37 -42.02
C ARG C 98 -6.06 -11.89 -42.07
N LEU C 99 -6.06 -12.52 -40.90
CA LEU C 99 -6.05 -13.97 -40.86
C LEU C 99 -6.86 -14.53 -39.71
N ARG C 100 -7.63 -15.58 -39.99
CA ARG C 100 -8.14 -16.44 -38.94
C ARG C 100 -6.92 -17.14 -38.40
N PHE C 101 -6.94 -17.48 -37.12
CA PHE C 101 -5.85 -18.18 -36.49
C PHE C 101 -6.42 -19.12 -35.48
N ARG C 102 -5.66 -20.14 -35.13
CA ARG C 102 -6.07 -21.06 -34.10
C ARG C 102 -4.80 -21.48 -33.41
N LEU C 103 -4.87 -21.68 -32.10
CA LEU C 103 -3.67 -22.00 -31.33
C LEU C 103 -3.97 -22.66 -30.01
N ARG C 104 -3.29 -23.76 -29.75
CA ARG C 104 -3.41 -24.46 -28.49
C ARG C 104 -2.09 -24.31 -27.77
N ALA C 105 -2.12 -23.58 -26.65
CA ALA C 105 -0.91 -23.16 -25.96
C ALA C 105 -0.95 -23.44 -24.45
N ASN C 106 0.18 -23.18 -23.79
CA ASN C 106 0.25 -23.21 -22.35
C ASN C 106 0.79 -21.87 -21.86
N PRO C 107 -0.11 -20.89 -21.66
CA PRO C 107 0.35 -19.57 -21.21
C PRO C 107 1.00 -19.65 -19.81
N ALA C 108 2.15 -19.01 -19.65
CA ALA C 108 2.96 -19.16 -18.44
C ALA C 108 3.71 -17.87 -18.10
N LYS C 109 4.27 -17.81 -16.90
CA LYS C 109 5.24 -16.80 -16.52
C LYS C 109 6.16 -17.42 -15.50
N ARG C 110 7.45 -17.10 -15.58
CA ARG C 110 8.38 -17.59 -14.57
C ARG C 110 8.46 -16.56 -13.44
N LEU C 111 7.91 -16.93 -12.30
CA LEU C 111 7.87 -16.03 -11.15
C LEU C 111 9.28 -15.61 -10.80
N ALA C 112 9.42 -14.32 -10.49
CA ALA C 112 10.71 -13.80 -10.08
C ALA C 112 11.12 -14.39 -8.71
N ALA C 113 10.16 -14.46 -7.79
CA ALA C 113 10.42 -15.04 -6.46
C ALA C 113 10.96 -16.48 -6.51
N THR C 114 10.11 -17.43 -6.89
CA THR C 114 10.44 -18.85 -6.80
C THR C 114 11.25 -19.36 -7.97
N GLY C 115 11.37 -18.53 -9.00
CA GLY C 115 12.11 -18.92 -10.18
C GLY C 115 11.47 -20.06 -10.95
N LYS C 116 10.23 -20.42 -10.62
CA LYS C 116 9.61 -21.49 -11.37
C LYS C 116 8.61 -20.96 -12.41
N ARG C 117 8.24 -21.80 -13.35
CA ARG C 117 7.40 -21.36 -14.46
C ARG C 117 6.02 -21.83 -14.13
N VAL C 118 5.08 -20.91 -14.00
CA VAL C 118 3.75 -21.26 -13.51
C VAL C 118 2.74 -20.96 -14.58
N ALA C 119 1.59 -21.61 -14.48
CA ALA C 119 0.50 -21.38 -15.40
C ALA C 119 -0.14 -20.03 -15.10
N LEU C 120 -0.88 -19.49 -16.07
CA LEU C 120 -1.59 -18.24 -15.84
C LEU C 120 -2.98 -18.49 -15.28
N LYS C 121 -3.46 -17.56 -14.47
CA LYS C 121 -4.67 -17.77 -13.69
C LYS C 121 -5.93 -17.59 -14.53
N THR C 122 -6.05 -16.45 -15.18
CA THR C 122 -7.35 -16.01 -15.66
C THR C 122 -7.46 -15.88 -17.17
N PRO C 123 -8.69 -15.88 -17.69
CA PRO C 123 -8.90 -15.64 -19.12
C PRO C 123 -8.18 -14.39 -19.54
N ALA C 124 -8.44 -13.31 -18.83
CA ALA C 124 -7.87 -12.01 -19.19
C ALA C 124 -6.34 -12.10 -19.20
N GLU C 125 -5.77 -12.80 -18.23
CA GLU C 125 -4.33 -13.00 -18.23
C GLU C 125 -3.92 -13.85 -19.44
N LYS C 126 -4.63 -14.95 -19.66
CA LYS C 126 -4.31 -15.81 -20.79
C LYS C 126 -4.36 -15.00 -22.08
N VAL C 127 -5.45 -14.28 -22.28
CA VAL C 127 -5.53 -13.43 -23.46
C VAL C 127 -4.39 -12.42 -23.60
N ALA C 128 -3.95 -11.84 -22.47
CA ALA C 128 -2.87 -10.85 -22.46
C ALA C 128 -1.59 -11.51 -22.90
N TRP C 129 -1.47 -12.76 -22.48
CA TRP C 129 -0.31 -13.56 -22.79
C TRP C 129 -0.27 -13.72 -24.29
N LEU C 130 -1.34 -14.30 -24.82
CA LEU C 130 -1.45 -14.54 -26.24
C LEU C 130 -1.12 -13.30 -27.02
N GLU C 131 -1.78 -12.21 -26.63
CA GLU C 131 -1.64 -10.94 -27.31
C GLU C 131 -0.20 -10.43 -27.35
N ARG C 132 0.52 -10.56 -26.23
CA ARG C 132 1.90 -10.11 -26.17
C ARG C 132 2.78 -11.03 -27.00
N ARG C 133 2.55 -12.34 -26.91
CA ARG C 133 3.32 -13.22 -27.77
C ARG C 133 3.13 -12.80 -29.22
N LEU C 134 1.89 -12.56 -29.63
CA LEU C 134 1.64 -12.27 -31.03
C LEU C 134 2.33 -11.01 -31.49
N GLU C 135 2.22 -9.97 -30.69
CA GLU C 135 2.65 -8.66 -31.14
C GLU C 135 4.17 -8.57 -31.12
N GLU C 136 4.78 -9.34 -30.25
CA GLU C 136 6.23 -9.45 -30.27
C GLU C 136 6.58 -10.36 -31.44
N GLY C 137 5.59 -11.12 -31.88
CA GLY C 137 5.80 -12.07 -32.95
C GLY C 137 5.49 -11.59 -34.35
N GLY C 138 5.17 -10.30 -34.51
CA GLY C 138 4.89 -9.77 -35.83
C GLY C 138 3.41 -9.82 -36.19
N PHE C 139 2.57 -9.95 -35.16
CA PHE C 139 1.13 -9.91 -35.37
C PHE C 139 0.45 -8.85 -34.51
N ARG C 140 -0.83 -8.64 -34.77
CA ARG C 140 -1.71 -7.83 -33.94
C ARG C 140 -3.05 -8.54 -33.90
N LEU C 141 -3.61 -8.66 -32.72
CA LEU C 141 -4.91 -9.30 -32.60
C LEU C 141 -5.97 -8.32 -33.12
N LEU C 142 -6.92 -8.79 -33.92
CA LEU C 142 -7.97 -7.90 -34.38
C LEU C 142 -8.82 -7.42 -33.19
N GLU C 143 -9.28 -6.18 -33.26
CA GLU C 143 -9.98 -5.58 -32.13
C GLU C 143 -11.46 -5.32 -32.37
N GLY C 144 -12.31 -6.03 -31.63
CA GLY C 144 -13.73 -5.75 -31.63
C GLY C 144 -14.04 -4.50 -30.84
N GLU C 145 -15.33 -4.16 -30.71
CA GLU C 145 -15.69 -2.96 -29.97
C GLU C 145 -15.64 -3.25 -28.47
N ARG C 146 -15.88 -4.50 -28.09
CA ARG C 146 -16.03 -4.87 -26.70
C ARG C 146 -14.77 -5.47 -26.12
N GLY C 147 -13.93 -5.97 -27.01
CA GLY C 147 -12.72 -6.67 -26.62
C GLY C 147 -12.06 -7.21 -27.87
N PRO C 148 -11.02 -8.00 -27.69
CA PRO C 148 -10.23 -8.46 -28.82
C PRO C 148 -10.87 -9.70 -29.48
N TRP C 149 -10.69 -9.80 -30.79
CA TRP C 149 -11.28 -10.88 -31.56
C TRP C 149 -10.61 -12.19 -31.27
N VAL C 150 -10.84 -12.70 -30.08
CA VAL C 150 -10.32 -14.01 -29.70
C VAL C 150 -11.31 -14.63 -28.75
N GLN C 151 -11.23 -15.95 -28.61
CA GLN C 151 -12.19 -16.69 -27.81
C GLN C 151 -11.43 -17.90 -27.35
N ILE C 152 -11.77 -18.37 -26.15
CA ILE C 152 -11.15 -19.55 -25.56
C ILE C 152 -12.12 -20.72 -25.67
N LEU C 153 -11.83 -21.66 -26.54
CA LEU C 153 -12.75 -22.77 -26.84
C LEU C 153 -12.63 -23.92 -25.85
N GLN C 154 -11.43 -24.13 -25.33
CA GLN C 154 -11.19 -25.20 -24.39
C GLN C 154 -10.13 -24.71 -23.43
N ASP C 155 -10.21 -25.20 -22.19
CA ASP C 155 -9.20 -24.92 -21.18
C ASP C 155 -9.21 -26.13 -20.25
N THR C 156 -8.24 -27.02 -20.41
CA THR C 156 -8.18 -28.24 -19.63
C THR C 156 -6.74 -28.62 -19.30
N PHE C 157 -6.56 -29.80 -18.71
CA PHE C 157 -5.23 -30.29 -18.40
C PHE C 157 -4.81 -31.51 -19.20
N LEU C 158 -3.78 -31.33 -20.00
CA LEU C 158 -3.12 -32.42 -20.68
C LEU C 158 -2.17 -33.10 -19.72
N GLU C 159 -2.35 -34.41 -19.50
CA GLU C 159 -1.40 -35.11 -18.63
C GLU C 159 -0.17 -35.60 -19.40
N VAL C 160 0.94 -35.77 -18.69
CA VAL C 160 2.23 -35.87 -19.35
C VAL C 160 3.01 -37.07 -18.85
N ARG C 161 3.05 -37.24 -17.54
CA ARG C 161 3.79 -38.34 -16.95
C ARG C 161 3.60 -38.29 -15.45
N ARG C 162 4.19 -39.22 -14.72
CA ARG C 162 4.07 -39.26 -13.28
C ARG C 162 5.47 -39.22 -12.67
N LYS C 163 5.67 -38.44 -11.62
CA LYS C 163 6.98 -38.36 -10.97
C LYS C 163 7.22 -39.68 -10.24
N LYS C 164 8.47 -40.15 -10.22
CA LYS C 164 8.73 -41.50 -9.71
C LYS C 164 8.44 -41.66 -8.23
N ASP C 165 8.77 -40.67 -7.40
CA ASP C 165 8.56 -40.81 -5.96
C ASP C 165 9.21 -42.15 -5.54
N GLY C 166 9.99 -42.68 -6.48
CA GLY C 166 10.50 -44.05 -6.49
C GLY C 166 10.70 -44.68 -5.14
N GLU C 167 10.25 -45.93 -5.04
CA GLU C 167 9.72 -46.64 -6.20
C GLU C 167 8.20 -46.84 -6.19
N GLU C 168 7.48 -45.95 -5.53
CA GLU C 168 6.02 -45.97 -5.58
C GLU C 168 5.59 -45.05 -6.71
N ALA C 169 4.32 -45.08 -7.09
CA ALA C 169 3.82 -44.13 -8.08
C ALA C 169 3.51 -42.79 -7.42
N GLY C 170 3.94 -41.71 -8.07
CA GLY C 170 3.84 -40.37 -7.50
C GLY C 170 2.90 -39.43 -8.24
N LYS C 171 3.19 -38.13 -8.15
CA LYS C 171 2.31 -37.08 -8.67
C LYS C 171 2.20 -37.04 -10.18
N LEU C 172 0.98 -36.89 -10.68
CA LEU C 172 0.75 -36.71 -12.09
C LEU C 172 1.13 -35.30 -12.50
N LEU C 173 1.94 -35.20 -13.54
CA LEU C 173 2.34 -33.91 -14.12
C LEU C 173 1.47 -33.55 -15.31
N GLN C 174 0.84 -32.40 -15.26
CA GLN C 174 0.06 -31.94 -16.40
C GLN C 174 0.24 -30.44 -16.70
N VAL C 175 -0.23 -30.03 -17.87
CA VAL C 175 -0.10 -28.65 -18.29
C VAL C 175 -1.47 -28.11 -18.61
N GLN C 176 -1.71 -26.86 -18.22
CA GLN C 176 -2.97 -26.24 -18.59
C GLN C 176 -2.82 -26.06 -20.08
N ALA C 177 -3.75 -26.62 -20.84
CA ALA C 177 -3.73 -26.45 -22.28
C ALA C 177 -4.88 -25.55 -22.58
N VAL C 178 -4.61 -24.51 -23.35
CA VAL C 178 -5.63 -23.50 -23.67
C VAL C 178 -5.75 -23.32 -25.18
N LEU C 179 -6.95 -23.48 -25.69
CA LEU C 179 -7.18 -23.41 -27.10
C LEU C 179 -7.77 -22.07 -27.48
N PHE C 180 -7.00 -21.25 -28.20
CA PHE C 180 -7.42 -19.92 -28.66
C PHE C 180 -7.88 -19.93 -30.11
N GLU C 181 -8.94 -19.16 -30.40
CA GLU C 181 -9.44 -18.99 -31.76
C GLU C 181 -9.77 -17.53 -32.03
N GLY C 182 -9.27 -16.98 -33.13
CA GLY C 182 -9.60 -15.60 -33.43
C GLY C 182 -9.08 -15.08 -34.75
N ARG C 183 -8.93 -13.77 -34.81
CA ARG C 183 -8.47 -13.11 -36.02
C ARG C 183 -7.40 -12.07 -35.72
N LEU C 184 -6.40 -12.01 -36.57
CA LEU C 184 -5.26 -11.15 -36.35
C LEU C 184 -4.84 -10.59 -37.69
N GLU C 185 -3.71 -9.91 -37.71
CA GLU C 185 -3.36 -9.10 -38.86
C GLU C 185 -1.86 -8.93 -38.92
N VAL C 186 -1.26 -9.36 -40.02
CA VAL C 186 0.17 -9.36 -40.13
C VAL C 186 0.66 -7.93 -39.98
N VAL C 187 1.57 -7.69 -39.04
CA VAL C 187 2.17 -6.37 -38.92
C VAL C 187 3.56 -6.39 -39.55
N ASP C 188 4.34 -7.42 -39.21
CA ASP C 188 5.68 -7.57 -39.74
C ASP C 188 5.85 -8.94 -40.40
N PRO C 189 5.79 -8.96 -41.73
CA PRO C 189 5.75 -10.17 -42.55
C PRO C 189 6.79 -11.19 -42.13
N GLU C 190 8.05 -10.76 -42.07
CA GLU C 190 9.16 -11.67 -41.77
C GLU C 190 9.04 -12.25 -40.35
N ARG C 191 8.86 -11.34 -39.40
CA ARG C 191 8.76 -11.72 -38.04
C ARG C 191 7.59 -12.58 -37.87
N ALA C 192 6.47 -12.25 -38.53
CA ALA C 192 5.26 -13.08 -38.51
C ALA C 192 5.57 -14.48 -39.04
N LEU C 193 6.32 -14.55 -40.13
CA LEU C 193 6.78 -15.81 -40.66
C LEU C 193 7.69 -16.58 -39.66
N ALA C 194 8.67 -15.90 -39.06
CA ALA C 194 9.56 -16.54 -38.08
C ALA C 194 8.71 -17.17 -37.01
N THR C 195 7.75 -16.40 -36.50
CA THR C 195 6.80 -16.90 -35.53
C THR C 195 6.10 -18.19 -35.96
N LEU C 196 5.43 -18.16 -37.11
CA LEU C 196 4.69 -19.34 -37.56
C LEU C 196 5.55 -20.58 -37.58
N ARG C 197 6.79 -20.42 -38.04
CA ARG C 197 7.72 -21.53 -38.13
C ARG C 197 8.18 -22.11 -36.77
N ARG C 198 8.27 -21.25 -35.76
CA ARG C 198 8.71 -21.66 -34.43
C ARG C 198 7.58 -22.33 -33.70
N GLY C 199 6.43 -21.69 -33.73
CA GLY C 199 5.37 -22.03 -32.81
C GLY C 199 5.37 -21.06 -31.65
N VAL C 200 4.34 -21.12 -30.82
CA VAL C 200 4.18 -20.14 -29.76
C VAL C 200 4.02 -20.74 -28.38
N GLY C 201 5.07 -20.65 -27.58
CA GLY C 201 4.96 -21.01 -26.17
C GLY C 201 5.47 -22.39 -25.84
N PRO C 202 5.31 -22.81 -24.57
CA PRO C 202 5.91 -24.08 -24.17
C PRO C 202 5.08 -25.33 -24.45
N GLY C 203 5.72 -26.49 -24.27
CA GLY C 203 5.17 -27.76 -24.66
C GLY C 203 5.09 -28.04 -26.16
N LYS C 204 6.07 -27.59 -26.93
CA LYS C 204 6.05 -27.85 -28.39
C LYS C 204 6.05 -29.36 -28.63
N ALA C 205 6.70 -30.10 -27.73
CA ALA C 205 6.77 -31.55 -27.88
C ALA C 205 5.58 -32.29 -27.27
N LEU C 206 4.49 -31.56 -27.04
CA LEU C 206 3.29 -32.16 -26.44
C LEU C 206 2.05 -31.89 -27.29
N GLY C 207 2.23 -31.20 -28.41
CA GLY C 207 1.09 -30.87 -29.24
C GLY C 207 0.58 -29.49 -28.90
N LEU C 208 1.42 -28.72 -28.22
CA LEU C 208 1.09 -27.33 -28.00
C LEU C 208 1.99 -26.47 -28.84
N GLY C 209 1.57 -25.23 -29.06
CA GLY C 209 2.38 -24.27 -29.76
C GLY C 209 2.13 -24.10 -31.26
N LEU C 210 1.32 -24.95 -31.89
CA LEU C 210 1.11 -24.73 -33.33
C LEU C 210 0.18 -23.56 -33.55
N LEU C 211 0.71 -22.47 -34.06
CA LEU C 211 -0.14 -21.34 -34.46
C LEU C 211 -0.67 -21.50 -35.90
N SER C 212 -1.90 -21.97 -36.05
CA SER C 212 -2.46 -22.11 -37.39
C SER C 212 -3.06 -20.80 -37.84
N VAL C 213 -2.57 -20.27 -38.94
CA VAL C 213 -3.22 -19.16 -39.57
C VAL C 213 -3.92 -19.63 -40.86
N ALA C 214 -4.91 -18.88 -41.30
CA ALA C 214 -5.67 -19.23 -42.48
C ALA C 214 -6.55 -18.08 -42.90
N PRO C 215 -6.86 -18.00 -44.20
CA PRO C 215 -7.84 -17.05 -44.74
C PRO C 215 -9.23 -17.66 -44.65
N GLY E 3 20.98 25.74 -23.32
CA GLY E 3 21.14 24.35 -22.92
C GLY E 3 21.06 23.44 -24.14
N ALA E 4 22.07 22.59 -24.32
CA ALA E 4 22.13 21.75 -25.53
C ALA E 4 21.05 20.67 -25.57
N MET E 5 20.81 20.15 -26.77
CA MET E 5 19.86 19.06 -26.94
C MET E 5 20.58 17.88 -27.54
N TRP E 6 20.05 16.69 -27.31
CA TRP E 6 20.73 15.50 -27.72
C TRP E 6 19.81 14.68 -28.56
N LEU E 7 20.34 14.24 -29.69
CA LEU E 7 19.55 13.44 -30.58
C LEU E 7 20.30 12.15 -30.72
N THR E 8 19.56 11.05 -30.62
CA THR E 8 20.14 9.73 -30.63
C THR E 8 19.38 8.95 -31.65
N LYS E 9 20.12 8.22 -32.46
CA LYS E 9 19.51 7.33 -33.41
C LYS E 9 19.72 5.95 -32.82
N LEU E 10 18.64 5.20 -32.66
CA LEU E 10 18.72 3.81 -32.26
C LEU E 10 18.08 2.96 -33.34
N VAL E 11 18.88 2.11 -33.95
CA VAL E 11 18.40 1.13 -34.91
C VAL E 11 18.22 -0.16 -34.16
N LEU E 12 16.97 -0.52 -33.90
CA LEU E 12 16.67 -1.68 -33.08
C LEU E 12 16.93 -2.99 -33.79
N ASN E 13 17.49 -3.93 -33.04
CA ASN E 13 17.78 -5.25 -33.54
C ASN E 13 16.57 -6.15 -33.38
N PRO E 14 15.91 -6.49 -34.51
CA PRO E 14 14.66 -7.27 -34.46
C PRO E 14 14.88 -8.70 -33.99
N ALA E 15 16.14 -9.09 -33.81
CA ALA E 15 16.46 -10.42 -33.28
C ALA E 15 16.28 -10.46 -31.76
N SER E 16 16.40 -9.29 -31.14
CA SER E 16 16.30 -9.16 -29.70
C SER E 16 14.87 -9.18 -29.23
N ARG E 17 14.57 -10.06 -28.27
CA ARG E 17 13.24 -10.08 -27.67
C ARG E 17 12.90 -8.76 -26.99
N ALA E 18 13.88 -8.15 -26.32
CA ALA E 18 13.68 -6.88 -25.63
C ALA E 18 13.24 -5.80 -26.62
N ALA E 19 13.91 -5.79 -27.77
CA ALA E 19 13.55 -4.91 -28.88
C ALA E 19 12.14 -5.20 -29.37
N ARG E 20 11.79 -6.47 -29.51
CA ARG E 20 10.44 -6.80 -29.96
C ARG E 20 9.42 -6.38 -28.87
N ARG E 21 9.82 -6.52 -27.61
CA ARG E 21 8.97 -6.13 -26.49
C ARG E 21 8.62 -4.66 -26.53
N ASP E 22 9.63 -3.83 -26.70
CA ASP E 22 9.42 -2.39 -26.74
C ASP E 22 8.71 -1.90 -28.00
N LEU E 23 8.88 -2.64 -29.09
CA LEU E 23 8.17 -2.31 -30.31
C LEU E 23 6.70 -2.64 -30.13
N ALA E 24 6.42 -3.69 -29.37
CA ALA E 24 5.04 -4.11 -29.18
C ALA E 24 4.25 -3.16 -28.28
N ASN E 25 4.88 -2.58 -27.25
CA ASN E 25 4.16 -1.56 -26.48
C ASN E 25 4.95 -0.40 -25.89
N PRO E 26 4.42 0.80 -26.07
CA PRO E 26 5.04 2.08 -25.80
C PRO E 26 5.50 2.22 -24.36
N TYR E 27 4.70 1.76 -23.41
CA TYR E 27 5.09 1.75 -21.99
C TYR E 27 6.47 1.15 -21.76
N GLU E 28 6.69 -0.05 -22.29
CA GLU E 28 8.00 -0.69 -22.20
C GLU E 28 9.07 0.18 -22.86
N MET E 29 8.84 0.52 -24.13
CA MET E 29 9.74 1.41 -24.84
C MET E 29 10.01 2.66 -24.01
N HIS E 30 8.97 3.24 -23.43
CA HIS E 30 9.20 4.41 -22.60
C HIS E 30 10.16 4.07 -21.46
N ARG E 31 10.04 2.86 -20.91
CA ARG E 31 10.80 2.47 -19.74
C ARG E 31 12.23 2.31 -20.14
N THR E 32 12.45 1.59 -21.23
CA THR E 32 13.79 1.43 -21.75
C THR E 32 14.45 2.79 -21.99
N LEU E 33 13.79 3.63 -22.76
CA LEU E 33 14.36 4.92 -23.08
C LEU E 33 14.62 5.73 -21.81
N SER E 34 13.59 5.93 -20.99
CA SER E 34 13.71 6.71 -19.76
C SER E 34 14.98 6.38 -18.98
N LYS E 35 15.43 5.14 -19.11
CA LYS E 35 16.60 4.61 -18.42
C LYS E 35 17.90 5.37 -18.70
N ALA E 36 18.07 5.84 -19.93
CA ALA E 36 19.31 6.48 -20.30
C ALA E 36 19.43 7.92 -19.81
N VAL E 37 18.34 8.50 -19.33
CA VAL E 37 18.38 9.83 -18.72
C VAL E 37 17.75 9.78 -17.34
N SER E 38 17.75 8.58 -16.78
CA SER E 38 17.13 8.25 -15.50
C SER E 38 17.21 9.33 -14.44
N ARG E 39 18.43 9.67 -14.07
CA ARG E 39 18.68 10.71 -13.09
C ARG E 39 18.05 12.03 -13.48
N ALA E 40 18.45 12.55 -14.64
CA ALA E 40 17.89 13.82 -15.14
C ALA E 40 16.36 13.79 -15.03
N LEU E 41 15.76 12.69 -15.46
CA LEU E 41 14.33 12.50 -15.27
C LEU E 41 13.93 12.71 -13.83
N GLU E 42 14.51 11.92 -12.94
CA GLU E 42 14.14 11.99 -11.53
C GLU E 42 14.18 13.42 -11.06
N GLU E 43 15.28 14.09 -11.41
CA GLU E 43 15.55 15.44 -10.92
C GLU E 43 14.81 16.56 -11.67
N GLY E 44 13.84 16.19 -12.51
CA GLY E 44 13.04 17.18 -13.22
C GLY E 44 13.79 17.93 -14.32
N ARG E 45 14.85 17.32 -14.85
CA ARG E 45 15.71 17.97 -15.84
C ARG E 45 15.55 17.44 -17.25
N GLU E 46 14.49 16.67 -17.49
CA GLU E 46 14.29 16.02 -18.78
C GLU E 46 12.90 16.22 -19.36
N ARG E 47 12.84 16.25 -20.69
CA ARG E 47 11.61 15.99 -21.42
C ARG E 47 12.02 15.03 -22.49
N LEU E 48 11.92 13.76 -22.16
CA LEU E 48 12.31 12.75 -23.11
C LEU E 48 11.22 12.69 -24.18
N LEU E 49 11.63 12.54 -25.43
CA LEU E 49 10.68 12.40 -26.55
C LEU E 49 11.26 11.40 -27.56
N TRP E 50 10.40 10.77 -28.35
CA TRP E 50 10.88 9.83 -29.34
C TRP E 50 9.91 9.59 -30.48
N ARG E 51 10.43 8.98 -31.52
CA ARG E 51 9.57 8.61 -32.63
C ARG E 51 10.13 7.34 -33.21
N LEU E 52 9.26 6.40 -33.53
CA LEU E 52 9.64 5.25 -34.33
C LEU E 52 9.38 5.64 -35.77
N GLU E 53 10.41 5.65 -36.62
CA GLU E 53 10.25 5.99 -38.03
C GLU E 53 9.42 4.95 -38.78
N PRO E 54 8.72 5.36 -39.85
CA PRO E 54 7.91 4.38 -40.58
C PRO E 54 8.80 3.37 -41.30
N ALA E 55 8.32 2.14 -41.45
CA ALA E 55 9.13 1.06 -42.01
C ALA E 55 9.37 1.23 -43.48
N ARG E 56 10.63 1.49 -43.85
CA ARG E 56 10.99 1.46 -45.25
C ARG E 56 11.52 0.10 -45.61
N GLY E 57 10.79 -0.57 -46.51
CA GLY E 57 11.16 -1.86 -47.01
C GLY E 57 11.42 -2.85 -45.89
N LEU E 58 12.67 -3.28 -45.78
CA LEU E 58 13.02 -4.28 -44.80
C LEU E 58 14.18 -3.83 -43.92
N GLU E 59 14.25 -2.52 -43.69
CA GLU E 59 15.29 -1.96 -42.84
C GLU E 59 14.88 -2.08 -41.37
N PRO E 60 15.85 -2.33 -40.50
CA PRO E 60 15.56 -2.42 -39.08
C PRO E 60 14.73 -1.24 -38.61
N PRO E 61 14.00 -1.42 -37.50
CA PRO E 61 13.22 -0.31 -36.96
C PRO E 61 14.14 0.77 -36.42
N VAL E 62 13.74 2.02 -36.63
CA VAL E 62 14.56 3.13 -36.18
C VAL E 62 13.82 4.01 -35.19
N VAL E 63 14.52 4.38 -34.11
CA VAL E 63 13.92 5.19 -33.07
C VAL E 63 14.75 6.42 -32.86
N LEU E 64 14.21 7.56 -33.22
CA LEU E 64 14.85 8.82 -32.93
C LEU E 64 14.47 9.24 -31.53
N VAL E 65 15.48 9.63 -30.76
CA VAL E 65 15.21 10.10 -29.43
C VAL E 65 15.83 11.47 -29.14
N GLN E 66 14.98 12.38 -28.68
CA GLN E 66 15.43 13.71 -28.21
C GLN E 66 15.42 13.83 -26.70
N THR E 67 16.55 14.20 -26.12
CA THR E 67 16.65 14.43 -24.69
C THR E 67 17.23 15.80 -24.40
N LEU E 68 16.76 16.43 -23.34
CA LEU E 68 17.34 17.71 -22.90
C LEU E 68 18.71 17.54 -22.26
N THR E 69 19.09 16.30 -21.96
CA THR E 69 20.38 16.00 -21.32
C THR E 69 21.14 14.89 -22.04
N GLU E 70 22.45 14.88 -21.90
CA GLU E 70 23.23 13.84 -22.54
C GLU E 70 22.79 12.48 -22.02
N PRO E 71 22.41 11.59 -22.94
CA PRO E 71 21.93 10.25 -22.61
C PRO E 71 23.09 9.29 -22.53
N ASP E 72 22.89 8.20 -21.82
CA ASP E 72 23.88 7.15 -21.67
C ASP E 72 23.26 5.84 -22.14
N TRP E 73 23.66 5.37 -23.33
CA TRP E 73 23.04 4.17 -23.94
C TRP E 73 23.78 2.88 -23.60
N SER E 74 24.69 2.96 -22.64
CA SER E 74 25.36 1.77 -22.16
C SER E 74 24.37 0.94 -21.33
N VAL E 75 23.36 1.61 -20.79
CA VAL E 75 22.34 0.96 -19.97
C VAL E 75 21.53 -0.07 -20.76
N LEU E 76 21.81 -0.18 -22.04
CA LEU E 76 21.04 -1.03 -22.93
C LEU E 76 21.53 -2.45 -22.87
N ASP E 77 20.60 -3.40 -23.01
CA ASP E 77 21.01 -4.80 -23.10
C ASP E 77 21.92 -4.92 -24.29
N GLU E 78 22.81 -5.91 -24.25
CA GLU E 78 23.69 -6.18 -25.37
C GLU E 78 22.81 -6.57 -26.54
N GLY E 79 23.23 -6.21 -27.76
CA GLY E 79 22.52 -6.61 -28.96
C GLY E 79 21.05 -6.22 -28.97
N TYR E 80 20.75 -5.12 -28.30
CA TYR E 80 19.40 -4.55 -28.35
C TYR E 80 19.28 -3.60 -29.54
N ALA E 81 20.38 -2.99 -29.95
CA ALA E 81 20.36 -2.11 -31.10
C ALA E 81 21.74 -1.58 -31.46
N GLN E 82 21.94 -1.24 -32.73
CA GLN E 82 23.10 -0.43 -33.07
C GLN E 82 22.84 1.00 -32.62
N VAL E 83 23.78 1.55 -31.86
CA VAL E 83 23.66 2.87 -31.29
C VAL E 83 24.69 3.82 -31.91
N PHE E 84 24.30 5.08 -32.02
CA PHE E 84 25.01 6.08 -32.75
C PHE E 84 25.31 7.12 -31.74
N PRO E 85 26.47 7.70 -31.79
CA PRO E 85 26.76 8.67 -30.78
C PRO E 85 25.80 9.80 -30.83
N PRO E 86 25.27 10.16 -29.70
CA PRO E 86 24.24 11.15 -29.67
C PRO E 86 24.82 12.43 -30.20
N LYS E 87 23.99 13.35 -30.66
CA LYS E 87 24.50 14.62 -31.15
C LYS E 87 24.04 15.78 -30.30
N PRO E 88 24.98 16.50 -29.71
CA PRO E 88 24.54 17.74 -29.08
C PRO E 88 24.14 18.66 -30.23
N PHE E 89 23.22 19.58 -30.01
CA PHE E 89 22.87 20.54 -31.05
C PHE E 89 22.04 21.68 -30.48
N HIS E 90 22.35 22.89 -30.91
CA HIS E 90 21.45 23.99 -30.72
C HIS E 90 20.83 24.25 -32.07
N PRO E 91 19.51 24.39 -32.11
CA PRO E 91 18.82 24.60 -33.37
C PRO E 91 19.25 25.95 -33.88
N ALA E 92 19.26 26.15 -35.19
CA ALA E 92 19.65 27.44 -35.76
C ALA E 92 18.74 28.57 -35.27
N LEU E 93 17.48 28.51 -35.68
CA LEU E 93 16.43 29.45 -35.24
C LEU E 93 16.65 30.97 -35.47
N LYS E 94 16.98 31.33 -36.70
CA LYS E 94 16.89 32.72 -37.12
C LYS E 94 15.45 33.06 -37.52
N PRO E 95 15.00 34.29 -37.25
CA PRO E 95 13.66 34.68 -37.67
C PRO E 95 13.47 34.39 -39.15
N GLY E 96 12.24 34.09 -39.56
CA GLY E 96 11.94 33.78 -40.94
C GLY E 96 12.66 32.55 -41.48
N GLN E 97 13.63 32.07 -40.71
CA GLN E 97 14.39 30.90 -41.13
C GLN E 97 13.42 29.78 -41.51
N ARG E 98 13.58 29.22 -42.70
CA ARG E 98 12.68 28.17 -43.16
C ARG E 98 13.20 26.80 -42.81
N LEU E 99 12.32 25.94 -42.34
CA LEU E 99 12.73 24.57 -42.04
C LEU E 99 11.68 23.58 -42.51
N ARG E 100 12.13 22.36 -42.80
CA ARG E 100 11.22 21.24 -42.94
C ARG E 100 10.98 20.65 -41.55
N PHE E 101 9.92 19.86 -41.41
CA PHE E 101 9.53 19.35 -40.11
C PHE E 101 8.67 18.11 -40.25
N ARG E 102 8.91 17.14 -39.37
CA ARG E 102 8.10 15.95 -39.27
C ARG E 102 7.62 15.84 -37.82
N LEU E 103 6.35 15.46 -37.63
CA LEU E 103 5.78 15.31 -36.29
C LEU E 103 4.69 14.25 -36.22
N ARG E 104 4.87 13.25 -35.38
CA ARG E 104 3.82 12.30 -35.06
C ARG E 104 3.14 12.77 -33.78
N ALA E 105 1.85 13.10 -33.86
CA ALA E 105 1.12 13.72 -32.75
C ALA E 105 -0.29 13.19 -32.58
N ASN E 106 -0.97 13.65 -31.52
CA ASN E 106 -2.38 13.33 -31.28
C ASN E 106 -3.24 14.60 -31.27
N PRO E 107 -3.66 15.08 -32.45
CA PRO E 107 -4.51 16.27 -32.45
C PRO E 107 -5.73 16.05 -31.57
N ALA E 108 -5.93 16.94 -30.60
CA ALA E 108 -6.95 16.76 -29.56
C ALA E 108 -7.47 18.06 -29.01
N LYS E 109 -8.62 17.95 -28.36
CA LYS E 109 -9.18 19.04 -27.60
C LYS E 109 -9.88 18.47 -26.39
N ARG E 110 -10.11 19.31 -25.40
CA ARG E 110 -10.94 18.89 -24.28
C ARG E 110 -12.36 19.37 -24.52
N LEU E 111 -13.26 18.45 -24.78
CA LEU E 111 -14.68 18.76 -24.92
C LEU E 111 -15.17 19.57 -23.73
N ALA E 112 -15.73 20.75 -24.01
CA ALA E 112 -16.30 21.59 -22.97
C ALA E 112 -17.53 20.93 -22.34
N ALA E 113 -18.08 19.96 -23.06
CA ALA E 113 -19.30 19.27 -22.65
C ALA E 113 -19.08 18.07 -21.71
N THR E 114 -18.21 17.14 -22.09
CA THR E 114 -17.97 15.95 -21.26
C THR E 114 -16.78 16.13 -20.33
N GLY E 115 -16.13 17.28 -20.42
CA GLY E 115 -14.85 17.48 -19.76
C GLY E 115 -13.75 16.56 -20.28
N LYS E 116 -14.07 15.76 -21.30
CA LYS E 116 -13.10 14.77 -21.77
C LYS E 116 -12.37 15.17 -23.05
N ARG E 117 -11.10 14.79 -23.13
CA ARG E 117 -10.22 15.12 -24.24
C ARG E 117 -10.44 14.11 -25.39
N VAL E 118 -10.66 14.61 -26.60
CA VAL E 118 -10.99 13.73 -27.72
C VAL E 118 -10.10 13.94 -28.96
N ALA E 119 -10.02 12.92 -29.81
CA ALA E 119 -9.31 13.07 -31.07
C ALA E 119 -10.08 14.06 -31.95
N LEU E 120 -9.36 14.82 -32.77
CA LEU E 120 -10.00 15.62 -33.79
C LEU E 120 -10.39 14.68 -34.92
N LYS E 121 -11.49 14.98 -35.60
CA LYS E 121 -12.03 14.05 -36.60
C LYS E 121 -11.47 14.21 -38.03
N THR E 122 -11.47 15.42 -38.56
CA THR E 122 -11.12 15.65 -39.96
C THR E 122 -9.70 16.18 -40.18
N PRO E 123 -9.18 15.99 -41.40
CA PRO E 123 -7.83 16.45 -41.77
C PRO E 123 -7.66 17.95 -41.55
N ALA E 124 -8.62 18.77 -41.99
CA ALA E 124 -8.54 20.19 -41.69
C ALA E 124 -8.45 20.40 -40.17
N GLU E 125 -9.27 19.67 -39.41
CA GLU E 125 -9.28 19.83 -37.97
C GLU E 125 -7.91 19.53 -37.38
N LYS E 126 -7.29 18.45 -37.83
CA LYS E 126 -5.97 18.10 -37.34
C LYS E 126 -4.97 19.16 -37.79
N VAL E 127 -5.10 19.58 -39.05
CA VAL E 127 -4.17 20.57 -39.57
C VAL E 127 -4.32 21.86 -38.80
N ALA E 128 -5.57 22.23 -38.55
CA ALA E 128 -5.81 23.46 -37.82
C ALA E 128 -5.12 23.38 -36.47
N TRP E 129 -5.36 22.29 -35.76
CA TRP E 129 -4.73 22.04 -34.47
C TRP E 129 -3.24 22.35 -34.56
N LEU E 130 -2.59 21.67 -35.50
CA LEU E 130 -1.18 21.86 -35.81
C LEU E 130 -0.77 23.32 -35.93
N GLU E 131 -1.46 24.07 -36.79
CA GLU E 131 -1.11 25.48 -37.01
C GLU E 131 -1.29 26.29 -35.74
N ARG E 132 -2.33 25.96 -34.98
CA ARG E 132 -2.58 26.67 -33.76
C ARG E 132 -1.44 26.36 -32.82
N ARG E 133 -0.98 25.10 -32.82
CA ARG E 133 0.08 24.77 -31.88
C ARG E 133 1.34 25.52 -32.29
N LEU E 134 1.69 25.42 -33.57
CA LEU E 134 2.88 26.07 -34.07
C LEU E 134 2.88 27.58 -33.88
N GLU E 135 1.73 28.22 -34.05
CA GLU E 135 1.73 29.67 -34.00
C GLU E 135 1.87 30.17 -32.58
N GLU E 136 1.30 29.43 -31.64
CA GLU E 136 1.49 29.73 -30.24
C GLU E 136 2.89 29.25 -29.91
N GLY E 137 3.34 28.23 -30.62
CA GLY E 137 4.67 27.69 -30.43
C GLY E 137 5.84 28.57 -30.90
N GLY E 138 5.55 29.68 -31.56
CA GLY E 138 6.60 30.54 -32.09
C GLY E 138 6.88 30.40 -33.59
N PHE E 139 6.33 29.36 -34.20
CA PHE E 139 6.56 29.09 -35.62
C PHE E 139 5.39 29.51 -36.49
N ARG E 140 5.64 29.61 -37.79
CA ARG E 140 4.53 29.77 -38.70
C ARG E 140 4.59 28.72 -39.77
N LEU E 141 3.43 28.22 -40.17
CA LEU E 141 3.37 27.22 -41.21
C LEU E 141 3.53 27.95 -42.54
N LEU E 142 4.38 27.42 -43.41
CA LEU E 142 4.57 28.02 -44.73
C LEU E 142 3.37 27.70 -45.62
N GLU E 143 2.75 28.75 -46.13
CA GLU E 143 1.58 28.58 -46.99
C GLU E 143 2.01 28.47 -48.44
N GLY E 144 2.11 27.24 -48.94
CA GLY E 144 2.28 27.03 -50.37
C GLY E 144 0.97 27.42 -51.04
N GLU E 145 0.76 26.95 -52.26
CA GLU E 145 -0.54 27.13 -52.89
C GLU E 145 -0.74 26.16 -54.03
N ARG E 146 -1.91 25.53 -54.05
CA ARG E 146 -2.93 25.76 -53.05
C ARG E 146 -2.61 25.11 -51.69
N GLY E 147 -3.22 25.64 -50.63
CA GLY E 147 -3.16 25.04 -49.32
C GLY E 147 -1.91 25.26 -48.48
N PRO E 148 -1.98 24.88 -47.22
CA PRO E 148 -0.81 24.99 -46.34
C PRO E 148 0.23 23.98 -46.74
N TRP E 149 1.51 24.36 -46.65
CA TRP E 149 2.58 23.48 -47.08
C TRP E 149 2.83 22.38 -46.04
N VAL E 150 2.00 21.36 -46.08
CA VAL E 150 1.97 20.33 -45.07
C VAL E 150 1.04 19.25 -45.53
N GLN E 151 1.43 18.01 -45.29
CA GLN E 151 0.67 16.85 -45.70
C GLN E 151 0.53 15.89 -44.53
N ILE E 152 -0.52 15.08 -44.52
CA ILE E 152 -0.67 14.02 -43.54
C ILE E 152 -0.17 12.68 -44.11
N LEU E 153 1.10 12.36 -43.85
CA LEU E 153 1.74 11.12 -44.31
C LEU E 153 1.07 9.85 -43.82
N GLN E 154 0.38 9.90 -42.69
CA GLN E 154 -0.30 8.69 -42.18
C GLN E 154 -1.17 8.96 -40.95
N ASP E 155 -2.14 8.08 -40.74
CA ASP E 155 -3.14 8.28 -39.70
C ASP E 155 -3.73 6.96 -39.21
N THR E 156 -3.14 6.42 -38.15
CA THR E 156 -3.68 5.20 -37.56
C THR E 156 -3.75 5.30 -36.04
N PHE E 157 -4.27 4.24 -35.43
CA PHE E 157 -4.29 4.15 -33.99
C PHE E 157 -3.09 3.36 -33.47
N LEU E 158 -2.65 3.70 -32.26
CA LEU E 158 -1.64 2.96 -31.51
C LEU E 158 -2.23 2.19 -30.33
N GLU E 159 -1.96 0.87 -30.28
CA GLU E 159 -2.33 0.02 -29.14
C GLU E 159 -1.57 0.58 -27.93
N VAL E 160 -2.29 1.01 -26.89
CA VAL E 160 -1.66 1.50 -25.65
C VAL E 160 -1.72 0.47 -24.51
N ARG E 161 -2.94 0.09 -24.16
CA ARG E 161 -3.17 -0.89 -23.11
C ARG E 161 -4.61 -1.41 -23.11
N ARG E 162 -4.84 -2.48 -22.34
CA ARG E 162 -6.10 -3.19 -22.34
C ARG E 162 -7.13 -2.63 -21.33
N LYS E 163 -6.88 -2.76 -20.04
CA LYS E 163 -7.89 -2.40 -19.02
C LYS E 163 -8.79 -3.54 -18.51
N GLY E 166 -14.58 -7.99 -16.25
CA GLY E 166 -13.80 -7.93 -15.02
C GLY E 166 -12.57 -8.80 -15.08
N GLU E 167 -12.77 -10.12 -15.12
CA GLU E 167 -11.67 -11.08 -15.27
C GLU E 167 -11.53 -11.48 -16.73
N GLU E 168 -12.28 -10.81 -17.60
CA GLU E 168 -12.18 -11.06 -19.02
C GLU E 168 -11.44 -9.91 -19.70
N ALA E 169 -10.65 -10.22 -20.72
CA ALA E 169 -10.06 -9.18 -21.55
C ALA E 169 -11.11 -8.14 -21.99
N GLY E 170 -10.79 -6.86 -21.85
CA GLY E 170 -11.72 -5.78 -22.13
C GLY E 170 -11.41 -4.92 -23.35
N LYS E 171 -12.02 -3.73 -23.39
CA LYS E 171 -11.82 -2.80 -24.50
C LYS E 171 -10.36 -2.43 -24.58
N LEU E 172 -9.89 -2.11 -25.78
CA LEU E 172 -8.50 -1.74 -25.93
C LEU E 172 -8.43 -0.23 -25.86
N LEU E 173 -7.37 0.27 -25.26
CA LEU E 173 -7.12 1.70 -25.23
C LEU E 173 -6.09 2.02 -26.31
N GLN E 174 -6.35 3.08 -27.06
CA GLN E 174 -5.67 3.34 -28.32
C GLN E 174 -5.61 4.82 -28.59
N VAL E 175 -4.60 5.28 -29.32
CA VAL E 175 -4.56 6.71 -29.64
C VAL E 175 -4.42 7.03 -31.13
N GLN E 176 -5.23 7.94 -31.63
CA GLN E 176 -5.09 8.36 -33.04
C GLN E 176 -3.77 9.09 -33.21
N ALA E 177 -2.85 8.48 -33.95
CA ALA E 177 -1.53 9.03 -34.23
C ALA E 177 -1.45 9.59 -35.67
N VAL E 178 -1.22 10.89 -35.76
CA VAL E 178 -1.20 11.59 -37.05
C VAL E 178 0.22 12.01 -37.33
N LEU E 179 0.80 11.51 -38.41
CA LEU E 179 2.14 11.95 -38.78
C LEU E 179 2.08 13.03 -39.84
N PHE E 180 2.28 14.28 -39.44
CA PHE E 180 2.36 15.40 -40.38
C PHE E 180 3.79 15.53 -40.90
N GLU E 181 3.94 15.94 -42.15
CA GLU E 181 5.24 16.28 -42.75
C GLU E 181 5.04 17.58 -43.54
N GLY E 182 5.98 18.53 -43.46
CA GLY E 182 5.78 19.82 -44.11
C GLY E 182 6.93 20.81 -44.09
N ARG E 183 6.60 22.10 -44.23
CA ARG E 183 7.61 23.16 -44.11
C ARG E 183 7.06 24.36 -43.37
N LEU E 184 7.94 25.05 -42.64
CA LEU E 184 7.54 26.18 -41.81
C LEU E 184 8.68 27.16 -41.60
N GLU E 185 8.34 28.36 -41.11
CA GLU E 185 9.35 29.35 -40.76
C GLU E 185 9.31 29.73 -39.27
N VAL E 186 10.45 30.17 -38.76
CA VAL E 186 10.56 30.61 -37.38
C VAL E 186 10.08 32.05 -37.24
N VAL E 187 9.08 32.28 -36.41
CA VAL E 187 8.61 33.64 -36.17
C VAL E 187 9.28 34.21 -34.92
N ASP E 188 9.28 33.41 -33.86
CA ASP E 188 9.89 33.80 -32.61
C ASP E 188 10.83 32.70 -32.15
N PRO E 189 12.15 32.93 -32.30
CA PRO E 189 13.16 31.89 -32.09
C PRO E 189 13.16 31.36 -30.66
N GLU E 190 13.33 32.26 -29.71
CA GLU E 190 13.39 31.90 -28.30
C GLU E 190 12.20 31.04 -27.90
N ARG E 191 11.01 31.47 -28.30
CA ARG E 191 9.78 30.72 -28.07
C ARG E 191 9.78 29.44 -28.92
N ALA E 192 10.42 29.50 -30.08
CA ALA E 192 10.43 28.37 -30.99
C ALA E 192 11.30 27.26 -30.41
N LEU E 193 12.41 27.65 -29.80
CA LEU E 193 13.33 26.72 -29.14
C LEU E 193 12.63 26.07 -27.94
N ALA E 194 12.02 26.91 -27.12
CA ALA E 194 11.13 26.43 -26.08
C ALA E 194 10.25 25.32 -26.62
N THR E 195 9.50 25.60 -27.68
CA THR E 195 8.58 24.63 -28.26
C THR E 195 9.25 23.32 -28.66
N LEU E 196 10.40 23.37 -29.30
CA LEU E 196 11.09 22.11 -29.63
C LEU E 196 11.48 21.33 -28.38
N ARG E 197 11.79 22.05 -27.30
CA ARG E 197 12.27 21.43 -26.07
C ARG E 197 11.15 20.78 -25.25
N ARG E 198 9.92 21.23 -25.48
CA ARG E 198 8.76 20.64 -24.86
C ARG E 198 8.23 19.47 -25.64
N GLY E 199 8.25 19.63 -26.95
CA GLY E 199 7.54 18.75 -27.85
C GLY E 199 6.12 19.26 -27.87
N VAL E 200 5.29 18.58 -28.65
CA VAL E 200 3.96 19.09 -28.99
C VAL E 200 2.87 18.06 -28.87
N GLY E 201 1.87 18.37 -28.06
CA GLY E 201 0.68 17.56 -27.99
C GLY E 201 0.82 16.38 -27.07
N PRO E 202 -0.30 15.74 -26.76
CA PRO E 202 -0.32 14.59 -25.84
C PRO E 202 0.43 13.38 -26.38
N GLY E 203 0.63 12.37 -25.56
CA GLY E 203 1.22 11.13 -26.03
C GLY E 203 2.73 11.14 -25.94
N LYS E 204 3.31 12.16 -25.34
CA LYS E 204 4.76 12.19 -25.20
C LYS E 204 5.26 10.86 -24.63
N ALA E 205 4.47 10.18 -23.80
CA ALA E 205 4.93 8.94 -23.18
C ALA E 205 4.81 7.70 -24.07
N LEU E 206 4.36 7.88 -25.31
CA LEU E 206 4.05 6.79 -26.21
C LEU E 206 4.77 6.93 -27.56
N GLY E 207 5.56 7.97 -27.71
CA GLY E 207 6.30 8.18 -28.95
C GLY E 207 5.65 9.19 -29.89
N LEU E 208 4.69 9.92 -29.36
CA LEU E 208 4.11 11.07 -30.00
C LEU E 208 4.76 12.33 -29.44
N GLY E 209 4.60 13.44 -30.17
CA GLY E 209 4.92 14.77 -29.70
C GLY E 209 6.29 15.32 -30.06
N LEU E 210 7.09 14.53 -30.76
CA LEU E 210 8.43 14.99 -31.15
C LEU E 210 8.40 15.74 -32.49
N LEU E 211 8.57 17.05 -32.42
CA LEU E 211 8.61 17.93 -33.58
C LEU E 211 10.04 18.10 -34.02
N SER E 212 10.43 17.34 -35.03
CA SER E 212 11.78 17.47 -35.55
C SER E 212 11.84 18.37 -36.78
N VAL E 213 12.85 19.22 -36.82
CA VAL E 213 12.95 20.18 -37.90
C VAL E 213 14.33 20.15 -38.54
N ALA E 214 14.39 20.43 -39.84
CA ALA E 214 15.63 20.41 -40.61
C ALA E 214 15.38 20.87 -42.05
N PRO E 215 16.45 21.19 -42.79
CA PRO E 215 16.30 21.36 -44.24
C PRO E 215 16.98 20.21 -44.97
N ALA G 4 -23.28 -20.54 -20.29
CA ALA G 4 -24.66 -20.28 -19.89
C ALA G 4 -24.84 -20.30 -18.36
N MET G 5 -26.06 -20.08 -17.91
CA MET G 5 -26.48 -20.51 -16.59
C MET G 5 -27.53 -21.61 -16.75
N TRP G 6 -27.58 -22.57 -15.85
CA TRP G 6 -28.52 -23.68 -16.04
C TRP G 6 -29.65 -23.78 -15.03
N LEU G 7 -30.87 -23.83 -15.56
CA LEU G 7 -32.03 -24.03 -14.75
C LEU G 7 -32.49 -25.44 -14.97
N THR G 8 -32.78 -26.17 -13.91
CA THR G 8 -33.21 -27.55 -14.09
C THR G 8 -34.38 -27.85 -13.17
N LYS G 9 -35.44 -28.38 -13.74
CA LYS G 9 -36.59 -28.66 -12.92
C LYS G 9 -36.72 -30.18 -12.74
N LEU G 10 -36.91 -30.62 -11.50
CA LEU G 10 -37.00 -32.05 -11.22
C LEU G 10 -38.27 -32.39 -10.44
N VAL G 11 -38.93 -33.50 -10.80
CA VAL G 11 -40.08 -33.91 -10.02
C VAL G 11 -39.83 -35.28 -9.43
N LEU G 12 -39.80 -35.33 -8.10
CA LEU G 12 -39.33 -36.53 -7.42
C LEU G 12 -40.40 -37.58 -7.26
N ASN G 13 -40.02 -38.81 -7.55
CA ASN G 13 -40.90 -39.94 -7.41
C ASN G 13 -40.86 -40.36 -5.93
N PRO G 14 -41.90 -39.99 -5.18
CA PRO G 14 -41.82 -40.27 -3.74
C PRO G 14 -41.80 -41.77 -3.45
N ALA G 15 -41.93 -42.59 -4.49
CA ALA G 15 -41.82 -44.03 -4.33
C ALA G 15 -40.36 -44.49 -4.30
N SER G 16 -39.46 -43.64 -4.80
CA SER G 16 -38.03 -43.91 -4.70
C SER G 16 -37.53 -43.71 -3.26
N ARG G 17 -36.74 -44.66 -2.78
CA ARG G 17 -36.17 -44.54 -1.45
C ARG G 17 -35.03 -43.53 -1.47
N ALA G 18 -34.48 -43.30 -2.67
CA ALA G 18 -33.46 -42.28 -2.88
C ALA G 18 -34.09 -40.89 -2.74
N ALA G 19 -35.20 -40.68 -3.43
CA ALA G 19 -35.92 -39.44 -3.34
C ALA G 19 -36.22 -39.12 -1.88
N ARG G 20 -36.74 -40.12 -1.17
CA ARG G 20 -37.18 -39.93 0.21
C ARG G 20 -36.02 -39.61 1.16
N ARG G 21 -34.81 -39.97 0.73
CA ARG G 21 -33.61 -39.75 1.53
C ARG G 21 -33.13 -38.32 1.39
N ASP G 22 -33.27 -37.78 0.19
CA ASP G 22 -32.86 -36.40 -0.08
C ASP G 22 -33.87 -35.39 0.42
N LEU G 23 -35.14 -35.75 0.35
CA LEU G 23 -36.19 -34.86 0.82
C LEU G 23 -36.14 -34.79 2.34
N ALA G 24 -35.60 -35.84 2.94
CA ALA G 24 -35.60 -35.94 4.39
C ALA G 24 -34.31 -35.40 4.99
N ASN G 25 -33.35 -35.07 4.14
CA ASN G 25 -32.06 -34.62 4.62
C ASN G 25 -31.28 -33.82 3.58
N PRO G 26 -31.38 -32.47 3.66
CA PRO G 26 -30.74 -31.50 2.79
C PRO G 26 -29.32 -31.86 2.40
N TYR G 27 -28.53 -32.31 3.35
CA TYR G 27 -27.17 -32.72 3.05
C TYR G 27 -27.12 -33.79 1.93
N GLU G 28 -28.02 -34.78 2.02
CA GLU G 28 -28.09 -35.86 1.03
C GLU G 28 -28.62 -35.35 -0.30
N MET G 29 -29.65 -34.52 -0.22
CA MET G 29 -30.14 -33.81 -1.40
C MET G 29 -28.99 -33.03 -2.01
N HIS G 30 -28.18 -32.41 -1.17
CA HIS G 30 -27.06 -31.59 -1.65
C HIS G 30 -26.06 -32.45 -2.42
N ARG G 31 -25.71 -33.58 -1.84
CA ARG G 31 -24.84 -34.60 -2.43
C ARG G 31 -25.36 -35.12 -3.77
N THR G 32 -26.59 -35.61 -3.74
CA THR G 32 -27.25 -36.06 -4.95
C THR G 32 -27.14 -35.02 -6.07
N LEU G 33 -27.51 -33.78 -5.79
CA LEU G 33 -27.53 -32.76 -6.84
C LEU G 33 -26.13 -32.43 -7.30
N SER G 34 -25.19 -32.40 -6.37
CA SER G 34 -23.81 -32.07 -6.71
C SER G 34 -23.25 -33.06 -7.71
N LYS G 35 -23.77 -34.28 -7.64
CA LYS G 35 -23.25 -35.35 -8.46
C LYS G 35 -23.39 -34.93 -9.91
N ALA G 36 -24.39 -34.11 -10.21
CA ALA G 36 -24.68 -33.71 -11.60
C ALA G 36 -23.72 -32.69 -12.18
N VAL G 37 -22.71 -32.29 -11.41
CA VAL G 37 -21.79 -31.28 -11.90
C VAL G 37 -20.53 -31.33 -11.06
N SER G 38 -20.16 -32.57 -10.72
CA SER G 38 -19.04 -32.86 -9.83
C SER G 38 -17.70 -32.36 -10.34
N ARG G 39 -17.44 -32.51 -11.63
CA ARG G 39 -16.12 -32.13 -12.07
C ARG G 39 -15.97 -30.63 -11.87
N ALA G 40 -16.89 -29.87 -12.45
CA ALA G 40 -16.84 -28.42 -12.33
C ALA G 40 -16.70 -28.01 -10.86
N LEU G 41 -17.56 -28.54 -10.01
CA LEU G 41 -17.42 -28.27 -8.59
C LEU G 41 -15.98 -28.48 -8.13
N GLU G 42 -15.32 -29.51 -8.66
CA GLU G 42 -13.95 -29.84 -8.23
C GLU G 42 -12.96 -28.76 -8.63
N GLU G 43 -13.30 -28.01 -9.66
CA GLU G 43 -12.37 -27.06 -10.22
C GLU G 43 -12.65 -25.69 -9.68
N GLY G 44 -13.66 -25.60 -8.83
CA GLY G 44 -14.11 -24.30 -8.34
C GLY G 44 -14.76 -23.53 -9.46
N ARG G 45 -15.36 -24.23 -10.41
CA ARG G 45 -16.03 -23.58 -11.51
C ARG G 45 -17.54 -23.52 -11.32
N GLU G 46 -17.99 -23.58 -10.07
CA GLU G 46 -19.40 -23.84 -9.85
C GLU G 46 -19.93 -23.18 -8.57
N ARG G 47 -21.21 -22.80 -8.59
CA ARG G 47 -21.95 -22.42 -7.40
C ARG G 47 -23.36 -22.99 -7.54
N LEU G 48 -23.59 -24.15 -6.93
CA LEU G 48 -24.88 -24.83 -7.03
C LEU G 48 -25.89 -24.24 -6.03
N LEU G 49 -27.13 -24.08 -6.49
CA LEU G 49 -28.18 -23.50 -5.67
C LEU G 49 -29.44 -24.26 -5.97
N TRP G 50 -30.32 -24.42 -4.99
CA TRP G 50 -31.51 -25.20 -5.22
C TRP G 50 -32.57 -24.82 -4.22
N ARG G 51 -33.82 -24.96 -4.66
CA ARG G 51 -34.98 -24.74 -3.81
C ARG G 51 -36.00 -25.85 -4.03
N LEU G 52 -36.45 -26.45 -2.95
CA LEU G 52 -37.55 -27.39 -2.95
C LEU G 52 -38.87 -26.63 -2.91
N GLU G 53 -39.50 -26.43 -4.07
CA GLU G 53 -40.82 -25.77 -4.13
C GLU G 53 -41.84 -26.39 -3.19
N PRO G 54 -42.64 -25.54 -2.53
CA PRO G 54 -43.59 -26.01 -1.52
C PRO G 54 -44.55 -27.07 -2.04
N PRO G 60 -46.52 -33.07 -6.67
CA PRO G 60 -45.54 -33.81 -5.87
C PRO G 60 -44.34 -32.92 -5.57
N PRO G 61 -43.30 -33.47 -4.93
CA PRO G 61 -42.22 -32.58 -4.51
C PRO G 61 -41.47 -32.08 -5.71
N VAL G 62 -41.34 -30.77 -5.85
CA VAL G 62 -40.66 -30.19 -7.00
C VAL G 62 -39.36 -29.53 -6.55
N VAL G 63 -38.32 -29.62 -7.37
CA VAL G 63 -37.01 -29.09 -6.98
C VAL G 63 -36.31 -28.35 -8.13
N LEU G 64 -36.01 -27.07 -7.93
CA LEU G 64 -35.34 -26.29 -8.94
C LEU G 64 -33.85 -26.25 -8.66
N VAL G 65 -33.05 -26.32 -9.73
CA VAL G 65 -31.61 -26.39 -9.57
C VAL G 65 -30.90 -25.42 -10.51
N GLN G 66 -29.99 -24.63 -9.97
CA GLN G 66 -29.26 -23.67 -10.78
C GLN G 66 -27.77 -23.90 -10.68
N THR G 67 -27.13 -24.00 -11.85
CA THR G 67 -25.71 -24.29 -11.91
C THR G 67 -25.11 -23.25 -12.81
N LEU G 68 -23.88 -22.86 -12.52
CA LEU G 68 -23.12 -21.95 -13.36
C LEU G 68 -22.53 -22.66 -14.57
N THR G 69 -22.68 -23.97 -14.63
CA THR G 69 -22.20 -24.73 -15.76
C THR G 69 -23.09 -25.94 -16.00
N GLU G 70 -23.20 -26.34 -17.26
CA GLU G 70 -24.16 -27.37 -17.67
C GLU G 70 -24.12 -28.64 -16.86
N PRO G 71 -25.28 -29.07 -16.35
CA PRO G 71 -25.42 -30.28 -15.52
C PRO G 71 -25.53 -31.58 -16.32
N ASP G 72 -25.30 -32.71 -15.66
CA ASP G 72 -25.52 -34.03 -16.27
C ASP G 72 -26.44 -34.90 -15.43
N TRP G 73 -27.70 -35.00 -15.84
CA TRP G 73 -28.72 -35.52 -14.95
C TRP G 73 -28.96 -37.02 -15.14
N SER G 74 -28.19 -37.62 -16.03
CA SER G 74 -28.20 -39.07 -16.19
C SER G 74 -27.53 -39.64 -14.97
N VAL G 75 -26.72 -38.79 -14.33
CA VAL G 75 -26.07 -39.14 -13.09
C VAL G 75 -27.09 -39.63 -12.06
N LEU G 76 -28.35 -39.23 -12.21
CA LEU G 76 -29.37 -39.70 -11.29
C LEU G 76 -29.69 -41.19 -11.45
N ASP G 77 -30.25 -41.77 -10.40
CA ASP G 77 -30.71 -43.14 -10.44
C ASP G 77 -31.83 -43.30 -11.42
N GLU G 78 -32.47 -44.47 -11.36
CA GLU G 78 -33.66 -44.73 -12.14
C GLU G 78 -34.85 -44.71 -11.20
N GLY G 79 -35.91 -44.05 -11.61
CA GLY G 79 -37.07 -43.86 -10.77
C GLY G 79 -36.89 -42.66 -9.85
N TYR G 80 -35.67 -42.14 -9.78
CA TYR G 80 -35.34 -41.06 -8.85
C TYR G 80 -36.28 -39.92 -9.10
N ALA G 81 -36.25 -39.39 -10.31
CA ALA G 81 -37.09 -38.26 -10.63
C ALA G 81 -37.48 -38.22 -12.10
N GLN G 82 -38.59 -37.55 -12.37
CA GLN G 82 -38.89 -37.13 -13.72
C GLN G 82 -38.09 -35.86 -13.89
N VAL G 83 -37.34 -35.73 -14.99
CA VAL G 83 -36.52 -34.54 -15.15
C VAL G 83 -36.72 -33.82 -16.48
N PHE G 84 -36.87 -32.51 -16.36
CA PHE G 84 -37.15 -31.67 -17.49
C PHE G 84 -35.85 -31.18 -18.04
N PRO G 85 -35.88 -30.76 -19.31
CA PRO G 85 -34.71 -30.27 -20.04
C PRO G 85 -34.00 -29.16 -19.30
N PRO G 86 -32.74 -29.39 -18.92
CA PRO G 86 -31.98 -28.25 -18.42
C PRO G 86 -31.96 -27.10 -19.42
N LYS G 87 -32.69 -26.03 -19.14
CA LYS G 87 -32.65 -24.91 -20.02
C LYS G 87 -31.55 -23.95 -19.58
N PRO G 88 -30.74 -23.51 -20.54
CA PRO G 88 -29.67 -22.54 -20.32
C PRO G 88 -30.25 -21.15 -20.44
N PHE G 89 -29.46 -20.16 -20.06
CA PHE G 89 -29.82 -18.74 -20.19
C PHE G 89 -28.62 -17.91 -19.80
N HIS G 90 -28.68 -16.63 -20.18
CA HIS G 90 -27.53 -15.76 -20.12
C HIS G 90 -28.02 -14.33 -19.95
N PRO G 91 -28.31 -13.94 -18.70
CA PRO G 91 -28.88 -12.63 -18.36
C PRO G 91 -28.09 -11.47 -18.95
N ALA G 92 -28.77 -10.34 -19.13
CA ALA G 92 -28.14 -9.15 -19.64
C ALA G 92 -28.94 -7.96 -19.14
N LEU G 93 -29.26 -8.01 -17.86
CA LEU G 93 -30.16 -7.07 -17.19
C LEU G 93 -29.83 -5.61 -17.51
N LYS G 94 -30.85 -4.75 -17.46
CA LYS G 94 -30.60 -3.33 -17.62
C LYS G 94 -31.37 -2.51 -16.58
N PRO G 95 -30.90 -1.30 -16.30
CA PRO G 95 -31.54 -0.46 -15.29
C PRO G 95 -33.04 -0.30 -15.53
N GLY G 96 -33.82 -0.34 -14.45
CA GLY G 96 -35.24 -0.07 -14.56
C GLY G 96 -36.03 -1.32 -14.79
N GLN G 97 -35.41 -2.30 -15.42
CA GLN G 97 -36.05 -3.58 -15.64
C GLN G 97 -36.67 -4.14 -14.34
N ARG G 98 -37.97 -4.45 -14.37
CA ARG G 98 -38.67 -4.99 -13.20
C ARG G 98 -38.78 -6.51 -13.31
N LEU G 99 -38.80 -7.22 -12.19
CA LEU G 99 -38.91 -8.68 -12.18
C LEU G 99 -39.71 -9.21 -10.99
N ARG G 100 -40.40 -10.33 -11.18
CA ARG G 100 -40.94 -11.07 -10.05
C ARG G 100 -39.78 -11.88 -9.46
N PHE G 101 -39.79 -12.12 -8.15
CA PHE G 101 -38.72 -12.89 -7.55
C PHE G 101 -39.19 -13.82 -6.45
N ARG G 102 -38.42 -14.87 -6.25
CA ARG G 102 -38.72 -15.83 -5.22
C ARG G 102 -37.40 -16.28 -4.58
N LEU G 103 -37.35 -16.24 -3.26
CA LEU G 103 -36.13 -16.54 -2.53
C LEU G 103 -36.46 -17.18 -1.19
N ARG G 104 -35.83 -18.33 -0.97
CA ARG G 104 -35.91 -19.04 0.28
C ARG G 104 -34.57 -18.83 0.98
N ALA G 105 -34.61 -18.14 2.11
CA ALA G 105 -33.38 -17.65 2.71
C ALA G 105 -33.46 -17.80 4.21
N ASN G 106 -32.34 -17.52 4.87
CA ASN G 106 -32.27 -17.53 6.32
C ASN G 106 -31.70 -16.20 6.78
N PRO G 107 -32.58 -15.22 7.01
CA PRO G 107 -32.18 -13.88 7.45
C PRO G 107 -31.42 -13.92 8.78
N ALA G 108 -30.22 -13.35 8.82
CA ALA G 108 -29.32 -13.52 9.96
C ALA G 108 -28.55 -12.25 10.29
N LYS G 109 -27.91 -12.25 11.46
CA LYS G 109 -26.92 -11.25 11.84
C LYS G 109 -25.99 -11.91 12.84
N ARG G 110 -24.71 -11.53 12.81
CA ARG G 110 -23.77 -12.08 13.77
C ARG G 110 -23.70 -11.11 14.91
N LEU G 111 -24.20 -11.52 16.08
CA LEU G 111 -24.17 -10.63 17.23
C LEU G 111 -22.73 -10.25 17.53
N ALA G 112 -22.48 -8.97 17.77
CA ALA G 112 -21.14 -8.59 18.19
C ALA G 112 -20.89 -9.05 19.62
N ALA G 113 -21.93 -8.99 20.45
CA ALA G 113 -21.74 -9.33 21.85
C ALA G 113 -21.30 -10.78 21.98
N THR G 114 -22.08 -11.71 21.42
CA THR G 114 -21.83 -13.14 21.57
C THR G 114 -20.96 -13.73 20.47
N GLY G 115 -20.74 -12.98 19.42
CA GLY G 115 -20.01 -13.49 18.27
C GLY G 115 -20.74 -14.53 17.44
N LYS G 116 -21.99 -14.81 17.78
CA LYS G 116 -22.71 -15.85 17.04
C LYS G 116 -23.76 -15.34 16.06
N ARG G 117 -23.94 -16.12 15.00
CA ARG G 117 -24.89 -15.80 13.94
C ARG G 117 -26.27 -16.24 14.41
N VAL G 118 -27.24 -15.33 14.34
CA VAL G 118 -28.57 -15.64 14.85
C VAL G 118 -29.66 -15.27 13.86
N ALA G 119 -30.79 -15.95 13.99
CA ALA G 119 -31.91 -15.70 13.10
C ALA G 119 -32.51 -14.35 13.45
N LEU G 120 -33.28 -13.79 12.53
CA LEU G 120 -34.00 -12.56 12.81
C LEU G 120 -35.41 -12.90 13.31
N LYS G 121 -35.94 -12.05 14.18
CA LYS G 121 -37.15 -12.37 14.93
C LYS G 121 -38.43 -12.00 14.18
N THR G 122 -38.50 -10.79 13.64
CA THR G 122 -39.78 -10.31 13.15
C THR G 122 -39.82 -10.22 11.65
N PRO G 123 -41.02 -10.22 11.08
CA PRO G 123 -41.19 -10.07 9.63
C PRO G 123 -40.49 -8.81 9.15
N ALA G 124 -40.77 -7.71 9.82
CA ALA G 124 -40.16 -6.46 9.43
C ALA G 124 -38.65 -6.60 9.44
N GLU G 125 -38.11 -7.22 10.47
CA GLU G 125 -36.67 -7.51 10.50
C GLU G 125 -36.28 -8.36 9.29
N LYS G 126 -37.11 -9.34 8.99
CA LYS G 126 -36.80 -10.22 7.87
C LYS G 126 -36.86 -9.44 6.56
N VAL G 127 -37.90 -8.63 6.39
CA VAL G 127 -38.06 -7.83 5.19
C VAL G 127 -36.90 -6.86 5.00
N ALA G 128 -36.45 -6.30 6.12
CA ALA G 128 -35.36 -5.31 6.13
C ALA G 128 -34.06 -5.94 5.63
N TRP G 129 -33.82 -7.15 6.12
CA TRP G 129 -32.67 -7.96 5.73
C TRP G 129 -32.73 -8.24 4.25
N LEU G 130 -33.84 -8.83 3.82
CA LEU G 130 -34.07 -9.12 2.43
C LEU G 130 -33.73 -7.91 1.59
N GLU G 131 -34.31 -6.77 1.95
CA GLU G 131 -34.14 -5.53 1.20
C GLU G 131 -32.68 -5.06 1.15
N ARG G 132 -32.00 -5.10 2.31
CA ARG G 132 -30.59 -4.72 2.37
C ARG G 132 -29.76 -5.57 1.42
N ARG G 133 -29.92 -6.89 1.54
CA ARG G 133 -29.19 -7.83 0.70
C ARG G 133 -29.45 -7.59 -0.78
N LEU G 134 -30.66 -7.12 -1.13
CA LEU G 134 -30.97 -6.84 -2.54
C LEU G 134 -30.27 -5.58 -3.01
N GLU G 135 -30.35 -4.55 -2.19
CA GLU G 135 -29.88 -3.23 -2.62
C GLU G 135 -28.35 -3.18 -2.59
N GLU G 136 -27.75 -4.10 -1.86
CA GLU G 136 -26.30 -4.23 -1.91
C GLU G 136 -25.89 -5.12 -3.08
N GLY G 137 -26.86 -5.84 -3.64
CA GLY G 137 -26.60 -6.79 -4.69
C GLY G 137 -27.08 -6.39 -6.07
N GLY G 138 -27.36 -5.10 -6.26
CA GLY G 138 -27.72 -4.59 -7.58
C GLY G 138 -29.21 -4.46 -7.88
N PHE G 139 -30.04 -4.63 -6.85
CA PHE G 139 -31.49 -4.61 -6.98
C PHE G 139 -32.16 -3.53 -6.11
N ARG G 140 -33.45 -3.33 -6.36
CA ARG G 140 -34.29 -2.51 -5.50
C ARG G 140 -35.66 -3.13 -5.44
N LEU G 141 -36.13 -3.40 -4.23
CA LEU G 141 -37.45 -3.95 -4.01
C LEU G 141 -38.47 -2.93 -4.50
N LEU G 142 -39.43 -3.33 -5.33
CA LEU G 142 -40.45 -2.39 -5.77
C LEU G 142 -41.27 -1.95 -4.57
N GLU G 143 -41.62 -0.66 -4.55
CA GLU G 143 -42.35 -0.08 -3.42
C GLU G 143 -43.85 0.03 -3.66
N GLY G 144 -44.62 -0.23 -2.62
CA GLY G 144 -46.06 -0.19 -2.71
C GLY G 144 -46.66 0.95 -1.93
N GLU G 145 -47.98 1.09 -2.04
CA GLU G 145 -48.71 2.14 -1.33
C GLU G 145 -48.31 2.22 0.15
N ARG G 146 -48.36 1.09 0.86
CA ARG G 146 -48.14 1.11 2.31
C ARG G 146 -47.05 0.16 2.79
N GLY G 147 -46.26 -0.32 1.83
CA GLY G 147 -45.18 -1.25 2.12
C GLY G 147 -44.56 -1.77 0.85
N PRO G 148 -43.51 -2.58 1.00
CA PRO G 148 -42.81 -3.14 -0.16
C PRO G 148 -43.56 -4.29 -0.78
N TRP G 149 -43.45 -4.42 -2.11
CA TRP G 149 -43.98 -5.56 -2.86
C TRP G 149 -43.27 -6.85 -2.49
N VAL G 150 -43.54 -7.35 -1.30
CA VAL G 150 -42.98 -8.63 -0.89
C VAL G 150 -43.94 -9.29 0.08
N GLN G 151 -43.82 -10.59 0.23
CA GLN G 151 -44.79 -11.33 1.00
C GLN G 151 -44.01 -12.50 1.55
N ILE G 152 -44.33 -12.91 2.76
CA ILE G 152 -43.70 -14.09 3.34
C ILE G 152 -44.68 -15.24 3.22
N LEU G 153 -44.45 -16.08 2.21
CA LEU G 153 -45.32 -17.21 1.93
C LEU G 153 -45.19 -18.26 3.01
N GLN G 154 -43.97 -18.41 3.50
CA GLN G 154 -43.69 -19.48 4.44
C GLN G 154 -42.56 -19.05 5.36
N ASP G 155 -42.67 -19.48 6.62
CA ASP G 155 -41.62 -19.29 7.58
C ASP G 155 -41.58 -20.49 8.53
N THR G 156 -40.57 -21.35 8.39
CA THR G 156 -40.47 -22.53 9.25
C THR G 156 -39.03 -22.95 9.55
N PHE G 157 -38.87 -24.07 10.24
CA PHE G 157 -37.54 -24.57 10.51
C PHE G 157 -37.23 -25.74 9.62
N LEU G 158 -35.99 -25.79 9.15
CA LEU G 158 -35.49 -26.89 8.37
C LEU G 158 -34.55 -27.71 9.23
N GLU G 159 -34.84 -29.00 9.38
CA GLU G 159 -33.95 -29.95 10.05
C GLU G 159 -32.63 -30.07 9.30
N VAL G 160 -31.51 -29.99 10.02
CA VAL G 160 -30.23 -30.21 9.37
C VAL G 160 -29.57 -31.49 9.90
N ARG G 161 -29.42 -31.58 11.22
CA ARG G 161 -28.72 -32.71 11.86
C ARG G 161 -28.81 -32.64 13.40
N ARG G 162 -28.24 -33.62 14.11
CA ARG G 162 -28.12 -33.54 15.58
C ARG G 162 -26.66 -33.43 16.03
N LYS G 171 -29.57 -33.71 20.16
CA LYS G 171 -29.81 -32.27 20.07
C LYS G 171 -29.89 -31.71 18.64
N LEU G 172 -31.12 -31.51 18.19
CA LEU G 172 -31.42 -31.28 16.78
C LEU G 172 -31.20 -29.85 16.31
N LEU G 173 -30.43 -29.71 15.24
CA LEU G 173 -30.10 -28.41 14.63
C LEU G 173 -31.07 -28.01 13.53
N GLN G 174 -31.66 -26.83 13.68
CA GLN G 174 -32.57 -26.29 12.66
C GLN G 174 -32.16 -24.89 12.21
N VAL G 175 -32.75 -24.45 11.11
CA VAL G 175 -32.46 -23.12 10.57
C VAL G 175 -33.77 -22.48 10.13
N GLN G 176 -33.96 -21.21 10.44
CA GLN G 176 -35.21 -20.56 10.06
C GLN G 176 -35.16 -20.39 8.58
N ALA G 177 -36.11 -20.99 7.89
CA ALA G 177 -36.18 -20.83 6.44
C ALA G 177 -37.35 -19.92 6.15
N VAL G 178 -37.09 -18.84 5.42
CA VAL G 178 -38.12 -17.88 5.11
C VAL G 178 -38.27 -17.84 3.61
N LEU G 179 -39.50 -18.02 3.14
CA LEU G 179 -39.76 -17.96 1.72
C LEU G 179 -40.34 -16.59 1.33
N PHE G 180 -39.58 -15.82 0.56
CA PHE G 180 -40.02 -14.49 0.14
C PHE G 180 -40.54 -14.51 -1.29
N GLU G 181 -41.53 -13.66 -1.56
CA GLU G 181 -42.00 -13.45 -2.92
C GLU G 181 -42.49 -12.03 -3.15
N GLY G 182 -42.02 -11.40 -4.22
CA GLY G 182 -42.36 -10.03 -4.54
C GLY G 182 -41.89 -9.57 -5.92
N ARG G 183 -41.89 -8.27 -6.14
CA ARG G 183 -41.43 -7.71 -7.38
C ARG G 183 -40.27 -6.78 -7.06
N LEU G 184 -39.29 -6.73 -7.94
CA LEU G 184 -38.14 -5.88 -7.74
C LEU G 184 -37.68 -5.32 -9.07
N GLU G 185 -36.59 -4.57 -9.04
CA GLU G 185 -36.13 -3.83 -10.18
C GLU G 185 -34.61 -3.88 -10.19
N VAL G 186 -34.02 -3.97 -11.37
CA VAL G 186 -32.57 -3.96 -11.49
C VAL G 186 -32.05 -2.53 -11.43
N VAL G 187 -31.02 -2.31 -10.63
CA VAL G 187 -30.41 -1.00 -10.53
C VAL G 187 -29.03 -1.02 -11.16
N ASP G 188 -28.20 -1.95 -10.72
CA ASP G 188 -26.87 -2.16 -11.31
C ASP G 188 -26.76 -3.59 -11.85
N PRO G 189 -26.76 -3.73 -13.17
CA PRO G 189 -26.90 -4.97 -13.95
C PRO G 189 -25.88 -6.04 -13.59
N GLU G 190 -24.60 -5.68 -13.65
CA GLU G 190 -23.52 -6.62 -13.34
C GLU G 190 -23.58 -7.06 -11.87
N ARG G 191 -23.85 -6.12 -10.99
CA ARG G 191 -23.96 -6.43 -9.60
C ARG G 191 -25.12 -7.35 -9.42
N ALA G 192 -26.25 -7.03 -10.06
CA ALA G 192 -27.44 -7.90 -9.95
C ALA G 192 -27.18 -9.27 -10.56
N LEU G 193 -26.35 -9.32 -11.60
CA LEU G 193 -25.96 -10.61 -12.19
C LEU G 193 -25.11 -11.42 -11.19
N ALA G 194 -24.02 -10.81 -10.73
CA ALA G 194 -23.16 -11.39 -9.71
C ALA G 194 -24.00 -12.00 -8.60
N THR G 195 -24.88 -11.19 -8.03
CA THR G 195 -25.77 -11.67 -6.97
C THR G 195 -26.52 -12.95 -7.34
N LEU G 196 -27.10 -12.99 -8.54
CA LEU G 196 -27.88 -14.14 -9.00
C LEU G 196 -27.04 -15.38 -9.14
N ARG G 197 -25.78 -15.20 -9.52
CA ARG G 197 -24.91 -16.33 -9.74
C ARG G 197 -24.45 -16.89 -8.41
N ARG G 198 -24.30 -16.01 -7.42
CA ARG G 198 -23.82 -16.40 -6.10
C ARG G 198 -24.90 -17.02 -5.22
N GLY G 199 -26.10 -16.43 -5.26
CA GLY G 199 -27.11 -16.79 -4.30
C GLY G 199 -27.13 -15.74 -3.21
N VAL G 200 -28.21 -15.73 -2.43
CA VAL G 200 -28.36 -14.75 -1.35
C VAL G 200 -28.50 -15.38 0.03
N GLY G 201 -27.50 -15.16 0.87
CA GLY G 201 -27.59 -15.62 2.23
C GLY G 201 -27.01 -17.00 2.53
N PRO G 202 -27.12 -17.41 3.80
CA PRO G 202 -26.49 -18.65 4.24
C PRO G 202 -27.42 -19.82 4.09
N GLY G 203 -26.85 -21.03 4.11
CA GLY G 203 -27.57 -22.27 3.86
C GLY G 203 -27.61 -22.70 2.41
N LYS G 204 -26.69 -22.19 1.60
CA LYS G 204 -26.68 -22.57 0.18
C LYS G 204 -26.65 -24.09 -0.03
N ALA G 205 -25.95 -24.79 0.84
CA ALA G 205 -25.87 -26.24 0.73
C ALA G 205 -27.06 -26.99 1.33
N LEU G 206 -28.07 -26.28 1.78
CA LEU G 206 -29.23 -26.94 2.39
C LEU G 206 -30.48 -26.60 1.61
N GLY G 207 -30.31 -25.96 0.47
CA GLY G 207 -31.44 -25.59 -0.37
C GLY G 207 -31.94 -24.20 -0.06
N LEU G 208 -31.02 -23.31 0.34
CA LEU G 208 -31.37 -21.91 0.55
C LEU G 208 -30.52 -21.02 -0.31
N GLY G 209 -30.95 -19.77 -0.48
CA GLY G 209 -30.16 -18.76 -1.17
C GLY G 209 -30.45 -18.54 -2.66
N LEU G 210 -31.17 -19.47 -3.29
CA LEU G 210 -31.47 -19.28 -4.70
C LEU G 210 -32.41 -18.09 -4.87
N LEU G 211 -31.92 -17.01 -5.40
CA LEU G 211 -32.83 -15.95 -5.78
C LEU G 211 -33.38 -16.16 -7.20
N SER G 212 -34.60 -16.68 -7.31
CA SER G 212 -35.22 -16.87 -8.62
C SER G 212 -35.89 -15.60 -9.09
N VAL G 213 -35.56 -15.16 -10.29
CA VAL G 213 -36.28 -14.04 -10.90
C VAL G 213 -36.89 -14.41 -12.25
N ALA G 214 -38.01 -13.76 -12.56
CA ALA G 214 -38.73 -14.02 -13.80
C ALA G 214 -39.37 -12.73 -14.26
N PRO G 215 -39.48 -12.54 -15.58
CA PRO G 215 -40.10 -11.36 -16.17
C PRO G 215 -41.63 -11.48 -16.18
N GLY I 3 -1.73 32.04 40.08
CA GLY I 3 -2.83 31.46 39.32
C GLY I 3 -3.23 30.08 39.81
N ALA I 4 -4.49 29.93 40.23
CA ALA I 4 -4.95 28.68 40.85
C ALA I 4 -4.90 27.50 39.89
N MET I 5 -4.70 26.28 40.42
CA MET I 5 -4.88 25.06 39.64
C MET I 5 -6.34 24.65 39.58
N TRP I 6 -6.65 23.75 38.66
CA TRP I 6 -8.02 23.39 38.42
C TRP I 6 -8.22 21.88 38.41
N LEU I 7 -9.22 21.44 39.15
CA LEU I 7 -9.66 20.07 39.06
C LEU I 7 -11.08 20.06 38.53
N THR I 8 -11.31 19.25 37.49
CA THR I 8 -12.65 19.03 36.98
C THR I 8 -13.05 17.56 37.07
N LYS I 9 -14.25 17.30 37.59
CA LYS I 9 -14.77 15.94 37.46
C LYS I 9 -15.72 15.84 36.25
N LEU I 10 -15.51 14.83 35.41
CA LEU I 10 -16.39 14.54 34.28
C LEU I 10 -16.94 13.13 34.39
N VAL I 11 -18.24 12.99 34.15
CA VAL I 11 -18.85 11.69 34.07
C VAL I 11 -19.38 11.52 32.67
N LEU I 12 -18.70 10.67 31.90
CA LEU I 12 -19.03 10.54 30.49
C LEU I 12 -20.33 9.79 30.27
N ASN I 13 -21.09 10.23 29.27
CA ASN I 13 -22.32 9.56 28.89
C ASN I 13 -22.02 8.40 27.97
N PRO I 14 -22.22 7.17 28.46
CA PRO I 14 -21.85 5.97 27.71
C PRO I 14 -22.63 5.85 26.40
N ALA I 15 -23.75 6.55 26.33
CA ALA I 15 -24.50 6.61 25.10
C ALA I 15 -23.69 7.31 24.01
N SER I 16 -23.13 8.48 24.34
CA SER I 16 -22.40 9.30 23.38
C SER I 16 -21.24 8.57 22.67
N ARG I 17 -21.34 8.49 21.34
CA ARG I 17 -20.32 7.78 20.58
C ARG I 17 -18.93 8.37 20.75
N ALA I 18 -18.82 9.70 20.76
CA ALA I 18 -17.52 10.34 20.98
C ALA I 18 -16.96 9.95 22.35
N ALA I 19 -17.84 9.90 23.34
CA ALA I 19 -17.50 9.32 24.63
C ALA I 19 -16.95 7.90 24.45
N ARG I 20 -17.74 7.01 23.84
CA ARG I 20 -17.29 5.64 23.72
C ARG I 20 -15.92 5.59 23.08
N ARG I 21 -15.71 6.48 22.11
CA ARG I 21 -14.44 6.54 21.42
C ARG I 21 -13.31 6.94 22.35
N ASP I 22 -13.52 8.00 23.10
CA ASP I 22 -12.47 8.51 23.97
C ASP I 22 -12.12 7.53 25.07
N LEU I 23 -13.13 6.81 25.56
CA LEU I 23 -12.91 5.84 26.64
C LEU I 23 -12.04 4.67 26.25
N ALA I 24 -12.04 4.32 24.96
CA ALA I 24 -11.33 3.15 24.51
C ALA I 24 -10.00 3.48 23.84
N ASN I 25 -9.77 4.77 23.59
CA ASN I 25 -8.48 5.22 23.10
C ASN I 25 -8.05 6.51 23.76
N PRO I 26 -7.09 6.41 24.69
CA PRO I 26 -6.64 7.53 25.49
C PRO I 26 -6.04 8.64 24.62
N TYR I 27 -5.45 8.32 23.47
CA TYR I 27 -5.01 9.38 22.58
C TYR I 27 -6.23 10.23 22.24
N GLU I 28 -7.31 9.56 21.86
CA GLU I 28 -8.55 10.25 21.60
C GLU I 28 -9.01 11.10 22.79
N MET I 29 -9.21 10.46 23.93
CA MET I 29 -9.56 11.16 25.18
C MET I 29 -8.69 12.42 25.28
N HIS I 30 -7.38 12.23 25.15
CA HIS I 30 -6.46 13.33 25.30
C HIS I 30 -6.74 14.45 24.29
N ARG I 31 -6.96 14.09 23.04
CA ARG I 31 -7.26 15.11 22.04
C ARG I 31 -8.50 15.92 22.46
N THR I 32 -9.54 15.24 22.91
CA THR I 32 -10.72 15.92 23.41
C THR I 32 -10.41 16.90 24.54
N LEU I 33 -9.87 16.38 25.65
CA LEU I 33 -9.60 17.22 26.81
C LEU I 33 -8.70 18.39 26.45
N SER I 34 -7.81 18.18 25.48
CA SER I 34 -6.93 19.27 25.04
C SER I 34 -7.73 20.50 24.59
N LYS I 35 -8.94 20.30 24.09
CA LYS I 35 -9.75 21.41 23.61
C LYS I 35 -10.07 22.40 24.71
N ALA I 36 -10.15 21.94 25.95
CA ALA I 36 -10.57 22.82 27.03
C ALA I 36 -9.51 23.84 27.43
N VAL I 37 -8.26 23.58 27.05
CA VAL I 37 -7.20 24.50 27.39
C VAL I 37 -6.26 24.69 26.19
N SER I 38 -6.82 24.73 24.99
CA SER I 38 -6.03 24.79 23.75
C SER I 38 -5.13 26.02 23.65
N ARG I 39 -5.68 27.19 23.94
CA ARG I 39 -4.86 28.38 23.94
C ARG I 39 -3.59 28.24 24.82
N ALA I 40 -3.79 27.91 26.10
CA ALA I 40 -2.68 27.83 27.05
C ALA I 40 -1.68 26.73 26.67
N LEU I 41 -2.19 25.68 26.04
CA LEU I 41 -1.28 24.64 25.61
C LEU I 41 -0.38 25.25 24.56
N GLU I 42 -1.02 25.92 23.61
CA GLU I 42 -0.30 26.55 22.52
C GLU I 42 0.66 27.58 23.09
N GLU I 43 0.23 28.31 24.11
CA GLU I 43 1.08 29.34 24.68
C GLU I 43 2.17 28.77 25.59
N GLY I 44 1.97 27.55 26.09
CA GLY I 44 3.03 26.89 26.83
C GLY I 44 2.86 27.10 28.32
N ARG I 45 1.62 27.27 28.73
CA ARG I 45 1.32 27.60 30.11
C ARG I 45 0.63 26.44 30.77
N GLU I 46 0.43 25.38 30.01
CA GLU I 46 -0.39 24.27 30.48
C GLU I 46 0.34 22.92 30.68
N ARG I 47 -0.13 22.13 31.64
CA ARG I 47 0.23 20.71 31.71
C ARG I 47 -1.00 19.89 32.04
N LEU I 48 -1.67 19.39 31.02
CA LEU I 48 -2.90 18.64 31.24
C LEU I 48 -2.57 17.25 31.78
N LEU I 49 -3.16 16.91 32.91
CA LEU I 49 -3.09 15.55 33.39
C LEU I 49 -4.50 15.09 33.59
N TRP I 50 -4.70 13.79 33.55
CA TRP I 50 -6.00 13.23 33.87
C TRP I 50 -5.85 11.76 34.29
N ARG I 51 -6.91 11.19 34.79
CA ARG I 51 -6.91 9.79 35.13
C ARG I 51 -8.33 9.29 34.93
N LEU I 52 -8.45 8.12 34.34
CA LEU I 52 -9.75 7.47 34.25
C LEU I 52 -9.92 6.63 35.52
N GLU I 53 -10.92 6.97 36.32
CA GLU I 53 -11.15 6.22 37.54
C GLU I 53 -11.67 4.82 37.25
N PRO I 54 -11.48 3.93 38.21
CA PRO I 54 -11.90 2.58 37.90
C PRO I 54 -13.41 2.46 38.02
N ALA I 55 -13.96 1.41 37.42
CA ALA I 55 -15.38 1.06 37.58
C ALA I 55 -15.79 0.95 39.06
N GLU I 59 -21.56 3.17 38.18
CA GLU I 59 -21.70 2.43 36.93
C GLU I 59 -21.14 3.16 35.70
N PRO I 60 -21.32 4.51 35.62
CA PRO I 60 -20.75 5.25 34.49
C PRO I 60 -19.38 5.85 34.81
N PRO I 61 -18.45 5.80 33.86
CA PRO I 61 -17.04 6.10 34.13
C PRO I 61 -16.76 7.58 34.43
N VAL I 62 -15.78 7.81 35.32
CA VAL I 62 -15.45 9.15 35.76
C VAL I 62 -14.04 9.46 35.35
N VAL I 63 -13.85 10.66 34.84
CA VAL I 63 -12.52 11.14 34.51
C VAL I 63 -12.16 12.37 35.33
N LEU I 64 -11.03 12.30 36.01
CA LEU I 64 -10.55 13.45 36.75
C LEU I 64 -9.51 14.19 35.93
N VAL I 65 -9.65 15.51 35.82
CA VAL I 65 -8.77 16.33 35.00
C VAL I 65 -8.18 17.54 35.72
N GLN I 66 -6.87 17.63 35.72
CA GLN I 66 -6.18 18.72 36.39
C GLN I 66 -5.50 19.59 35.32
N THR I 67 -5.74 20.89 35.39
CA THR I 67 -5.07 21.81 34.50
C THR I 67 -4.48 22.94 35.32
N LEU I 68 -3.45 23.57 34.80
CA LEU I 68 -2.85 24.69 35.51
C LEU I 68 -3.56 26.01 35.19
N THR I 69 -4.28 26.04 34.07
CA THR I 69 -5.01 27.23 33.65
C THR I 69 -6.48 26.88 33.61
N GLU I 70 -7.33 27.90 33.61
CA GLU I 70 -8.77 27.69 33.71
C GLU I 70 -9.32 26.94 32.47
N PRO I 71 -10.05 25.84 32.71
CA PRO I 71 -10.63 25.06 31.63
C PRO I 71 -11.91 25.67 31.06
N ASP I 72 -12.11 25.50 29.76
CA ASP I 72 -13.38 25.86 29.17
C ASP I 72 -14.08 24.62 28.62
N TRP I 73 -14.96 24.05 29.42
CA TRP I 73 -15.65 22.80 29.03
C TRP I 73 -16.80 23.00 28.07
N SER I 74 -17.06 24.28 27.73
CA SER I 74 -18.07 24.59 26.73
C SER I 74 -17.78 23.80 25.46
N VAL I 75 -16.50 23.57 25.19
CA VAL I 75 -16.02 22.94 23.97
C VAL I 75 -16.40 21.47 23.83
N LEU I 76 -17.07 20.92 24.85
CA LEU I 76 -17.68 19.60 24.73
C LEU I 76 -19.18 19.78 24.53
N ASP I 77 -19.86 18.76 24.00
CA ASP I 77 -21.31 18.81 23.83
C ASP I 77 -22.07 18.22 25.03
N GLY I 79 -24.17 16.17 27.14
CA GLY I 79 -24.42 15.12 26.16
C GLY I 79 -23.27 14.11 26.06
N TYR I 80 -22.07 14.64 25.90
CA TYR I 80 -20.87 13.82 25.91
C TYR I 80 -20.52 13.43 27.33
N ALA I 81 -20.67 14.41 28.23
CA ALA I 81 -20.46 14.13 29.65
C ALA I 81 -21.19 15.15 30.51
N GLN I 82 -21.44 14.79 31.77
CA GLN I 82 -21.90 15.75 32.74
C GLN I 82 -20.69 16.33 33.43
N VAL I 83 -20.60 17.65 33.38
CA VAL I 83 -19.42 18.34 33.86
C VAL I 83 -19.62 18.97 35.21
N PHE I 84 -19.06 18.36 36.25
CA PHE I 84 -19.01 19.04 37.53
C PHE I 84 -18.18 20.33 37.40
N PRO I 85 -18.61 21.38 38.11
CA PRO I 85 -18.03 22.73 38.07
C PRO I 85 -16.55 22.76 38.50
N PRO I 86 -15.65 23.10 37.56
CA PRO I 86 -14.22 22.98 37.84
C PRO I 86 -13.88 23.67 39.15
N LYS I 87 -13.03 23.06 39.96
CA LYS I 87 -12.71 23.68 41.23
C LYS I 87 -11.30 24.24 41.25
N PRO I 88 -11.17 25.56 41.50
CA PRO I 88 -9.84 26.15 41.62
C PRO I 88 -9.26 25.72 42.95
N PHE I 89 -7.94 25.56 43.03
CA PHE I 89 -7.33 25.18 44.28
C PHE I 89 -5.85 25.59 44.35
N HIS I 90 -5.36 25.74 45.59
CA HIS I 90 -3.95 25.99 45.82
C HIS I 90 -3.49 25.02 46.88
N PRO I 91 -2.73 24.02 46.47
CA PRO I 91 -2.31 23.04 47.46
C PRO I 91 -1.46 23.78 48.48
N ALA I 92 -1.77 23.63 49.76
CA ALA I 92 -0.90 24.19 50.78
C ALA I 92 -0.16 23.06 51.48
N LEU I 93 1.06 22.80 51.02
CA LEU I 93 1.84 21.67 51.50
C LEU I 93 2.75 22.11 52.63
N LYS I 94 2.96 21.22 53.58
CA LYS I 94 3.62 21.63 54.77
C LYS I 94 4.69 20.58 55.00
N PRO I 95 5.91 21.04 55.27
CA PRO I 95 7.02 20.13 55.52
C PRO I 95 6.65 19.21 56.68
N GLY I 96 6.52 17.92 56.39
CA GLY I 96 6.19 16.93 57.40
C GLY I 96 4.78 16.38 57.25
N GLN I 97 3.92 17.13 56.57
CA GLN I 97 2.55 16.73 56.27
C GLN I 97 2.46 15.31 55.69
N ARG I 98 1.50 14.50 56.15
CA ARG I 98 1.27 13.20 55.49
C ARG I 98 0.03 13.22 54.58
N LEU I 99 0.23 12.93 53.27
CA LEU I 99 -0.81 12.93 52.27
C LEU I 99 -1.04 11.38 52.03
N ARG I 100 -2.29 11.09 51.69
CA ARG I 100 -2.59 9.87 50.97
C ARG I 100 -2.49 10.20 49.48
N PHE I 101 -1.95 9.29 48.69
CA PHE I 101 -1.81 9.55 47.25
C PHE I 101 -2.35 8.42 46.41
N ARG I 102 -2.75 8.78 45.21
CA ARG I 102 -3.09 7.83 44.19
C ARG I 102 -2.37 8.26 42.89
N LEU I 103 -1.72 7.30 42.22
CA LEU I 103 -1.01 7.60 40.98
C LEU I 103 -1.11 6.45 40.00
N ARG I 104 -1.67 6.76 38.83
CA ARG I 104 -1.67 5.80 37.75
C ARG I 104 -0.51 6.16 36.83
N ALA I 105 0.50 5.29 36.82
CA ALA I 105 1.76 5.58 36.12
C ALA I 105 2.31 4.48 35.17
N ASN I 106 3.33 4.85 34.43
CA ASN I 106 4.03 3.91 33.59
C ASN I 106 5.47 3.80 34.04
N PRO I 107 5.74 2.97 35.06
CA PRO I 107 7.08 2.92 35.66
C PRO I 107 8.03 2.43 34.62
N ALA I 108 9.16 3.10 34.43
CA ALA I 108 9.95 2.85 33.24
C ALA I 108 11.43 3.17 33.40
N LYS I 109 12.20 2.83 32.38
CA LYS I 109 13.60 3.23 32.29
C LYS I 109 14.02 3.25 30.83
N ARG I 110 15.07 4.01 30.53
CA ARG I 110 15.67 3.97 29.23
C ARG I 110 16.88 3.06 29.25
N LEU I 111 16.78 1.96 28.51
CA LEU I 111 17.85 0.98 28.41
C LEU I 111 19.11 1.59 27.84
N ALA I 112 20.22 1.45 28.55
CA ALA I 112 21.50 2.00 28.08
C ALA I 112 21.88 1.36 26.75
N ALA I 113 21.46 0.12 26.58
CA ALA I 113 21.82 -0.66 25.41
C ALA I 113 21.09 -0.12 24.19
N THR I 114 19.78 -0.27 24.17
CA THR I 114 19.01 -0.03 22.95
C THR I 114 18.46 1.40 22.80
N GLY I 115 18.68 2.22 23.83
CA GLY I 115 18.21 3.59 23.84
C GLY I 115 16.69 3.75 23.84
N LYS I 116 15.98 2.64 24.05
CA LYS I 116 14.52 2.68 24.09
C LYS I 116 13.96 2.65 25.52
N ARG I 117 12.79 3.23 25.71
CA ARG I 117 12.15 3.16 27.01
C ARG I 117 11.40 1.84 27.17
N VAL I 118 11.62 1.16 28.29
CA VAL I 118 10.91 -0.07 28.58
C VAL I 118 10.31 -0.07 30.02
N ALA I 119 9.10 -0.60 30.15
CA ALA I 119 8.48 -0.74 31.46
C ALA I 119 9.27 -1.68 32.33
N LEU I 120 9.33 -1.37 33.62
CA LEU I 120 9.92 -2.24 34.60
C LEU I 120 8.99 -3.45 34.67
N LYS I 121 9.45 -4.57 35.23
CA LYS I 121 8.65 -5.81 35.20
C LYS I 121 8.08 -6.25 36.53
N THR I 122 8.86 -6.11 37.59
CA THR I 122 8.42 -6.61 38.89
C THR I 122 7.83 -5.55 39.81
N PRO I 123 6.98 -6.00 40.73
CA PRO I 123 6.43 -5.07 41.73
C PRO I 123 7.55 -4.32 42.46
N ALA I 124 8.55 -5.06 42.90
CA ALA I 124 9.66 -4.44 43.63
C ALA I 124 10.31 -3.35 42.79
N GLU I 125 10.40 -3.56 41.48
CA GLU I 125 10.99 -2.55 40.60
C GLU I 125 10.08 -1.31 40.49
N LYS I 126 8.80 -1.58 40.31
CA LYS I 126 7.81 -0.55 40.11
C LYS I 126 7.74 0.35 41.34
N VAL I 127 7.80 -0.27 42.50
CA VAL I 127 7.80 0.52 43.72
C VAL I 127 9.10 1.27 43.92
N ALA I 128 10.22 0.63 43.60
CA ALA I 128 11.49 1.31 43.74
C ALA I 128 11.44 2.56 42.89
N TRP I 129 10.86 2.39 41.72
CA TRP I 129 10.68 3.49 40.80
C TRP I 129 9.85 4.63 41.43
N LEU I 130 8.73 4.28 42.01
CA LEU I 130 7.88 5.26 42.64
C LEU I 130 8.62 6.00 43.79
N GLU I 131 9.25 5.24 44.67
CA GLU I 131 10.06 5.83 45.74
C GLU I 131 11.01 6.87 45.18
N ARG I 132 11.73 6.46 44.15
CA ARG I 132 12.71 7.33 43.55
C ARG I 132 12.05 8.60 43.01
N ARG I 133 11.04 8.44 42.15
CA ARG I 133 10.37 9.63 41.62
C ARG I 133 9.83 10.56 42.73
N LEU I 134 9.17 10.00 43.75
CA LEU I 134 8.66 10.81 44.87
C LEU I 134 9.78 11.61 45.55
N GLU I 135 10.89 10.94 45.86
CA GLU I 135 12.01 11.61 46.53
C GLU I 135 12.46 12.78 45.67
N GLU I 136 12.78 12.49 44.42
CA GLU I 136 13.19 13.51 43.47
C GLU I 136 12.21 14.69 43.48
N GLY I 137 10.91 14.41 43.57
CA GLY I 137 9.90 15.45 43.55
C GLY I 137 9.53 16.11 44.87
N GLY I 138 10.35 15.97 45.90
CA GLY I 138 10.09 16.69 47.13
C GLY I 138 9.17 15.95 48.10
N PHE I 139 8.97 14.67 47.84
CA PHE I 139 8.15 13.85 48.70
C PHE I 139 8.97 12.74 49.32
N ARG I 140 8.33 11.95 50.17
CA ARG I 140 8.95 10.75 50.69
C ARG I 140 7.86 9.75 50.99
N LEU I 141 7.95 8.59 50.36
CA LEU I 141 7.05 7.48 50.63
C LEU I 141 7.19 7.12 52.11
N LEU I 142 6.07 6.97 52.82
CA LEU I 142 6.13 6.55 54.22
C LEU I 142 6.46 5.06 54.34
N GLU I 143 7.32 4.72 55.28
CA GLU I 143 7.74 3.33 55.41
C GLU I 143 7.32 2.74 56.76
N ARG I 146 7.65 -3.04 58.15
CA ARG I 146 6.98 -4.01 57.30
C ARG I 146 7.12 -3.62 55.84
N GLY I 147 7.76 -2.49 55.60
CA GLY I 147 8.02 -2.03 54.25
C GLY I 147 7.24 -0.77 53.89
N PRO I 148 7.53 -0.21 52.71
CA PRO I 148 6.92 1.02 52.21
C PRO I 148 5.41 0.92 52.03
N TRP I 149 4.71 1.88 52.63
CA TRP I 149 3.26 2.03 52.61
C TRP I 149 2.64 2.37 51.24
N VAL I 150 2.45 1.35 50.43
CA VAL I 150 2.09 1.55 49.04
C VAL I 150 1.64 0.25 48.41
N GLN I 151 0.52 0.30 47.73
CA GLN I 151 -0.03 -0.88 47.10
C GLN I 151 -0.23 -0.65 45.62
N ILE I 152 0.06 -1.69 44.84
CA ILE I 152 -0.38 -1.75 43.46
C ILE I 152 -1.79 -2.32 43.36
N LEU I 153 -2.78 -1.45 43.09
CA LEU I 153 -4.17 -1.86 42.95
C LEU I 153 -4.48 -2.41 41.56
N GLN I 154 -3.67 -2.04 40.59
CA GLN I 154 -4.04 -2.41 39.24
C GLN I 154 -2.81 -2.35 38.38
N ASP I 155 -2.69 -3.34 37.51
CA ASP I 155 -1.53 -3.48 36.67
C ASP I 155 -1.95 -4.08 35.36
N THR I 156 -2.71 -3.30 34.60
CA THR I 156 -3.18 -3.69 33.29
C THR I 156 -2.31 -3.08 32.23
N PHE I 157 -2.82 -3.11 31.00
CA PHE I 157 -2.26 -2.32 29.92
C PHE I 157 -3.31 -1.38 29.34
N LEU I 158 -2.84 -0.29 28.73
CA LEU I 158 -3.68 0.54 27.88
C LEU I 158 -3.26 0.22 26.43
N GLU I 159 -4.22 0.12 25.52
CA GLU I 159 -3.87 -0.34 24.17
C GLU I 159 -3.71 0.81 23.16
N LEU I 172 -1.04 -2.08 16.86
CA LEU I 172 -1.40 -1.62 18.19
C LEU I 172 -0.23 -1.65 19.19
N LEU I 173 -0.35 -0.82 20.22
CA LEU I 173 0.69 -0.73 21.23
C LEU I 173 0.09 -1.04 22.60
N GLN I 174 0.91 -1.47 23.53
CA GLN I 174 0.42 -1.66 24.87
C GLN I 174 1.30 -0.95 25.89
N VAL I 175 0.65 -0.15 26.74
CA VAL I 175 1.34 0.70 27.71
C VAL I 175 1.03 0.18 29.09
N GLN I 176 2.07 -0.27 29.80
CA GLN I 176 1.86 -0.73 31.15
C GLN I 176 1.36 0.41 32.01
N ALA I 177 0.21 0.19 32.64
CA ALA I 177 -0.42 1.19 33.49
C ALA I 177 -0.53 0.62 34.89
N VAL I 178 0.19 1.21 35.82
CA VAL I 178 0.23 0.70 37.17
C VAL I 178 -0.39 1.72 38.10
N LEU I 179 -1.46 1.32 38.81
CA LEU I 179 -2.14 2.19 39.76
C LEU I 179 -1.59 2.02 41.18
N PHE I 180 -0.98 3.09 41.71
CA PHE I 180 -0.42 3.09 43.05
C PHE I 180 -1.36 3.80 44.00
N GLU I 181 -1.43 3.27 45.21
CA GLU I 181 -2.21 3.82 46.31
C GLU I 181 -1.21 3.76 47.44
N GLY I 182 -1.29 4.68 48.39
CA GLY I 182 -0.26 4.75 49.44
C GLY I 182 -0.31 5.97 50.32
N ARG I 183 0.72 6.14 51.14
CA ARG I 183 0.82 7.36 51.97
C ARG I 183 2.21 7.93 52.02
N LEU I 184 2.32 9.25 51.98
CA LEU I 184 3.63 9.88 51.80
C LEU I 184 3.81 11.06 52.72
N GLU I 185 5.04 11.54 52.78
CA GLU I 185 5.38 12.73 53.53
C GLU I 185 5.91 13.84 52.63
N VAL I 186 5.40 15.05 52.81
CA VAL I 186 5.91 16.24 52.13
C VAL I 186 7.24 16.64 52.74
N VAL I 187 8.30 16.50 51.96
CA VAL I 187 9.63 16.90 52.43
C VAL I 187 9.94 18.34 52.05
N ASP I 188 9.88 18.66 50.77
CA ASP I 188 10.08 20.04 50.32
C ASP I 188 8.82 20.58 49.65
N PRO I 189 8.02 21.38 50.39
CA PRO I 189 6.74 21.91 49.90
C PRO I 189 6.82 22.46 48.49
N GLU I 190 7.82 23.30 48.27
CA GLU I 190 8.05 23.92 46.97
C GLU I 190 8.27 22.88 45.87
N ARG I 191 9.23 21.98 46.06
CA ARG I 191 9.43 20.91 45.07
C ARG I 191 8.16 20.09 44.96
N ALA I 192 7.59 19.72 46.09
CA ALA I 192 6.35 18.96 46.07
C ALA I 192 5.26 19.61 45.18
N LEU I 193 5.12 20.93 45.24
CA LEU I 193 4.09 21.58 44.43
C LEU I 193 4.40 21.42 42.95
N ALA I 194 5.63 21.75 42.57
CA ALA I 194 6.06 21.64 41.18
C ALA I 194 5.80 20.23 40.66
N THR I 195 5.99 19.27 41.56
CA THR I 195 5.79 17.88 41.22
C THR I 195 4.33 17.57 40.87
N LEU I 196 3.39 18.04 41.69
CA LEU I 196 1.97 17.82 41.42
C LEU I 196 1.57 18.54 40.14
N ARG I 197 2.19 19.70 39.91
CA ARG I 197 1.87 20.47 38.72
C ARG I 197 2.35 19.76 37.43
N ARG I 198 3.49 19.06 37.50
CA ARG I 198 4.08 18.44 36.31
C ARG I 198 3.60 17.01 36.08
N GLY I 199 3.35 16.31 37.18
CA GLY I 199 2.96 14.93 37.10
C GLY I 199 4.20 14.08 37.16
N VAL I 200 3.98 12.77 37.12
CA VAL I 200 5.05 11.83 37.39
C VAL I 200 5.19 10.78 36.31
N GLY I 201 6.32 10.82 35.61
CA GLY I 201 6.65 9.82 34.59
C GLY I 201 5.98 9.98 33.24
N PRO I 202 6.18 8.98 32.35
CA PRO I 202 5.70 9.03 30.97
C PRO I 202 4.21 8.70 30.84
N GLY I 203 3.64 8.88 29.66
CA GLY I 203 2.23 8.61 29.45
C GLY I 203 1.29 9.74 29.89
N LYS I 204 1.87 10.92 30.13
CA LYS I 204 1.07 12.05 30.58
C LYS I 204 -0.01 12.40 29.57
N ALA I 205 0.22 12.10 28.30
CA ALA I 205 -0.82 12.39 27.32
C ALA I 205 -1.79 11.25 27.18
N LEU I 206 -1.71 10.28 28.09
CA LEU I 206 -2.50 9.07 27.94
C LEU I 206 -3.25 8.70 29.21
N GLY I 207 -3.30 9.64 30.15
CA GLY I 207 -4.05 9.46 31.37
C GLY I 207 -3.17 8.81 32.43
N LEU I 208 -1.87 8.99 32.29
CA LEU I 208 -0.98 8.56 33.35
C LEU I 208 -0.25 9.77 33.91
N GLY I 209 0.26 9.61 35.13
CA GLY I 209 1.16 10.58 35.74
C GLY I 209 0.49 11.60 36.62
N LEU I 210 -0.82 11.61 36.67
CA LEU I 210 -1.47 12.52 37.59
C LEU I 210 -1.35 11.98 39.03
N LEU I 211 -0.47 12.61 39.79
CA LEU I 211 -0.34 12.32 41.19
C LEU I 211 -1.41 13.06 42.01
N SER I 212 -2.28 12.32 42.68
CA SER I 212 -3.33 12.91 43.51
C SER I 212 -2.97 12.78 44.97
N VAL I 213 -3.13 13.88 45.73
CA VAL I 213 -2.87 13.87 47.18
C VAL I 213 -3.99 14.50 47.99
N ALA I 214 -4.24 13.95 49.18
CA ALA I 214 -5.23 14.49 50.11
C ALA I 214 -4.97 13.97 51.55
N PRO I 215 -5.41 14.73 52.58
CA PRO I 215 -5.15 14.38 53.99
C PRO I 215 -5.82 13.09 54.48
N ALA K 4 28.72 23.09 12.47
CA ALA K 4 28.00 22.00 13.16
C ALA K 4 27.80 20.81 12.22
N MET K 5 27.85 19.61 12.79
CA MET K 5 27.63 18.38 12.02
C MET K 5 26.16 18.03 11.91
N TRP K 6 25.82 17.29 10.86
CA TRP K 6 24.43 16.96 10.57
C TRP K 6 24.26 15.47 10.46
N LEU K 7 23.19 14.98 11.09
CA LEU K 7 22.87 13.58 11.05
C LEU K 7 21.44 13.50 10.60
N THR K 8 21.19 12.69 9.58
CA THR K 8 19.84 12.56 9.03
C THR K 8 19.42 11.11 9.04
N LYS K 9 18.24 10.83 9.56
CA LYS K 9 17.74 9.48 9.44
C LYS K 9 16.86 9.42 8.20
N LEU K 10 17.11 8.45 7.34
CA LEU K 10 16.23 8.17 6.22
C LEU K 10 15.66 6.77 6.32
N VAL K 11 14.35 6.66 6.16
CA VAL K 11 13.73 5.36 6.01
C VAL K 11 13.23 5.24 4.59
N LEU K 12 13.97 4.47 3.79
CA LEU K 12 13.64 4.34 2.37
C LEU K 12 12.35 3.56 2.13
N ASN K 13 11.59 3.99 1.13
CA ASN K 13 10.38 3.30 0.71
C ASN K 13 10.67 2.19 -0.30
N PRO K 14 10.46 0.92 0.10
CA PRO K 14 10.82 -0.23 -0.73
C PRO K 14 9.94 -0.34 -1.98
N ALA K 15 8.78 0.29 -1.93
CA ALA K 15 7.94 0.42 -3.11
C ALA K 15 8.54 1.34 -4.20
N SER K 16 9.51 2.16 -3.83
CA SER K 16 10.14 3.06 -4.79
C SER K 16 11.25 2.39 -5.61
N ARG K 17 11.13 2.50 -6.93
CA ARG K 17 12.12 1.95 -7.84
C ARG K 17 13.50 2.54 -7.56
N ALA K 18 13.59 3.88 -7.46
CA ALA K 18 14.87 4.52 -7.12
C ALA K 18 15.51 4.00 -5.84
N ALA K 19 14.70 3.90 -4.79
CA ALA K 19 15.17 3.30 -3.54
C ALA K 19 15.69 1.87 -3.79
N ARG K 20 14.91 1.07 -4.49
CA ARG K 20 15.33 -0.30 -4.72
C ARG K 20 16.73 -0.28 -5.31
N ARG K 21 16.92 0.67 -6.23
CA ARG K 21 18.18 0.78 -6.93
C ARG K 21 19.29 1.14 -5.97
N ASP K 22 19.08 2.21 -5.23
CA ASP K 22 20.08 2.72 -4.32
C ASP K 22 20.47 1.69 -3.27
N LEU K 23 19.49 0.88 -2.86
CA LEU K 23 19.73 -0.15 -1.85
C LEU K 23 20.61 -1.29 -2.32
N ALA K 24 20.61 -1.55 -3.61
CA ALA K 24 21.33 -2.69 -4.13
C ALA K 24 22.67 -2.27 -4.74
N ASN K 25 22.82 -0.97 -4.95
CA ASN K 25 24.09 -0.44 -5.41
C ASN K 25 24.49 0.79 -4.63
N PRO K 26 25.53 0.65 -3.81
CA PRO K 26 26.07 1.70 -2.95
C PRO K 26 26.52 2.89 -3.79
N TYR K 27 27.07 2.63 -4.99
CA TYR K 27 27.47 3.72 -5.86
C TYR K 27 26.28 4.59 -6.13
N GLU K 28 25.17 3.94 -6.48
CA GLU K 28 23.93 4.63 -6.73
C GLU K 28 23.43 5.39 -5.49
N MET K 29 23.33 4.69 -4.37
CA MET K 29 22.97 5.29 -3.10
C MET K 29 23.79 6.55 -2.89
N HIS K 30 25.08 6.44 -3.10
CA HIS K 30 25.99 7.53 -2.90
C HIS K 30 25.70 8.66 -3.89
N ARG K 31 25.46 8.30 -5.14
CA ARG K 31 25.12 9.31 -6.12
C ARG K 31 23.88 10.11 -5.67
N THR K 32 22.89 9.43 -5.14
CA THR K 32 21.70 10.12 -4.67
C THR K 32 21.96 11.09 -3.49
N LEU K 33 22.65 10.60 -2.47
CA LEU K 33 22.88 11.38 -1.26
C LEU K 33 23.75 12.59 -1.56
N SER K 34 24.61 12.46 -2.57
CA SER K 34 25.42 13.59 -2.99
C SER K 34 24.54 14.79 -3.32
N LYS K 35 23.39 14.53 -3.92
CA LYS K 35 22.53 15.62 -4.34
C LYS K 35 22.26 16.59 -3.19
N ALA K 36 22.21 16.05 -1.98
CA ALA K 36 21.76 16.83 -0.84
C ALA K 36 22.77 17.91 -0.42
N VAL K 37 24.03 17.68 -0.76
CA VAL K 37 25.11 18.59 -0.39
C VAL K 37 26.03 18.85 -1.58
N SER K 38 25.46 18.94 -2.79
CA SER K 38 26.31 18.97 -3.98
C SER K 38 27.17 20.22 -4.08
N ARG K 39 26.64 21.34 -3.61
CA ARG K 39 27.38 22.59 -3.55
C ARG K 39 28.62 22.42 -2.67
N ALA K 40 28.38 22.18 -1.39
CA ALA K 40 29.44 21.92 -0.41
C ALA K 40 30.47 20.95 -0.99
N LEU K 41 29.98 19.97 -1.74
CA LEU K 41 30.87 19.01 -2.36
C LEU K 41 31.73 19.67 -3.44
N GLU K 42 31.09 20.26 -4.44
CA GLU K 42 31.77 21.06 -5.46
C GLU K 42 32.85 21.93 -4.82
N GLU K 43 32.48 22.57 -3.72
CA GLU K 43 33.38 23.50 -3.05
C GLU K 43 34.39 22.79 -2.15
N GLY K 44 34.21 21.49 -1.93
CA GLY K 44 35.15 20.76 -1.12
C GLY K 44 35.08 21.16 0.34
N ARG K 45 33.85 21.27 0.84
CA ARG K 45 33.61 21.78 2.15
C ARG K 45 32.93 20.66 2.91
N GLU K 46 32.87 19.51 2.25
CA GLU K 46 32.01 18.41 2.66
C GLU K 46 32.74 17.06 2.79
N ARG K 47 32.19 16.18 3.61
CA ARG K 47 32.59 14.77 3.65
C ARG K 47 31.38 13.94 3.99
N LEU K 48 30.65 13.49 2.97
CA LEU K 48 29.47 12.67 3.18
C LEU K 48 29.85 11.27 3.64
N LEU K 49 29.21 10.82 4.71
CA LEU K 49 29.35 9.44 5.15
C LEU K 49 27.96 8.94 5.43
N TRP K 50 27.75 7.67 5.21
CA TRP K 50 26.48 7.07 5.57
C TRP K 50 26.68 5.63 6.02
N ARG K 51 25.64 5.04 6.55
CA ARG K 51 25.64 3.63 6.82
C ARG K 51 24.20 3.16 6.63
N LEU K 52 24.06 2.00 6.02
CA LEU K 52 22.78 1.30 5.96
C LEU K 52 22.68 0.41 7.22
N GLU K 53 21.76 0.76 8.11
CA GLU K 53 21.52 -0.04 9.31
C GLU K 53 20.95 -1.42 8.95
N PRO K 54 21.16 -2.40 9.83
CA PRO K 54 20.72 -3.75 9.49
C PRO K 54 19.23 -3.86 9.64
N ALA K 55 18.59 -4.65 8.79
CA ALA K 55 17.15 -4.88 8.85
C ALA K 55 16.78 -5.77 10.02
N GLU K 59 9.96 -4.58 7.56
CA GLU K 59 10.49 -3.47 8.36
C GLU K 59 11.47 -2.65 7.52
N PRO K 60 11.06 -1.42 7.14
CA PRO K 60 11.75 -0.70 6.05
C PRO K 60 13.20 -0.32 6.39
N PRO K 61 14.07 -0.33 5.37
CA PRO K 61 15.49 -0.12 5.60
C PRO K 61 15.79 1.31 6.10
N VAL K 62 16.84 1.42 6.89
CA VAL K 62 17.20 2.68 7.48
C VAL K 62 18.59 3.07 7.07
N VAL K 63 18.73 4.32 6.68
CA VAL K 63 20.03 4.86 6.32
C VAL K 63 20.37 6.07 7.20
N LEU K 64 21.51 6.01 7.89
CA LEU K 64 22.02 7.14 8.64
C LEU K 64 23.05 7.89 7.82
N VAL K 65 22.89 9.20 7.74
CA VAL K 65 23.75 10.05 6.92
C VAL K 65 24.32 11.23 7.69
N GLN K 66 25.64 11.28 7.76
CA GLN K 66 26.36 12.39 8.37
C GLN K 66 26.98 13.29 7.28
N THR K 67 26.78 14.60 7.43
CA THR K 67 27.42 15.57 6.54
C THR K 67 27.99 16.71 7.37
N LEU K 68 29.01 17.37 6.84
CA LEU K 68 29.61 18.48 7.57
C LEU K 68 28.82 19.75 7.37
N THR K 69 27.98 19.77 6.34
CA THR K 69 27.17 20.95 6.05
C THR K 69 25.71 20.58 6.00
N GLU K 70 24.83 21.58 6.04
CA GLU K 70 23.42 21.31 6.06
C GLU K 70 22.89 20.69 4.76
N PRO K 71 22.22 19.54 4.89
CA PRO K 71 21.71 18.86 3.69
C PRO K 71 20.41 19.45 3.20
N ASP K 72 20.25 19.49 1.88
CA ASP K 72 18.99 19.81 1.26
C ASP K 72 18.29 18.54 0.77
N TRP K 73 17.38 18.02 1.58
CA TRP K 73 16.77 16.71 1.27
C TRP K 73 15.61 16.76 0.29
N SER K 74 15.21 17.97 -0.07
CA SER K 74 14.17 18.14 -1.08
C SER K 74 14.58 17.48 -2.39
N VAL K 75 15.88 17.41 -2.62
CA VAL K 75 16.40 16.87 -3.86
C VAL K 75 16.04 15.40 -4.04
N LEU K 76 15.57 14.78 -2.97
CA LEU K 76 15.07 13.42 -3.04
C LEU K 76 13.67 13.51 -3.62
N ASP K 77 13.27 12.47 -4.34
CA ASP K 77 11.98 12.49 -5.03
C ASP K 77 10.88 11.78 -4.26
N GLU K 78 10.93 11.83 -2.93
CA GLU K 78 9.97 11.13 -2.08
C GLU K 78 8.60 11.09 -2.72
N GLY K 79 7.86 9.98 -2.58
CA GLY K 79 8.14 8.92 -1.63
C GLY K 79 9.21 7.90 -1.96
N TYR K 80 10.41 8.41 -2.21
CA TYR K 80 11.61 7.61 -2.23
C TYR K 80 11.92 7.21 -0.81
N ALA K 81 11.78 8.15 0.12
CA ALA K 81 12.05 7.87 1.52
C ALA K 81 11.34 8.85 2.43
N GLN K 82 11.00 8.37 3.63
CA GLN K 82 10.56 9.25 4.71
C GLN K 82 11.79 9.80 5.45
N VAL K 83 11.92 11.12 5.46
CA VAL K 83 13.12 11.77 5.90
C VAL K 83 12.94 12.48 7.24
N PHE K 84 13.56 11.95 8.29
CA PHE K 84 13.51 12.60 9.60
C PHE K 84 14.27 13.93 9.60
N PRO K 85 13.83 14.88 10.42
CA PRO K 85 14.45 16.20 10.33
C PRO K 85 15.94 16.16 10.71
N PRO K 86 16.82 16.62 9.80
CA PRO K 86 18.26 16.58 10.02
C PRO K 86 18.57 17.22 11.34
N LYS K 87 19.52 16.68 12.08
CA LYS K 87 19.83 17.22 13.40
C LYS K 87 21.24 17.80 13.42
N PRO K 88 21.35 19.08 13.79
CA PRO K 88 22.66 19.73 13.86
C PRO K 88 23.29 19.34 15.18
N PHE K 89 24.60 19.14 15.22
CA PHE K 89 25.23 18.64 16.43
C PHE K 89 26.74 18.93 16.51
N HIS K 90 27.24 18.97 17.74
CA HIS K 90 28.66 19.18 18.01
C HIS K 90 29.07 18.16 19.06
N PRO K 91 29.84 17.16 18.65
CA PRO K 91 30.14 16.16 19.68
C PRO K 91 30.78 16.78 20.94
N ALA K 92 30.42 16.22 22.10
CA ALA K 92 30.91 16.69 23.40
C ALA K 92 32.05 15.83 23.87
N LEU K 93 33.21 15.94 23.24
CA LEU K 93 34.30 14.99 23.47
C LEU K 93 35.19 15.34 24.67
N LYS K 94 35.29 14.37 25.57
CA LYS K 94 35.95 14.59 26.84
C LYS K 94 37.08 13.61 26.98
N PRO K 95 38.28 14.12 27.31
CA PRO K 95 39.39 13.20 27.51
C PRO K 95 39.07 12.26 28.67
N GLY K 96 39.00 10.97 28.38
CA GLY K 96 38.69 9.99 29.39
C GLY K 96 37.28 9.44 29.23
N GLN K 97 36.47 10.19 28.49
CA GLN K 97 35.09 9.80 28.21
C GLN K 97 35.01 8.41 27.58
N ARG K 98 34.10 7.60 28.11
CA ARG K 98 33.87 6.26 27.62
C ARG K 98 32.62 6.10 26.75
N LEU K 99 32.83 5.77 25.49
CA LEU K 99 31.73 5.73 24.56
C LEU K 99 31.45 4.34 23.98
N ARG K 100 30.26 4.20 23.43
CA ARG K 100 29.94 3.05 22.64
C ARG K 100 30.13 3.49 21.18
N PHE K 101 30.56 2.57 20.32
CA PHE K 101 30.77 2.94 18.94
C PHE K 101 30.22 1.88 18.03
N ARG K 102 29.81 2.32 16.85
CA ARG K 102 29.57 1.41 15.75
C ARG K 102 30.26 1.90 14.48
N LEU K 103 30.86 0.98 13.74
CA LEU K 103 31.54 1.32 12.50
C LEU K 103 31.48 0.16 11.50
N ARG K 104 30.92 0.43 10.34
CA ARG K 104 30.92 -0.50 9.23
C ARG K 104 32.08 -0.06 8.34
N ALA K 105 33.05 -0.94 8.14
CA ALA K 105 34.31 -0.54 7.52
C ALA K 105 34.91 -1.60 6.61
N ASN K 106 35.97 -1.22 5.95
CA ASN K 106 36.66 -2.12 5.07
C ASN K 106 38.09 -2.20 5.51
N PRO K 107 38.38 -3.07 6.50
CA PRO K 107 39.72 -3.18 7.07
C PRO K 107 40.71 -3.61 5.97
N ALA K 108 41.78 -2.84 5.77
CA ALA K 108 42.58 -3.01 4.58
C ALA K 108 44.04 -2.57 4.71
N LYS K 109 44.72 -2.55 3.56
CA LYS K 109 46.15 -2.25 3.48
C LYS K 109 46.66 -2.28 2.04
N ARG K 110 47.75 -1.57 1.80
CA ARG K 110 48.35 -1.55 0.47
C ARG K 110 49.63 -2.40 0.42
N LEU K 111 49.61 -3.43 -0.41
CA LEU K 111 50.76 -4.31 -0.55
C LEU K 111 51.98 -3.52 -0.98
N ALA K 112 53.12 -3.83 -0.39
CA ALA K 112 54.35 -3.19 -0.80
C ALA K 112 54.72 -3.73 -2.17
N ALA K 113 54.24 -4.94 -2.45
CA ALA K 113 54.57 -5.70 -3.65
C ALA K 113 53.87 -5.17 -4.90
N THR K 114 52.53 -5.17 -4.85
CA THR K 114 51.70 -4.83 -6.01
C THR K 114 51.31 -3.37 -6.05
N GLY K 115 51.31 -2.73 -4.89
CA GLY K 115 50.91 -1.33 -4.79
C GLY K 115 49.40 -1.17 -4.71
N LYS K 116 48.70 -2.32 -4.69
CA LYS K 116 47.24 -2.34 -4.66
C LYS K 116 46.71 -2.46 -3.24
N ARG K 117 45.59 -1.79 -2.98
CA ARG K 117 44.90 -1.98 -1.71
C ARG K 117 44.11 -3.28 -1.74
N VAL K 118 44.23 -4.06 -0.69
CA VAL K 118 43.50 -5.31 -0.57
C VAL K 118 42.94 -5.45 0.84
N ALA K 119 41.86 -6.19 0.96
CA ALA K 119 41.23 -6.37 2.26
C ALA K 119 42.04 -7.33 3.10
N LEU K 120 42.09 -7.07 4.41
CA LEU K 120 42.66 -8.01 5.37
C LEU K 120 41.66 -9.15 5.49
N LYS K 121 42.15 -10.31 5.92
CA LYS K 121 41.34 -11.54 5.86
C LYS K 121 40.87 -12.07 7.21
N THR K 122 41.72 -12.01 8.21
CA THR K 122 41.37 -12.64 9.49
C THR K 122 40.79 -11.63 10.49
N PRO K 123 39.99 -12.12 11.45
CA PRO K 123 39.36 -11.26 12.45
C PRO K 123 40.38 -10.54 13.30
N ALA K 124 41.53 -11.20 13.50
CA ALA K 124 42.60 -10.60 14.27
C ALA K 124 43.03 -9.36 13.51
N GLU K 125 43.43 -9.56 12.26
CA GLU K 125 43.82 -8.49 11.37
C GLU K 125 42.78 -7.35 11.34
N LYS K 126 41.51 -7.72 11.32
CA LYS K 126 40.45 -6.73 11.23
C LYS K 126 40.39 -5.89 12.47
N VAL K 127 40.62 -6.51 13.62
CA VAL K 127 40.55 -5.77 14.88
C VAL K 127 41.84 -5.00 15.13
N ALA K 128 42.97 -5.64 14.86
CA ALA K 128 44.23 -4.96 15.02
C ALA K 128 44.13 -3.66 14.24
N TRP K 129 43.53 -3.76 13.05
CA TRP K 129 43.34 -2.64 12.15
C TRP K 129 42.49 -1.53 12.78
N LEU K 130 41.33 -1.91 13.28
CA LEU K 130 40.47 -0.97 13.97
C LEU K 130 41.20 -0.32 15.16
N GLU K 131 41.82 -1.15 15.97
CA GLU K 131 42.58 -0.68 17.11
C GLU K 131 43.54 0.43 16.68
N ARG K 132 44.30 0.14 15.63
CA ARG K 132 45.27 1.09 15.13
C ARG K 132 44.60 2.36 14.58
N ARG K 133 43.61 2.19 13.70
CA ARG K 133 42.94 3.38 13.18
C ARG K 133 42.37 4.22 14.35
N LEU K 134 41.75 3.59 15.35
CA LEU K 134 41.18 4.37 16.44
C LEU K 134 42.29 5.11 17.16
N GLU K 135 43.42 4.44 17.33
CA GLU K 135 44.52 5.02 18.10
C GLU K 135 44.98 6.29 17.41
N GLU K 136 45.35 6.16 16.14
CA GLU K 136 45.74 7.33 15.37
C GLU K 136 44.66 8.41 15.36
N GLY K 137 43.39 8.01 15.33
CA GLY K 137 42.29 8.95 15.35
C GLY K 137 41.97 9.60 16.70
N GLY K 138 42.75 9.32 17.72
CA GLY K 138 42.57 10.01 18.97
C GLY K 138 41.63 9.29 19.92
N PHE K 139 41.41 8.01 19.65
CA PHE K 139 40.63 7.17 20.54
C PHE K 139 41.50 6.08 21.07
N ARG K 140 40.86 5.20 21.81
CA ARG K 140 41.54 4.09 22.43
C ARG K 140 40.44 3.14 22.79
N LEU K 141 40.52 1.96 22.21
CA LEU K 141 39.59 0.87 22.46
C LEU K 141 39.73 0.37 23.92
N LEU K 142 38.62 0.13 24.61
CA LEU K 142 38.66 -0.34 26.00
C LEU K 142 39.18 -1.77 26.09
N GLU K 143 39.94 -2.09 27.13
CA GLU K 143 40.55 -3.41 27.29
C GLU K 143 39.54 -4.55 27.38
N PRO K 148 39.74 -6.58 24.90
CA PRO K 148 39.62 -5.74 23.71
C PRO K 148 38.18 -5.60 23.26
N TRP K 149 37.45 -4.65 23.87
CA TRP K 149 36.01 -4.48 23.69
C TRP K 149 35.50 -4.10 22.28
N VAL K 150 35.68 -5.03 21.34
CA VAL K 150 35.09 -4.91 20.01
C VAL K 150 34.49 -6.25 19.61
N GLN K 151 33.28 -6.22 19.08
CA GLN K 151 32.70 -7.41 18.49
C GLN K 151 32.42 -7.16 17.03
N ILE K 152 32.68 -8.19 16.23
CA ILE K 152 32.26 -8.16 14.84
C ILE K 152 30.87 -8.75 14.70
N LEU K 153 29.96 -7.94 14.16
CA LEU K 153 28.56 -8.30 14.05
C LEU K 153 28.19 -8.81 12.68
N GLN K 154 29.01 -8.48 11.70
CA GLN K 154 28.63 -8.82 10.34
C GLN K 154 29.86 -8.67 9.48
N ASP K 155 30.00 -9.58 8.53
CA ASP K 155 31.18 -9.66 7.69
C ASP K 155 30.67 -10.19 6.37
N THR K 156 30.47 -9.29 5.42
CA THR K 156 29.87 -9.63 4.14
C THR K 156 30.62 -8.96 3.02
N PHE K 157 30.02 -8.98 1.85
CA PHE K 157 30.57 -8.21 0.74
C PHE K 157 29.51 -7.33 0.06
N LEU K 158 29.73 -6.03 0.08
CA LEU K 158 29.02 -5.18 -0.87
C LEU K 158 29.43 -5.61 -2.28
N GLU K 159 28.46 -5.88 -3.15
CA GLU K 159 28.77 -6.24 -4.53
C GLU K 159 28.80 -5.04 -5.46
N GLN K 174 32.98 -5.79 -5.78
CA GLN K 174 32.87 -6.65 -4.58
C GLN K 174 33.76 -6.30 -3.35
N VAL K 175 33.30 -5.38 -2.48
CA VAL K 175 34.07 -4.87 -1.33
C VAL K 175 33.68 -5.46 0.03
N GLN K 176 34.68 -5.86 0.81
CA GLN K 176 34.40 -6.48 2.10
C GLN K 176 33.90 -5.47 3.13
N ALA K 177 32.83 -5.81 3.81
CA ALA K 177 32.23 -4.90 4.77
C ALA K 177 32.15 -5.55 6.16
N VAL K 178 32.82 -4.94 7.11
CA VAL K 178 32.85 -5.45 8.45
C VAL K 178 32.21 -4.49 9.43
N LEU K 179 31.13 -4.92 10.06
CA LEU K 179 30.42 -4.14 11.06
C LEU K 179 31.01 -4.35 12.47
N PHE K 180 31.59 -3.29 13.03
CA PHE K 180 32.17 -3.31 14.37
C PHE K 180 31.26 -2.61 15.39
N GLU K 181 31.16 -3.20 16.57
CA GLU K 181 30.48 -2.62 17.71
C GLU K 181 31.52 -2.70 18.80
N GLY K 182 31.39 -1.85 19.82
CA GLY K 182 32.38 -1.84 20.89
C GLY K 182 32.34 -0.64 21.83
N ARG K 183 33.38 -0.53 22.63
CA ARG K 183 33.45 0.52 23.63
C ARG K 183 34.84 1.07 23.56
N LEU K 184 34.98 2.36 23.80
CA LEU K 184 36.25 3.03 23.58
C LEU K 184 36.38 4.25 24.45
N GLU K 185 37.59 4.77 24.50
CA GLU K 185 37.91 5.91 25.31
C GLU K 185 38.44 7.06 24.45
N VAL K 186 37.86 8.25 24.61
CA VAL K 186 38.37 9.47 23.99
C VAL K 186 39.72 9.79 24.61
N VAL K 187 40.75 9.85 23.79
CA VAL K 187 42.06 10.23 24.28
C VAL K 187 42.36 11.68 23.95
N ASP K 188 42.32 12.02 22.67
CA ASP K 188 42.52 13.40 22.28
C ASP K 188 41.26 13.94 21.65
N PRO K 189 40.45 14.66 22.45
CA PRO K 189 39.14 15.18 22.08
C PRO K 189 39.18 15.77 20.71
N GLU K 190 40.13 16.67 20.47
CA GLU K 190 40.19 17.38 19.20
C GLU K 190 40.56 16.46 18.04
N ARG K 191 41.58 15.65 18.25
CA ARG K 191 41.96 14.66 17.26
C ARG K 191 40.79 13.72 16.98
N ALA K 192 40.07 13.32 18.03
CA ALA K 192 38.91 12.45 17.90
C ALA K 192 37.80 13.09 17.05
N LEU K 193 37.61 14.39 17.22
CA LEU K 193 36.59 15.10 16.47
C LEU K 193 36.93 15.07 14.98
N ALA K 194 38.19 15.26 14.68
CA ALA K 194 38.65 15.29 13.30
C ALA K 194 38.37 13.95 12.68
N THR K 195 38.60 12.92 13.49
CA THR K 195 38.33 11.55 13.09
C THR K 195 36.87 11.29 12.74
N LEU K 196 35.94 11.76 13.59
CA LEU K 196 34.53 11.49 13.40
C LEU K 196 34.05 12.24 12.18
N ARG K 197 34.73 13.35 11.89
CA ARG K 197 34.38 14.17 10.74
C ARG K 197 34.83 13.56 9.42
N ARG K 198 35.98 12.86 9.43
CA ARG K 198 36.55 12.35 8.19
C ARG K 198 36.13 10.91 7.93
N GLY K 199 35.81 10.19 8.99
CA GLY K 199 35.44 8.80 8.87
C GLY K 199 36.69 7.97 8.92
N VAL K 200 36.52 6.66 8.74
CA VAL K 200 37.59 5.71 8.99
C VAL K 200 37.68 4.64 7.91
N GLY K 201 38.82 4.62 7.23
CA GLY K 201 39.09 3.65 6.20
C GLY K 201 38.49 3.93 4.84
N PRO K 202 38.75 3.02 3.90
CA PRO K 202 38.25 3.13 2.53
C PRO K 202 36.77 2.81 2.47
N GLY K 203 36.16 3.03 1.33
CA GLY K 203 34.77 2.71 1.16
C GLY K 203 33.83 3.83 1.53
N LYS K 204 34.36 5.03 1.75
CA LYS K 204 33.55 6.14 2.28
C LYS K 204 32.43 6.52 1.33
N ALA K 205 32.63 6.32 0.04
CA ALA K 205 31.56 6.63 -0.90
C ALA K 205 30.70 5.40 -1.21
N LEU K 206 30.79 4.40 -0.34
CA LEU K 206 30.03 3.17 -0.50
C LEU K 206 29.33 2.76 0.78
N GLY K 207 29.23 3.70 1.71
CA GLY K 207 28.52 3.47 2.96
C GLY K 207 29.41 2.75 3.94
N LEU K 208 30.70 3.01 3.83
CA LEU K 208 31.63 2.57 4.86
C LEU K 208 32.33 3.77 5.46
N GLY K 209 32.90 3.56 6.65
CA GLY K 209 33.79 4.51 7.31
C GLY K 209 33.10 5.45 8.27
N LEU K 210 31.77 5.44 8.29
CA LEU K 210 31.06 6.30 9.23
C LEU K 210 31.19 5.78 10.67
N LEU K 211 32.01 6.44 11.47
CA LEU K 211 32.16 6.02 12.85
C LEU K 211 31.14 6.71 13.76
N SER K 212 30.24 5.93 14.34
CA SER K 212 29.20 6.45 15.22
C SER K 212 29.62 6.22 16.64
N VAL K 213 29.54 7.26 17.47
CA VAL K 213 29.76 7.09 18.93
C VAL K 213 28.67 7.69 19.79
N ALA K 214 28.34 7.00 20.88
CA ALA K 214 27.38 7.52 21.86
C ALA K 214 27.63 6.96 23.27
N PRO K 215 27.24 7.73 24.31
CA PRO K 215 27.26 7.22 25.70
C PRO K 215 26.17 6.18 25.94
N GLY M 3 9.83 -42.77 36.25
CA GLY M 3 9.09 -42.75 35.00
C GLY M 3 10.02 -43.02 33.81
N ALA M 4 9.77 -44.10 33.07
CA ALA M 4 10.72 -44.47 32.01
C ALA M 4 10.34 -43.84 30.68
N MET M 5 11.36 -43.43 29.93
CA MET M 5 11.20 -42.98 28.56
C MET M 5 10.97 -44.20 27.68
N TRP M 6 10.42 -43.96 26.50
CA TRP M 6 10.09 -45.05 25.58
C TRP M 6 10.73 -44.90 24.20
N LEU M 7 11.15 -46.03 23.64
CA LEU M 7 11.76 -46.04 22.32
C LEU M 7 10.97 -46.95 21.38
N THR M 8 10.16 -46.35 20.50
CA THR M 8 9.46 -47.14 19.50
C THR M 8 10.16 -47.06 18.14
N LYS M 9 10.26 -48.22 17.49
CA LYS M 9 10.85 -48.32 16.16
C LYS M 9 9.74 -48.66 15.16
N LEU M 10 9.67 -47.90 14.08
CA LEU M 10 8.66 -48.12 13.08
C LEU M 10 9.33 -48.30 11.73
N VAL M 11 8.83 -49.26 10.95
CA VAL M 11 9.22 -49.39 9.57
C VAL M 11 7.98 -49.00 8.80
N LEU M 12 8.04 -47.89 8.09
CA LEU M 12 6.85 -47.45 7.37
C LEU M 12 6.67 -48.28 6.11
N ASN M 13 5.42 -48.53 5.76
CA ASN M 13 5.12 -49.15 4.48
C ASN M 13 5.06 -48.10 3.35
N PRO M 14 6.03 -48.13 2.42
CA PRO M 14 6.02 -47.20 1.28
C PRO M 14 4.77 -47.32 0.41
N ALA M 15 4.12 -48.48 0.47
CA ALA M 15 2.89 -48.73 -0.29
C ALA M 15 1.72 -47.94 0.30
N SER M 16 1.82 -47.67 1.60
CA SER M 16 0.80 -46.88 2.28
C SER M 16 0.86 -45.42 1.83
N ARG M 17 -0.31 -44.88 1.46
CA ARG M 17 -0.45 -43.49 1.04
C ARG M 17 -0.12 -42.50 2.18
N ALA M 18 -0.71 -42.72 3.36
CA ALA M 18 -0.46 -41.85 4.50
C ALA M 18 1.00 -41.95 4.92
N ALA M 19 1.60 -43.12 4.74
CA ALA M 19 3.04 -43.28 5.01
C ALA M 19 3.90 -42.45 4.03
N ARG M 20 3.54 -42.48 2.75
CA ARG M 20 4.28 -41.70 1.76
C ARG M 20 4.09 -40.22 2.04
N ARG M 21 2.93 -39.86 2.56
CA ARG M 21 2.63 -38.49 2.96
C ARG M 21 3.55 -37.96 4.08
N ASP M 22 3.63 -38.69 5.20
CA ASP M 22 4.43 -38.24 6.35
C ASP M 22 5.94 -38.33 6.10
N LEU M 23 6.33 -39.03 5.04
CA LEU M 23 7.76 -39.20 4.77
C LEU M 23 8.33 -37.98 4.07
N ALA M 24 7.46 -37.25 3.41
CA ALA M 24 7.88 -36.11 2.60
C ALA M 24 7.56 -34.79 3.30
N ASN M 25 6.60 -34.84 4.22
CA ASN M 25 6.20 -33.65 4.98
C ASN M 25 6.33 -33.88 6.49
N PRO M 26 7.42 -33.41 7.09
CA PRO M 26 7.67 -33.66 8.51
C PRO M 26 6.50 -33.22 9.39
N TYR M 27 5.75 -32.21 8.93
CA TYR M 27 4.61 -31.69 9.69
C TYR M 27 3.53 -32.75 9.84
N GLU M 28 3.33 -33.55 8.80
CA GLU M 28 2.33 -34.59 8.83
C GLU M 28 2.84 -35.83 9.56
N MET M 29 4.17 -36.00 9.57
CA MET M 29 4.80 -37.05 10.36
C MET M 29 4.60 -36.77 11.85
N HIS M 30 4.73 -35.49 12.21
CA HIS M 30 4.61 -35.04 13.59
C HIS M 30 3.15 -35.02 14.05
N ARG M 31 2.24 -34.82 13.11
CA ARG M 31 0.81 -34.84 13.44
C ARG M 31 0.35 -36.25 13.77
N THR M 32 0.90 -37.22 13.05
CA THR M 32 0.57 -38.64 13.20
C THR M 32 1.22 -39.21 14.45
N LEU M 33 2.55 -39.12 14.54
CA LEU M 33 3.28 -39.67 15.68
C LEU M 33 2.67 -39.17 16.99
N SER M 34 2.04 -37.99 16.93
CA SER M 34 1.45 -37.30 18.08
C SER M 34 0.19 -37.99 18.58
N LYS M 35 -0.51 -38.68 17.68
CA LYS M 35 -1.72 -39.39 18.05
C LYS M 35 -1.47 -40.49 19.12
N ALA M 36 -0.25 -41.01 19.19
CA ALA M 36 0.09 -42.09 20.13
C ALA M 36 0.29 -41.60 21.57
N VAL M 37 0.27 -40.28 21.75
CA VAL M 37 0.48 -39.68 23.06
C VAL M 37 -0.37 -38.44 23.18
N SER M 38 -1.51 -38.41 22.49
CA SER M 38 -2.31 -37.19 22.43
C SER M 38 -2.57 -36.65 23.82
N ARG M 39 -2.98 -37.51 24.75
CA ARG M 39 -3.35 -37.04 26.08
C ARG M 39 -2.17 -36.47 26.87
N ALA M 40 -1.07 -37.19 26.91
CA ALA M 40 0.10 -36.71 27.64
C ALA M 40 0.53 -35.33 27.13
N LEU M 41 0.61 -35.20 25.81
CA LEU M 41 1.01 -33.95 25.20
C LEU M 41 0.08 -32.82 25.62
N GLU M 42 -1.22 -33.10 25.52
CA GLU M 42 -2.26 -32.14 25.88
C GLU M 42 -2.06 -31.64 27.30
N GLU M 43 -1.31 -32.39 28.09
CA GLU M 43 -1.20 -32.11 29.52
C GLU M 43 0.17 -31.59 29.92
N GLY M 44 1.00 -31.29 28.92
CA GLY M 44 2.33 -30.74 29.14
C GLY M 44 3.30 -31.73 29.74
N ARG M 45 2.97 -33.01 29.68
CA ARG M 45 3.80 -34.06 30.26
C ARG M 45 4.70 -34.73 29.22
N GLU M 46 4.54 -34.38 27.96
CA GLU M 46 5.25 -35.08 26.91
C GLU M 46 6.24 -34.21 26.14
N ARG M 47 7.27 -34.84 25.59
CA ARG M 47 8.19 -34.20 24.66
C ARG M 47 8.55 -35.15 23.51
N LEU M 48 7.71 -35.20 22.47
CA LEU M 48 7.91 -36.09 21.33
C LEU M 48 9.17 -35.76 20.51
N LEU M 49 9.99 -36.77 20.23
CA LEU M 49 11.22 -36.59 19.46
C LEU M 49 11.35 -37.73 18.50
N TRP M 50 11.86 -37.46 17.31
CA TRP M 50 12.04 -38.55 16.40
C TRP M 50 13.15 -38.34 15.40
N ARG M 51 13.63 -39.43 14.82
CA ARG M 51 14.56 -39.33 13.71
C ARG M 51 14.10 -40.23 12.57
N LEU M 52 14.17 -39.71 11.35
CA LEU M 52 14.04 -40.55 10.17
C LEU M 52 15.43 -41.12 9.86
N GLU M 53 15.55 -42.44 9.91
CA GLU M 53 16.86 -43.11 9.84
C GLU M 53 17.47 -43.11 8.44
N PRO M 54 18.81 -43.13 8.37
CA PRO M 54 19.54 -43.13 7.10
C PRO M 54 19.05 -44.23 6.15
N PRO M 60 14.08 -49.87 3.02
CA PRO M 60 13.18 -50.08 4.17
C PRO M 60 13.25 -48.90 5.14
N PRO M 61 12.25 -48.00 5.08
CA PRO M 61 12.21 -46.71 5.77
C PRO M 61 11.91 -46.83 7.27
N VAL M 62 12.86 -46.39 8.10
CA VAL M 62 12.84 -46.57 9.57
C VAL M 62 12.72 -45.27 10.41
N VAL M 63 11.69 -45.18 11.24
CA VAL M 63 11.51 -44.02 12.14
C VAL M 63 11.72 -44.32 13.65
N LEU M 64 12.71 -43.67 14.27
CA LEU M 64 12.91 -43.76 15.71
C LEU M 64 12.11 -42.69 16.45
N VAL M 65 11.16 -43.11 17.27
CA VAL M 65 10.33 -42.21 18.05
C VAL M 65 10.67 -42.30 19.55
N GLN M 66 11.11 -41.19 20.12
CA GLN M 66 11.28 -41.11 21.56
C GLN M 66 10.13 -40.40 22.21
N THR M 67 9.57 -41.00 23.24
CA THR M 67 8.55 -40.35 24.05
C THR M 67 8.85 -40.51 25.55
N LEU M 68 8.20 -39.70 26.37
CA LEU M 68 8.45 -39.73 27.80
C LEU M 68 7.37 -40.53 28.50
N THR M 69 6.25 -40.73 27.80
CA THR M 69 5.15 -41.55 28.29
C THR M 69 4.79 -42.66 27.32
N GLU M 70 4.17 -43.70 27.86
CA GLU M 70 3.83 -44.91 27.12
C GLU M 70 2.98 -44.58 25.90
N PRO M 71 3.47 -44.97 24.72
CA PRO M 71 2.80 -44.69 23.45
C PRO M 71 1.74 -45.73 23.09
N ASP M 72 0.59 -45.28 22.58
CA ASP M 72 -0.43 -46.19 22.06
C ASP M 72 -0.46 -46.16 20.52
N TRP M 73 0.21 -47.12 19.89
CA TRP M 73 0.28 -47.15 18.42
C TRP M 73 -0.92 -47.85 17.73
N SER M 74 -1.91 -48.27 18.52
CA SER M 74 -3.15 -48.77 17.92
C SER M 74 -3.98 -47.59 17.37
N VAL M 75 -3.41 -46.39 17.44
CA VAL M 75 -3.98 -45.23 16.75
C VAL M 75 -3.64 -45.22 15.26
N LEU M 76 -2.51 -45.84 14.92
CA LEU M 76 -2.05 -45.97 13.52
C LEU M 76 -2.99 -46.78 12.61
N ASP M 77 -3.29 -46.24 11.42
CA ASP M 77 -3.73 -47.04 10.28
C ASP M 77 -2.41 -47.55 9.72
N GLU M 78 -2.42 -48.47 8.74
CA GLU M 78 -3.52 -49.37 8.45
C GLU M 78 -2.94 -50.77 8.61
N GLY M 79 -1.89 -51.10 7.84
CA GLY M 79 -1.42 -50.35 6.68
C GLY M 79 -0.14 -49.52 6.73
N TYR M 80 -0.16 -48.50 7.59
CA TYR M 80 0.85 -47.45 7.62
C TYR M 80 2.24 -47.92 8.05
N ALA M 81 2.31 -48.88 8.96
CA ALA M 81 3.61 -49.31 9.47
C ALA M 81 3.62 -50.71 10.11
N GLN M 82 4.81 -51.28 10.23
CA GLN M 82 5.08 -52.40 11.13
C GLN M 82 5.68 -51.83 12.42
N VAL M 83 4.95 -51.94 13.53
CA VAL M 83 5.41 -51.37 14.80
C VAL M 83 6.10 -52.39 15.70
N PHE M 84 7.41 -52.23 15.89
CA PHE M 84 8.16 -53.01 16.87
C PHE M 84 7.70 -52.61 18.27
N PRO M 85 7.83 -53.51 19.26
CA PRO M 85 7.29 -53.24 20.59
C PRO M 85 8.00 -52.07 21.30
N PRO M 86 7.25 -51.02 21.65
CA PRO M 86 7.82 -49.86 22.35
C PRO M 86 8.76 -50.31 23.47
N LYS M 87 9.99 -49.82 23.48
CA LYS M 87 10.97 -50.23 24.47
C LYS M 87 11.17 -49.18 25.57
N PRO M 88 10.79 -49.49 26.81
CA PRO M 88 11.05 -48.52 27.90
C PRO M 88 12.52 -48.53 28.30
N PHE M 89 12.97 -47.48 28.97
CA PHE M 89 14.33 -47.45 29.47
C PHE M 89 14.56 -46.29 30.42
N HIS M 90 15.52 -46.49 31.32
CA HIS M 90 15.97 -45.45 32.24
C HIS M 90 17.46 -45.28 32.02
N PRO M 91 17.85 -44.27 31.22
CA PRO M 91 19.28 -44.03 30.95
C PRO M 91 20.10 -44.13 32.23
N ALA M 92 21.20 -44.86 32.19
CA ALA M 92 22.05 -45.05 33.39
C ALA M 92 22.69 -43.72 33.81
N LEU M 93 23.56 -43.20 32.95
CA LEU M 93 24.16 -41.88 33.14
C LEU M 93 24.94 -41.75 34.43
N LYS M 94 25.83 -42.70 34.67
CA LYS M 94 26.79 -42.61 35.76
C LYS M 94 27.91 -41.67 35.30
N PRO M 95 28.29 -40.71 36.14
CA PRO M 95 29.38 -39.81 35.72
C PRO M 95 30.56 -40.61 35.23
N GLY M 96 31.18 -40.15 34.14
CA GLY M 96 32.31 -40.85 33.56
C GLY M 96 31.91 -41.88 32.52
N GLN M 97 30.62 -42.22 32.47
CA GLN M 97 30.12 -43.10 31.42
C GLN M 97 30.35 -42.56 30.00
N ARG M 98 30.90 -43.41 29.13
CA ARG M 98 31.10 -43.06 27.74
C ARG M 98 29.93 -43.62 26.93
N LEU M 99 29.54 -42.92 25.88
CA LEU M 99 28.44 -43.38 25.05
C LEU M 99 28.72 -43.01 23.59
N ARG M 100 28.20 -43.81 22.67
CA ARG M 100 28.18 -43.44 21.26
C ARG M 100 26.92 -42.60 21.11
N PHE M 101 26.92 -41.63 20.19
CA PHE M 101 25.73 -40.76 20.06
C PHE M 101 25.41 -40.47 18.61
N ARG M 102 24.14 -40.22 18.34
CA ARG M 102 23.70 -39.83 17.02
C ARG M 102 22.67 -38.72 17.16
N LEU M 103 22.85 -37.66 16.36
CA LEU M 103 21.93 -36.52 16.38
C LEU M 103 21.76 -35.88 14.98
N ARG M 104 20.52 -35.88 14.49
CA ARG M 104 20.19 -35.09 13.32
C ARG M 104 19.64 -33.72 13.78
N ALA M 105 20.41 -32.67 13.52
CA ALA M 105 20.14 -31.36 14.12
C ALA M 105 20.28 -30.16 13.17
N ASN M 106 19.80 -29.01 13.64
CA ASN M 106 19.90 -27.75 12.94
C ASN M 106 20.74 -26.76 13.75
N PRO M 107 22.07 -26.80 13.57
CA PRO M 107 22.99 -25.86 14.22
C PRO M 107 22.72 -24.41 13.81
N ALA M 108 22.48 -23.59 14.83
CA ALA M 108 21.98 -22.26 14.58
C ALA M 108 22.54 -21.27 15.58
N LYS M 109 22.67 -20.02 15.14
CA LYS M 109 22.93 -18.91 16.04
C LYS M 109 21.94 -17.79 15.75
N ARG M 110 21.58 -17.00 16.78
CA ARG M 110 20.77 -15.81 16.55
C ARG M 110 21.71 -14.63 16.33
N LEU M 111 21.67 -14.04 15.14
CA LEU M 111 22.52 -12.86 14.85
C LEU M 111 22.20 -11.64 15.72
N ALA M 112 23.22 -11.08 16.37
CA ALA M 112 23.04 -9.91 17.23
C ALA M 112 22.62 -8.71 16.40
N ALA M 113 23.15 -8.61 15.19
CA ALA M 113 22.82 -7.51 14.29
C ALA M 113 21.36 -7.54 13.83
N THR M 114 20.90 -8.73 13.41
CA THR M 114 19.59 -8.85 12.78
C THR M 114 18.50 -9.31 13.74
N GLY M 115 18.90 -9.91 14.86
CA GLY M 115 17.95 -10.52 15.77
C GLY M 115 17.38 -11.77 15.13
N LYS M 116 18.03 -12.22 14.06
CA LYS M 116 17.51 -13.30 13.21
C LYS M 116 18.33 -14.58 13.31
N ARG M 117 17.65 -15.70 13.55
CA ARG M 117 18.32 -16.98 13.69
C ARG M 117 18.74 -17.56 12.33
N VAL M 118 19.99 -17.98 12.22
CA VAL M 118 20.52 -18.51 10.96
C VAL M 118 21.27 -19.83 11.16
N ALA M 119 21.25 -20.67 10.12
CA ALA M 119 22.07 -21.88 10.11
C ALA M 119 23.54 -21.50 10.10
N LEU M 120 24.37 -22.30 10.76
CA LEU M 120 25.82 -22.10 10.70
C LEU M 120 26.30 -22.69 9.37
N LYS M 121 27.42 -22.23 8.86
CA LYS M 121 27.82 -22.62 7.52
C LYS M 121 28.86 -23.75 7.49
N THR M 122 30.09 -23.46 7.93
CA THR M 122 31.16 -24.45 7.93
C THR M 122 30.93 -25.60 8.88
N PRO M 123 31.50 -26.77 8.54
CA PRO M 123 31.66 -27.95 9.39
C PRO M 123 32.25 -27.59 10.76
N ALA M 124 33.34 -26.84 10.77
CA ALA M 124 33.97 -26.39 12.03
C ALA M 124 32.97 -25.76 12.98
N GLU M 125 32.07 -24.95 12.41
CA GLU M 125 31.04 -24.28 13.18
C GLU M 125 29.97 -25.26 13.67
N LYS M 126 29.60 -26.22 12.82
CA LYS M 126 28.64 -27.24 13.22
C LYS M 126 29.16 -28.04 14.43
N VAL M 127 30.34 -28.62 14.29
CA VAL M 127 30.96 -29.38 15.37
C VAL M 127 31.08 -28.53 16.64
N ALA M 128 31.29 -27.23 16.45
CA ALA M 128 31.50 -26.32 17.58
C ALA M 128 30.20 -26.06 18.33
N TRP M 129 29.15 -25.73 17.60
CA TRP M 129 27.81 -25.67 18.15
C TRP M 129 27.50 -26.94 18.93
N LEU M 130 27.63 -28.09 18.26
CA LEU M 130 27.37 -29.38 18.89
C LEU M 130 28.18 -29.54 20.18
N GLU M 131 29.47 -29.24 20.08
CA GLU M 131 30.33 -29.28 21.23
C GLU M 131 29.72 -28.48 22.39
N ARG M 132 29.27 -27.26 22.08
CA ARG M 132 28.76 -26.35 23.09
C ARG M 132 27.41 -26.82 23.65
N ARG M 133 26.56 -27.36 22.78
CA ARG M 133 25.26 -27.83 23.22
C ARG M 133 25.44 -28.94 24.25
N LEU M 134 26.33 -29.89 23.95
CA LEU M 134 26.54 -31.07 24.79
C LEU M 134 27.11 -30.66 26.13
N GLU M 135 28.10 -29.77 26.07
CA GLU M 135 28.73 -29.24 27.26
C GLU M 135 27.68 -28.61 28.17
N GLU M 136 26.80 -27.81 27.57
CA GLU M 136 25.76 -27.10 28.30
C GLU M 136 24.68 -28.03 28.86
N GLY M 137 24.55 -29.21 28.27
CA GLY M 137 23.54 -30.18 28.67
C GLY M 137 24.08 -31.31 29.55
N GLY M 138 25.27 -31.13 30.10
CA GLY M 138 25.82 -32.04 31.08
C GLY M 138 26.62 -33.16 30.47
N PHE M 139 27.03 -32.97 29.22
CA PHE M 139 27.81 -33.97 28.48
C PHE M 139 29.14 -33.37 28.07
N ARG M 140 29.94 -34.14 27.35
CA ARG M 140 31.20 -33.63 26.83
C ARG M 140 31.74 -34.54 25.76
N LEU M 141 31.92 -34.01 24.55
CA LEU M 141 32.56 -34.76 23.49
C LEU M 141 33.92 -35.34 23.93
N LEU M 142 34.12 -36.63 23.63
CA LEU M 142 35.44 -37.22 23.80
C LEU M 142 36.39 -36.67 22.73
N GLU M 143 37.69 -36.81 22.97
CA GLU M 143 38.65 -35.89 22.37
C GLU M 143 39.81 -36.59 21.67
N GLY M 147 41.61 -34.81 15.94
CA GLY M 147 40.44 -34.00 16.22
C GLY M 147 39.51 -34.60 17.27
N PRO M 148 38.25 -34.12 17.28
CA PRO M 148 37.22 -34.56 18.23
C PRO M 148 36.40 -35.71 17.70
N TRP M 149 35.91 -36.57 18.61
CA TRP M 149 35.13 -37.76 18.28
C TRP M 149 33.73 -37.50 17.73
N VAL M 150 33.64 -36.80 16.60
CA VAL M 150 32.36 -36.60 15.92
C VAL M 150 32.58 -36.48 14.42
N GLN M 151 31.56 -36.79 13.63
CA GLN M 151 31.65 -36.58 12.20
C GLN M 151 30.30 -36.33 11.57
N ILE M 152 30.29 -35.46 10.57
CA ILE M 152 29.05 -35.04 9.94
C ILE M 152 28.67 -36.00 8.83
N LEU M 153 28.02 -37.08 9.20
CA LEU M 153 27.62 -38.13 8.29
C LEU M 153 26.82 -37.59 7.13
N GLN M 154 26.03 -36.57 7.38
CA GLN M 154 25.16 -36.01 6.37
C GLN M 154 24.88 -34.54 6.65
N ASP M 155 24.50 -33.82 5.62
CA ASP M 155 24.24 -32.41 5.72
C ASP M 155 23.34 -32.04 4.57
N THR M 156 22.06 -32.33 4.74
CA THR M 156 21.09 -32.03 3.72
C THR M 156 20.21 -30.90 4.23
N PHE M 157 19.00 -30.80 3.68
CA PHE M 157 18.00 -29.80 4.07
C PHE M 157 16.62 -30.44 4.03
N LEU M 158 15.72 -29.99 4.90
CA LEU M 158 14.35 -30.47 4.92
C LEU M 158 13.45 -29.44 4.22
N GLU M 159 12.26 -29.86 3.80
CA GLU M 159 11.31 -28.94 3.19
C GLU M 159 10.00 -28.76 3.99
N VAL M 160 9.79 -27.54 4.49
CA VAL M 160 8.60 -27.17 5.26
C VAL M 160 8.74 -27.60 6.72
N LEU M 173 9.72 -24.07 2.34
CA LEU M 173 10.83 -23.49 3.11
C LEU M 173 11.79 -24.55 3.66
N GLN M 174 13.08 -24.25 3.67
CA GLN M 174 14.10 -25.26 3.97
C GLN M 174 14.84 -25.10 5.29
N VAL M 175 15.12 -26.23 5.94
CA VAL M 175 15.83 -26.27 7.22
C VAL M 175 17.02 -27.23 7.14
N GLN M 176 18.23 -26.69 7.38
CA GLN M 176 19.46 -27.48 7.25
C GLN M 176 19.54 -28.58 8.31
N ALA M 177 19.75 -29.81 7.86
CA ALA M 177 19.74 -30.97 8.74
C ALA M 177 21.05 -31.75 8.70
N VAL M 178 21.89 -31.50 9.69
CA VAL M 178 23.18 -32.18 9.83
C VAL M 178 23.01 -33.46 10.66
N LEU M 179 23.61 -34.55 10.19
CA LEU M 179 23.57 -35.80 10.94
C LEU M 179 24.92 -36.09 11.60
N PHE M 180 24.97 -35.81 12.90
CA PHE M 180 26.16 -35.99 13.71
C PHE M 180 26.23 -37.39 14.28
N GLU M 181 27.43 -37.95 14.38
CA GLU M 181 27.63 -39.19 15.13
C GLU M 181 29.04 -39.24 15.70
N GLY M 182 29.15 -39.66 16.95
CA GLY M 182 30.45 -39.79 17.56
C GLY M 182 30.36 -40.40 18.92
N ARG M 183 31.38 -40.09 19.72
CA ARG M 183 31.52 -40.62 21.07
C ARG M 183 31.52 -39.48 22.08
N LEU M 184 30.72 -39.63 23.12
CA LEU M 184 30.70 -38.64 24.20
C LEU M 184 30.74 -39.30 25.59
N GLU M 185 31.02 -38.50 26.62
CA GLU M 185 31.03 -38.98 27.99
C GLU M 185 30.10 -38.13 28.84
N VAL M 186 29.36 -38.77 29.75
CA VAL M 186 28.52 -38.03 30.70
C VAL M 186 29.37 -37.22 31.71
N VAL M 187 28.98 -35.96 31.94
CA VAL M 187 29.67 -35.12 32.94
C VAL M 187 28.81 -34.81 34.19
N ASP M 188 27.54 -34.48 33.98
CA ASP M 188 26.58 -34.37 35.07
C ASP M 188 25.29 -35.10 34.70
N PRO M 189 25.02 -36.22 35.39
CA PRO M 189 23.86 -37.09 35.14
C PRO M 189 22.55 -36.32 35.04
N GLU M 190 22.30 -35.44 36.01
CA GLU M 190 21.03 -34.72 36.06
C GLU M 190 20.77 -33.88 34.81
N ARG M 191 21.71 -33.03 34.44
CA ARG M 191 21.56 -32.23 33.22
C ARG M 191 21.52 -33.16 32.00
N ALA M 192 22.54 -34.00 31.90
CA ALA M 192 22.63 -34.99 30.83
C ALA M 192 21.29 -35.71 30.61
N LEU M 193 20.65 -36.19 31.67
CA LEU M 193 19.35 -36.84 31.51
C LEU M 193 18.33 -35.83 31.01
N ALA M 194 18.46 -34.60 31.51
CA ALA M 194 17.55 -33.52 31.16
C ALA M 194 17.67 -33.21 29.69
N THR M 195 18.91 -33.21 29.19
CA THR M 195 19.16 -33.07 27.75
C THR M 195 18.48 -34.14 26.88
N LEU M 196 18.50 -35.39 27.35
CA LEU M 196 17.93 -36.52 26.58
C LEU M 196 16.44 -36.44 26.43
N ARG M 197 15.75 -36.08 27.51
CA ARG M 197 14.30 -35.99 27.50
C ARG M 197 13.80 -34.80 26.66
N ARG M 198 14.65 -33.80 26.54
CA ARG M 198 14.31 -32.54 25.88
C ARG M 198 14.60 -32.60 24.37
N GLY M 199 15.76 -33.13 24.01
CA GLY M 199 16.22 -33.00 22.65
C GLY M 199 17.23 -31.87 22.56
N VAL M 200 17.95 -31.80 21.45
CA VAL M 200 18.95 -30.77 21.29
C VAL M 200 18.76 -29.92 20.01
N GLY M 201 18.54 -28.62 20.21
CA GLY M 201 18.44 -27.66 19.14
C GLY M 201 17.03 -27.55 18.60
N PRO M 202 16.84 -26.68 17.59
CA PRO M 202 15.57 -26.34 16.94
C PRO M 202 15.07 -27.33 15.86
N GLY M 203 13.74 -27.41 15.73
CA GLY M 203 13.11 -28.28 14.76
C GLY M 203 12.73 -29.66 15.30
N LYS M 204 12.35 -29.71 16.59
CA LYS M 204 12.02 -30.98 17.21
C LYS M 204 10.73 -31.58 16.63
N ALA M 205 9.93 -30.73 16.00
CA ALA M 205 8.68 -31.19 15.38
C ALA M 205 8.90 -31.53 13.92
N LEU M 206 10.16 -31.62 13.52
CA LEU M 206 10.54 -31.82 12.13
C LEU M 206 11.52 -32.97 11.95
N GLY M 207 11.72 -33.77 13.00
CA GLY M 207 12.63 -34.91 12.95
C GLY M 207 14.06 -34.57 13.29
N LEU M 208 14.23 -33.45 13.99
CA LEU M 208 15.54 -33.03 14.46
C LEU M 208 15.51 -32.98 15.98
N GLY M 209 16.68 -32.88 16.60
CA GLY M 209 16.77 -32.76 18.05
C GLY M 209 16.91 -34.03 18.89
N LEU M 210 16.47 -35.19 18.40
CA LEU M 210 16.60 -36.44 19.14
C LEU M 210 18.06 -36.79 19.35
N LEU M 211 18.55 -36.69 20.58
CA LEU M 211 19.89 -37.20 20.90
C LEU M 211 19.80 -38.66 21.34
N SER M 212 20.50 -39.50 20.59
CA SER M 212 20.51 -40.96 20.78
C SER M 212 21.84 -41.37 21.41
N VAL M 213 21.77 -42.10 22.53
CA VAL M 213 22.98 -42.64 23.17
C VAL M 213 22.92 -44.16 23.38
N ALA M 214 24.09 -44.80 23.38
CA ALA M 214 24.20 -46.25 23.59
C ALA M 214 25.62 -46.58 23.99
N PRO M 215 25.79 -47.58 24.86
CA PRO M 215 27.11 -47.91 25.42
C PRO M 215 27.96 -48.75 24.47
N ALA O 4 16.47 25.33 5.74
CA ALA O 4 17.48 26.32 5.36
C ALA O 4 17.52 27.46 6.38
N MET O 5 16.35 27.84 6.89
CA MET O 5 16.24 28.97 7.82
C MET O 5 16.65 28.59 9.25
N TRP O 6 17.41 29.46 9.91
CA TRP O 6 17.85 29.17 11.26
C TRP O 6 17.14 30.05 12.29
N LEU O 7 16.79 29.48 13.45
CA LEU O 7 16.00 30.18 14.46
C LEU O 7 16.67 30.24 15.84
N THR O 8 17.46 31.29 16.09
CA THR O 8 18.27 31.37 17.30
C THR O 8 17.54 32.01 18.49
N LYS O 9 17.54 31.33 19.62
CA LYS O 9 16.84 31.79 20.82
C LYS O 9 17.78 31.96 22.03
N LEU O 10 17.88 33.19 22.55
CA LEU O 10 18.79 33.46 23.65
C LEU O 10 18.07 34.06 24.85
N VAL O 11 18.66 33.83 26.03
CA VAL O 11 18.12 34.39 27.26
C VAL O 11 19.19 35.29 27.85
N LEU O 12 19.23 36.53 27.40
CA LEU O 12 20.20 37.51 27.89
C LEU O 12 20.40 37.42 29.41
N ASN O 13 21.55 37.89 29.88
CA ASN O 13 21.82 38.00 31.32
C ASN O 13 21.75 39.46 31.79
N PRO O 14 20.73 39.81 32.58
CA PRO O 14 20.49 41.18 33.03
C PRO O 14 21.67 41.76 33.82
N ALA O 15 22.55 40.87 34.28
CA ALA O 15 23.77 41.25 34.97
C ALA O 15 24.80 41.79 33.98
N SER O 16 24.70 41.34 32.72
CA SER O 16 25.57 41.84 31.68
C SER O 16 25.22 43.30 31.33
N ARG O 17 26.23 44.16 31.40
CA ARG O 17 26.08 45.53 30.93
C ARG O 17 26.01 45.47 29.41
N ALA O 18 26.60 44.40 28.86
CA ALA O 18 26.45 44.11 27.45
C ALA O 18 24.97 44.08 27.18
N ALA O 19 24.28 43.17 27.87
CA ALA O 19 22.84 43.02 27.76
C ALA O 19 22.08 44.23 28.30
N ARG O 20 22.77 45.09 29.05
CA ARG O 20 22.16 46.33 29.54
C ARG O 20 22.03 47.33 28.40
N ARG O 21 22.71 47.08 27.29
CA ARG O 21 22.65 47.95 26.12
C ARG O 21 21.61 47.50 25.09
N ASP O 22 21.87 46.34 24.45
CA ASP O 22 21.00 45.81 23.40
C ASP O 22 19.55 45.62 23.86
N LEU O 23 19.31 45.87 25.15
CA LEU O 23 17.98 45.77 25.74
C LEU O 23 17.19 47.08 25.66
N ALA O 24 17.89 48.21 25.59
CA ALA O 24 17.23 49.50 25.65
C ALA O 24 17.51 50.40 24.45
N ASN O 25 18.56 50.09 23.70
CA ASN O 25 18.79 50.76 22.42
C ASN O 25 18.81 49.70 21.34
N PRO O 26 17.66 49.46 20.69
CA PRO O 26 17.50 48.38 19.70
C PRO O 26 18.60 48.39 18.63
N TYR O 27 19.31 49.51 18.53
CA TYR O 27 20.48 49.65 17.67
C TYR O 27 21.61 48.77 18.17
N GLU O 28 21.63 48.56 19.48
CA GLU O 28 22.63 47.70 20.13
C GLU O 28 22.29 46.23 20.00
N MET O 29 21.00 45.89 19.92
CA MET O 29 20.58 44.52 19.65
C MET O 29 20.72 44.17 18.17
N HIS O 30 20.75 45.19 17.32
CA HIS O 30 20.92 45.01 15.87
C HIS O 30 22.40 44.92 15.49
N ARG O 31 23.20 45.85 15.99
CA ARG O 31 24.66 45.85 15.78
C ARG O 31 25.30 44.61 16.37
N THR O 32 24.86 44.22 17.55
CA THR O 32 25.37 43.04 18.23
C THR O 32 25.03 41.75 17.49
N LEU O 33 23.75 41.37 17.54
CA LEU O 33 23.29 40.08 17.01
C LEU O 33 23.73 39.86 15.57
N SER O 34 24.12 40.95 14.90
CA SER O 34 24.54 40.96 13.50
C SER O 34 25.95 40.41 13.29
N LYS O 35 26.84 40.69 14.25
CA LYS O 35 28.17 40.09 14.31
C LYS O 35 28.13 38.56 14.40
N ALA O 36 26.95 37.97 14.28
CA ALA O 36 26.86 36.52 14.24
C ALA O 36 26.98 36.03 12.79
N VAL O 37 27.25 36.97 11.90
CA VAL O 37 27.43 36.65 10.48
C VAL O 37 28.57 37.46 9.88
N SER O 38 28.33 38.77 9.76
CA SER O 38 29.20 39.71 9.04
C SER O 38 29.42 39.27 7.59
N ARG O 39 29.90 38.05 7.40
CA ARG O 39 30.20 37.51 6.07
C ARG O 39 28.94 37.31 5.22
N ALA O 40 27.92 36.69 5.79
CA ALA O 40 26.67 36.49 5.07
C ALA O 40 26.04 37.83 4.63
N LEU O 41 25.58 38.61 5.61
CA LEU O 41 24.89 39.87 5.32
C LEU O 41 25.67 40.73 4.34
N GLU O 42 26.98 40.84 4.55
CA GLU O 42 27.83 41.69 3.71
C GLU O 42 27.77 41.22 2.26
N GLU O 43 27.61 39.90 2.09
CA GLU O 43 27.44 39.27 0.78
C GLU O 43 26.01 39.42 0.26
N GLY O 44 25.16 40.10 1.05
CA GLY O 44 23.77 40.32 0.71
C GLY O 44 22.87 39.10 0.91
N ARG O 45 23.46 38.01 1.39
CA ARG O 45 22.76 36.74 1.52
C ARG O 45 22.21 36.47 2.94
N GLU O 46 21.55 37.46 3.53
CA GLU O 46 20.80 37.24 4.78
C GLU O 46 19.93 38.43 5.19
N ARG O 47 18.95 38.17 6.04
CA ARG O 47 18.00 39.19 6.52
C ARG O 47 17.62 38.94 7.97
N LEU O 48 18.12 39.81 8.85
CA LEU O 48 17.91 39.69 10.30
C LEU O 48 16.53 40.20 10.71
N LEU O 49 15.86 39.42 11.56
CA LEU O 49 14.60 39.84 12.16
C LEU O 49 14.73 39.52 13.62
N TRP O 50 14.72 40.56 14.45
CA TRP O 50 14.78 40.35 15.88
C TRP O 50 13.36 40.53 16.42
N ARG O 51 12.91 39.56 17.22
CA ARG O 51 11.62 39.66 17.90
C ARG O 51 11.76 39.65 19.42
N LEU O 52 11.51 40.81 20.06
CA LEU O 52 11.71 40.98 21.52
C LEU O 52 10.54 40.53 22.43
N GLU O 53 10.35 39.21 22.54
CA GLU O 53 9.20 38.59 23.22
C GLU O 53 8.82 39.23 24.56
N PRO O 54 7.52 39.20 24.91
CA PRO O 54 6.98 39.89 26.07
C PRO O 54 7.82 39.68 27.33
N PRO O 60 12.69 37.48 33.03
CA PRO O 60 13.75 36.74 32.33
C PRO O 60 13.78 37.07 30.83
N PRO O 61 14.73 37.93 30.41
CA PRO O 61 14.85 38.46 29.04
C PRO O 61 15.06 37.39 27.96
N VAL O 62 14.19 37.38 26.95
CA VAL O 62 14.30 36.40 25.87
C VAL O 62 14.01 37.00 24.48
N VAL O 63 15.03 36.99 23.62
CA VAL O 63 14.87 37.46 22.24
C VAL O 63 14.81 36.28 21.26
N LEU O 64 13.92 36.38 20.27
CA LEU O 64 13.91 35.44 19.16
C LEU O 64 14.51 36.11 17.90
N VAL O 65 15.47 35.43 17.28
CA VAL O 65 16.15 35.99 16.11
C VAL O 65 16.08 35.11 14.85
N GLN O 66 15.68 35.77 13.76
CA GLN O 66 15.59 35.19 12.44
C GLN O 66 16.90 35.35 11.70
N THR O 67 17.52 34.24 11.30
CA THR O 67 18.73 34.25 10.45
C THR O 67 18.53 33.36 9.24
N LEU O 68 18.67 33.94 8.05
CA LEU O 68 18.57 33.11 6.86
C LEU O 68 19.77 32.16 6.88
N THR O 69 20.91 32.67 7.35
CA THR O 69 22.18 31.93 7.31
C THR O 69 22.58 31.41 8.68
N GLU O 70 23.19 30.23 8.71
CA GLU O 70 23.61 29.60 9.96
C GLU O 70 24.55 30.50 10.75
N PRO O 71 24.07 31.01 11.90
CA PRO O 71 24.76 32.02 12.73
C PRO O 71 25.75 31.47 13.76
N ASP O 72 26.91 32.10 13.92
CA ASP O 72 27.86 31.72 14.98
C ASP O 72 27.68 32.63 16.18
N TRP O 73 27.67 32.04 17.37
CA TRP O 73 27.55 32.84 18.60
C TRP O 73 28.87 32.79 19.37
N SER O 74 29.72 31.85 18.96
CA SER O 74 31.05 31.63 19.52
C SER O 74 31.87 32.92 19.64
N TYR O 80 26.78 38.06 26.07
CA TYR O 80 25.79 38.62 26.97
C TYR O 80 24.70 37.63 27.44
N ALA O 81 24.75 36.38 26.99
CA ALA O 81 23.62 35.46 27.19
C ALA O 81 23.94 33.99 27.46
N GLN O 82 22.88 33.19 27.58
CA GLN O 82 22.98 31.73 27.60
C GLN O 82 22.50 31.19 26.25
N VAL O 83 23.42 31.15 25.29
CA VAL O 83 23.08 30.78 23.91
C VAL O 83 22.43 29.40 23.74
N PHE O 84 21.13 29.38 23.47
CA PHE O 84 20.38 28.15 23.19
C PHE O 84 20.38 27.80 21.69
N PRO O 85 20.63 26.52 21.37
CA PRO O 85 20.94 26.12 19.98
C PRO O 85 19.97 26.65 18.93
N PRO O 86 20.44 27.56 18.07
CA PRO O 86 19.73 27.88 16.83
C PRO O 86 18.96 26.66 16.27
N LYS O 87 17.67 26.87 16.01
CA LYS O 87 16.82 25.81 15.51
C LYS O 87 16.53 25.95 14.03
N PRO O 88 16.98 24.95 13.25
CA PRO O 88 16.72 24.92 11.81
C PRO O 88 15.23 24.73 11.48
N PHE O 89 14.63 25.70 10.79
CA PHE O 89 13.24 25.59 10.38
C PHE O 89 13.13 25.60 8.85
N HIS O 90 12.53 24.55 8.29
CA HIS O 90 12.22 24.53 6.85
C HIS O 90 10.71 24.52 6.64
N PRO O 91 10.08 25.71 6.77
CA PRO O 91 8.63 25.98 6.78
C PRO O 91 7.80 25.12 5.84
N ALA O 92 6.69 24.58 6.35
CA ALA O 92 5.79 23.75 5.55
C ALA O 92 5.11 24.58 4.47
N LEU O 93 4.56 25.73 4.86
CA LEU O 93 3.89 26.64 3.93
C LEU O 93 3.05 25.92 2.89
N LYS O 94 2.42 24.82 3.31
CA LYS O 94 1.56 24.02 2.44
C LYS O 94 0.19 24.69 2.27
N PRO O 95 -0.27 24.81 1.02
CA PRO O 95 -1.56 25.48 0.78
C PRO O 95 -2.65 24.96 1.73
N GLY O 96 -3.20 25.87 2.52
CA GLY O 96 -4.25 25.54 3.47
C GLY O 96 -3.75 25.36 4.88
N GLN O 97 -2.63 25.99 5.21
CA GLN O 97 -2.05 25.84 6.54
C GLN O 97 -2.53 26.92 7.50
N ARG O 98 -3.40 26.53 8.43
CA ARG O 98 -3.86 27.43 9.47
C ARG O 98 -2.70 27.65 10.45
N LEU O 99 -2.47 28.91 10.82
CA LEU O 99 -1.33 29.22 11.66
C LEU O 99 -1.61 30.39 12.62
N ARG O 100 -1.00 30.33 13.81
CA ARG O 100 -1.23 31.35 14.83
C ARG O 100 -0.33 32.57 14.61
N PHE O 101 -0.91 33.65 14.07
CA PHE O 101 -0.16 34.88 13.74
C PHE O 101 0.47 35.55 14.97
N ARG O 102 1.66 36.11 14.79
CA ARG O 102 2.36 36.80 15.87
C ARG O 102 3.36 37.83 15.32
N LEU O 103 3.05 39.12 15.49
CA LEU O 103 3.94 40.19 15.03
C LEU O 103 3.94 41.47 15.88
N ARG O 104 5.10 41.82 16.43
CA ARG O 104 5.30 43.15 16.98
C ARG O 104 5.84 44.01 15.84
N ALA O 105 5.11 45.07 15.46
CA ALA O 105 5.42 45.82 14.23
C ALA O 105 4.95 47.28 14.21
N ASN O 106 4.68 47.80 13.02
CA ASN O 106 4.38 49.24 12.84
C ASN O 106 3.60 49.63 11.57
N PRO O 107 2.27 49.53 11.61
CA PRO O 107 1.38 49.93 10.52
C PRO O 107 1.55 51.41 10.16
N ALA O 108 1.74 51.67 8.87
CA ALA O 108 2.09 53.00 8.44
C ALA O 108 1.63 53.31 7.01
N LYS O 109 1.32 54.57 6.75
CA LYS O 109 0.85 55.00 5.43
C LYS O 109 1.48 56.33 5.00
N ARG O 110 2.06 56.36 3.81
CA ARG O 110 2.71 57.58 3.33
C ARG O 110 1.70 58.61 2.85
N LEU O 111 1.43 59.63 3.67
CA LEU O 111 0.46 60.67 3.33
C LEU O 111 0.67 61.26 1.93
N ALA O 112 -0.39 61.30 1.13
CA ALA O 112 -0.28 61.80 -0.24
C ALA O 112 -0.05 63.31 -0.29
N ALA O 113 -0.43 64.01 0.76
CA ALA O 113 -0.19 65.44 0.86
C ALA O 113 1.18 65.72 1.49
N THR O 114 1.47 64.96 2.55
CA THR O 114 2.72 65.10 3.29
C THR O 114 3.88 64.47 2.53
N GLY O 115 3.61 63.38 1.82
CA GLY O 115 4.66 62.59 1.21
C GLY O 115 5.39 61.83 2.30
N LYS O 116 4.98 62.08 3.55
CA LYS O 116 5.67 61.56 4.74
C LYS O 116 4.95 60.39 5.41
N ARG O 117 5.73 59.43 5.90
CA ARG O 117 5.17 58.28 6.61
C ARG O 117 5.02 58.56 8.11
N VAL O 118 3.84 58.26 8.64
CA VAL O 118 3.58 58.33 10.08
C VAL O 118 2.89 57.04 10.48
N ALA O 119 2.67 56.82 11.78
CA ALA O 119 2.07 55.56 12.22
C ALA O 119 0.55 55.68 12.34
N LEU O 120 -0.12 54.55 12.14
CA LEU O 120 -1.58 54.48 12.15
C LEU O 120 -2.14 54.62 13.57
N LYS O 121 -3.19 55.43 13.70
CA LYS O 121 -3.75 55.76 15.02
C LYS O 121 -4.88 54.81 15.47
N THR O 122 -5.90 54.66 14.62
CA THR O 122 -7.04 53.80 14.95
C THR O 122 -6.61 52.37 15.20
N PRO O 123 -7.02 51.80 16.35
CA PRO O 123 -6.81 50.37 16.60
C PRO O 123 -7.44 49.55 15.48
N ALA O 124 -8.53 50.06 14.91
CA ALA O 124 -9.15 49.43 13.74
C ALA O 124 -8.23 49.58 12.54
N GLU O 125 -7.57 50.73 12.45
CA GLU O 125 -6.60 51.00 11.40
C GLU O 125 -5.40 50.04 11.46
N LYS O 126 -4.95 49.72 12.67
CA LYS O 126 -3.80 48.84 12.86
C LYS O 126 -4.05 47.46 12.26
N VAL O 127 -5.13 46.82 12.73
CA VAL O 127 -5.49 45.50 12.23
C VAL O 127 -5.73 45.50 10.70
N ALA O 128 -5.71 46.69 10.11
CA ALA O 128 -5.93 46.88 8.66
C ALA O 128 -4.63 46.90 7.85
N TRP O 129 -3.63 47.68 8.29
CA TRP O 129 -2.28 47.61 7.69
C TRP O 129 -1.68 46.24 7.97
N LEU O 130 -2.14 45.61 9.03
CA LEU O 130 -1.86 44.21 9.28
C LEU O 130 -2.63 43.36 8.27
N GLU O 131 -3.90 43.67 8.11
CA GLU O 131 -4.78 42.93 7.19
C GLU O 131 -4.18 42.83 5.79
N ARG O 132 -3.97 43.98 5.13
CA ARG O 132 -3.46 44.02 3.75
C ARG O 132 -2.06 43.40 3.61
N ARG O 133 -1.24 43.53 4.65
CA ARG O 133 0.12 43.00 4.64
C ARG O 133 0.13 41.47 4.49
N LEU O 134 -0.75 40.78 5.20
CA LEU O 134 -0.83 39.33 5.09
C LEU O 134 -1.32 38.88 3.72
N GLU O 135 -2.39 39.51 3.23
CA GLU O 135 -2.95 39.17 1.92
C GLU O 135 -1.95 39.49 0.80
N GLU O 136 -1.22 40.58 0.96
CA GLU O 136 -0.23 41.04 -0.02
C GLU O 136 0.97 40.10 -0.13
N GLY O 137 1.22 39.32 0.92
CA GLY O 137 2.37 38.43 1.00
C GLY O 137 1.98 36.96 1.10
N GLY O 138 0.81 36.62 0.57
CA GLY O 138 0.44 35.24 0.36
C GLY O 138 -0.32 34.57 1.48
N PHE O 139 -0.47 35.23 2.62
CA PHE O 139 -1.24 34.67 3.72
C PHE O 139 -2.63 35.32 3.78
N ARG O 140 -3.46 34.89 4.73
CA ARG O 140 -4.82 35.44 4.87
C ARG O 140 -5.43 35.11 6.22
N LEU O 141 -5.91 36.14 6.92
CA LEU O 141 -6.59 35.96 8.20
C LEU O 141 -7.46 34.70 8.22
N PRO O 148 -12.92 37.71 13.60
CA PRO O 148 -11.88 38.68 13.26
C PRO O 148 -10.62 38.44 14.09
N TRP O 149 -10.05 37.24 13.97
CA TRP O 149 -8.97 36.77 14.85
C TRP O 149 -7.64 37.53 14.71
N VAL O 150 -7.60 38.76 15.23
CA VAL O 150 -6.38 39.57 15.28
C VAL O 150 -6.42 40.53 16.47
N GLN O 151 -5.43 40.44 17.36
CA GLN O 151 -5.49 41.14 18.66
C GLN O 151 -4.25 41.97 19.04
N ILE O 152 -4.28 43.26 18.75
CA ILE O 152 -3.12 44.13 18.99
C ILE O 152 -2.90 44.43 20.47
N LEU O 153 -2.10 43.61 21.15
CA LEU O 153 -1.91 43.75 22.60
C LEU O 153 -0.45 43.77 23.08
N GLN O 154 0.19 44.93 23.12
CA GLN O 154 -0.43 46.21 22.78
C GLN O 154 0.59 47.27 22.34
N ASP O 155 0.12 48.26 21.59
CA ASP O 155 0.96 49.37 21.21
C ASP O 155 1.67 49.88 22.46
N THR O 156 2.99 49.79 22.48
CA THR O 156 3.77 50.45 23.53
C THR O 156 4.84 51.32 22.89
N PHE O 157 4.57 51.80 21.69
CA PHE O 157 5.58 52.42 20.85
C PHE O 157 6.66 53.15 21.64
N ALA O 177 5.29 50.28 17.73
CA ALA O 177 5.27 48.88 18.16
C ALA O 177 3.92 48.45 18.72
N VAL O 178 3.35 47.41 18.10
CA VAL O 178 2.11 46.79 18.57
C VAL O 178 2.20 45.27 18.42
N LEU O 179 2.17 44.54 19.53
CA LEU O 179 2.36 43.08 19.52
C LEU O 179 1.09 42.31 19.15
N PHE O 180 0.92 42.06 17.85
CA PHE O 180 -0.29 41.47 17.29
C PHE O 180 -0.27 39.95 17.25
N GLU O 181 -1.40 39.33 17.61
CA GLU O 181 -1.53 37.88 17.56
C GLU O 181 -2.93 37.48 17.09
N GLY O 182 -3.00 36.42 16.28
CA GLY O 182 -4.26 35.87 15.81
C GLY O 182 -4.06 34.50 15.17
N ARG O 183 -4.88 34.20 14.17
CA ARG O 183 -4.68 33.00 13.37
C ARG O 183 -4.74 33.40 11.90
N LEU O 184 -4.01 32.65 11.06
CA LEU O 184 -3.89 32.97 9.65
C LEU O 184 -3.71 31.68 8.86
N GLU O 185 -3.92 31.75 7.55
CA GLU O 185 -3.74 30.58 6.68
C GLU O 185 -3.00 30.98 5.40
N VAL O 186 -2.31 30.01 4.80
CA VAL O 186 -1.45 30.28 3.64
C VAL O 186 -2.21 30.27 2.32
N VAL O 187 -2.26 31.43 1.65
CA VAL O 187 -2.93 31.56 0.35
C VAL O 187 -2.05 31.09 -0.82
N ASP O 188 -0.90 31.75 -1.00
CA ASP O 188 0.08 31.33 -1.99
C ASP O 188 1.39 30.98 -1.30
N PRO O 189 1.70 29.67 -1.20
CA PRO O 189 2.87 29.19 -0.48
C PRO O 189 4.18 29.87 -0.89
N GLU O 190 4.42 30.02 -2.19
CA GLU O 190 5.63 30.70 -2.65
C GLU O 190 5.69 32.15 -2.14
N ARG O 191 4.55 32.83 -2.18
CA ARG O 191 4.48 34.21 -1.72
C ARG O 191 4.53 34.30 -0.19
N ALA O 192 3.74 33.45 0.48
CA ALA O 192 3.72 33.41 1.94
C ALA O 192 5.09 33.10 2.50
N LEU O 193 5.73 32.09 1.91
CA LEU O 193 7.10 31.73 2.27
C LEU O 193 7.94 32.98 2.17
N ALA O 194 7.95 33.57 0.96
CA ALA O 194 8.66 34.81 0.68
C ALA O 194 8.47 35.88 1.76
N THR O 195 7.24 36.05 2.22
CA THR O 195 6.94 37.00 3.29
C THR O 195 7.49 36.57 4.66
N LEU O 196 7.41 35.28 4.98
CA LEU O 196 7.84 34.80 6.30
C LEU O 196 9.36 34.90 6.52
N ARG O 197 10.10 35.26 5.48
CA ARG O 197 11.56 35.33 5.59
C ARG O 197 12.13 36.77 5.59
N ARG O 198 11.36 37.72 5.07
CA ARG O 198 11.81 39.11 5.04
C ARG O 198 11.11 39.93 6.13
N GLY O 199 10.24 39.26 6.89
CA GLY O 199 9.42 39.91 7.90
C GLY O 199 8.55 41.04 7.34
N VAL O 200 7.65 41.56 8.16
CA VAL O 200 6.70 42.58 7.70
C VAL O 200 6.96 43.99 8.24
N GLY O 201 6.78 44.99 7.38
CA GLY O 201 6.81 46.39 7.77
C GLY O 201 8.15 47.06 8.08
N PRO O 202 8.12 48.40 8.17
CA PRO O 202 9.23 49.33 8.44
C PRO O 202 9.97 49.09 9.78
N GLY O 203 11.28 48.91 9.72
CA GLY O 203 12.10 48.83 10.92
C GLY O 203 12.33 47.42 11.42
N LYS O 204 12.65 46.51 10.51
CA LYS O 204 12.95 45.13 10.91
C LYS O 204 14.18 45.07 11.81
N ALA O 205 14.89 46.20 11.88
CA ALA O 205 16.22 46.30 12.49
C ALA O 205 16.18 46.74 13.92
N LEU O 206 14.97 46.96 14.43
CA LEU O 206 14.77 47.49 15.77
C LEU O 206 13.68 46.73 16.50
N GLY O 207 13.62 45.42 16.29
CA GLY O 207 12.77 44.51 17.06
C GLY O 207 11.33 44.39 16.61
N LEU O 208 11.00 45.06 15.52
CA LEU O 208 9.70 44.94 14.90
C LEU O 208 9.94 44.28 13.56
N GLY O 209 9.00 43.46 13.11
CA GLY O 209 9.13 42.85 11.81
C GLY O 209 8.99 41.33 11.75
N LEU O 210 9.68 40.62 12.63
CA LEU O 210 9.61 39.17 12.63
C LEU O 210 8.15 38.76 12.46
N LEU O 211 7.85 37.96 11.44
CA LEU O 211 6.55 37.33 11.33
C LEU O 211 6.69 35.87 11.82
N SER O 212 6.27 35.64 13.06
CA SER O 212 6.51 34.37 13.74
C SER O 212 5.32 33.39 13.63
N VAL O 213 5.45 32.41 12.71
CA VAL O 213 4.38 31.45 12.39
C VAL O 213 4.28 30.29 13.40
N ALA O 214 3.21 29.51 13.30
CA ALA O 214 2.98 28.39 14.22
C ALA O 214 1.79 27.54 13.79
N PRO O 215 1.89 26.21 13.98
CA PRO O 215 0.76 25.30 13.80
C PRO O 215 -0.08 25.20 15.08
#